data_9J4H
#
_entry.id   9J4H
#
_cell.length_a   276.920
_cell.length_b   68.090
_cell.length_c   95.340
_cell.angle_alpha   90.000
_cell.angle_beta   110.605
_cell.angle_gamma   90.000
#
_symmetry.space_group_name_H-M   'C 1 2 1'
#
loop_
_entity.id
_entity.type
_entity.pdbx_description
1 polymer 'Serine hydroxymethyltransferase'
2 non-polymer 'TRIETHYLENE GLYCOL'
3 water water
#
_entity_poly.entity_id   1
_entity_poly.type   'polypeptide(L)'
_entity_poly.pdbx_seq_one_letter_code
;GPGVVDYKTFDPDLWAAIAKEEERQEHNLELIASENFVSEAVMAAQGSILTNKYAEGYPGHRYYGGCEFVDIVENLAIDR
AKELFGAKFANVQPHSGSQANTAAYLALVEPGDTILGMDLSAGGHLTHGSPVNFSGKTYHFVAYGVDPTTEVIDYNVVRI
LARKHQPKLIVAGASAYGRTIDFAKFREIADEVGAKLMVDMAHIAGLVAAGLHPNPVPYADITTTTTH(LLP)TLRGPRG
GMILTNDEALAKKINSAVFPGIQGGPLEHVIAGKAVAFKEALDPAFKEYSEQIIANAKAMVKVFNQAIGTRVISGATDNH
LMLIDVRELGINGKEAESILDSVNITVNKNSIPFETLSPFKTSGIRIGTPAITTRGFKEEDAVKVAELVVKALQAKDDNA
QLDEVKTGVRELTEKFPLHKK
;
_entity_poly.pdbx_strand_id   A,B,C,D
#
# COMPACT_ATOMS: atom_id res chain seq x y z
N VAL A 5 44.42 0.91 0.96
CA VAL A 5 44.04 2.27 0.56
C VAL A 5 44.53 2.51 -0.86
N ASP A 6 45.47 1.69 -1.32
CA ASP A 6 45.86 1.71 -2.73
C ASP A 6 44.64 1.48 -3.62
N TYR A 7 43.79 0.51 -3.27
CA TYR A 7 42.57 0.28 -4.02
C TYR A 7 41.47 1.28 -3.67
N LYS A 8 41.67 2.12 -2.66
CA LYS A 8 40.66 3.09 -2.25
C LYS A 8 40.77 4.41 -2.99
N THR A 9 41.93 4.74 -3.55
CA THR A 9 42.07 5.98 -4.30
C THR A 9 41.24 5.98 -5.58
N PHE A 10 40.90 4.80 -6.10
CA PHE A 10 40.04 4.74 -7.28
C PHE A 10 38.62 5.21 -6.97
N ASP A 11 38.16 5.00 -5.73
CA ASP A 11 36.78 5.29 -5.34
C ASP A 11 36.77 6.06 -4.02
N PRO A 12 37.10 7.36 -4.06
CA PRO A 12 37.11 8.13 -2.80
C PRO A 12 35.73 8.28 -2.16
N ASP A 13 34.67 8.44 -2.97
CA ASP A 13 33.35 8.66 -2.41
C ASP A 13 32.88 7.49 -1.56
N LEU A 14 33.10 6.27 -2.06
CA LEU A 14 32.62 5.08 -1.36
C LEU A 14 33.32 4.91 -0.01
N TRP A 15 34.65 4.95 -0.02
CA TRP A 15 35.40 4.67 1.20
C TRP A 15 35.29 5.81 2.21
N ALA A 16 35.06 7.04 1.73
CA ALA A 16 34.79 8.14 2.65
C ALA A 16 33.49 7.89 3.41
N ALA A 17 32.48 7.34 2.73
CA ALA A 17 31.24 7.00 3.41
C ALA A 17 31.44 5.90 4.45
N ILE A 18 32.15 4.84 4.06
CA ILE A 18 32.43 3.75 5.00
C ILE A 18 33.24 4.26 6.19
N ALA A 19 34.18 5.17 5.93
CA ALA A 19 34.95 5.76 7.02
C ALA A 19 34.06 6.61 7.92
N LYS A 20 33.07 7.29 7.36
CA LYS A 20 32.17 8.09 8.19
C LYS A 20 31.21 7.22 8.98
N GLU A 21 30.77 6.09 8.39
CA GLU A 21 29.93 5.16 9.14
C GLU A 21 30.71 4.53 10.29
N GLU A 22 31.99 4.22 10.06
CA GLU A 22 32.82 3.69 11.13
C GLU A 22 32.92 4.68 12.29
N GLU A 23 33.08 5.97 11.98
CA GLU A 23 33.10 6.98 13.03
C GLU A 23 31.73 7.14 13.68
N ARG A 24 30.67 7.02 12.89
CA ARG A 24 29.32 7.11 13.44
C ARG A 24 29.06 5.99 14.45
N GLN A 25 29.39 4.76 14.07
CA GLN A 25 29.25 3.63 15.00
C GLN A 25 30.07 3.85 16.27
N GLU A 26 31.18 4.58 16.15
CA GLU A 26 32.05 4.80 17.31
C GLU A 26 31.43 5.76 18.30
N HIS A 27 30.86 6.86 17.80
CA HIS A 27 30.34 7.93 18.65
C HIS A 27 28.85 7.78 18.97
N ASN A 28 28.22 6.71 18.50
CA ASN A 28 26.79 6.49 18.72
C ASN A 28 26.58 5.37 19.72
N LEU A 29 25.59 5.54 20.59
CA LEU A 29 25.14 4.48 21.49
C LEU A 29 24.07 3.68 20.78
N GLU A 30 24.42 2.47 20.33
CA GLU A 30 23.51 1.64 19.57
C GLU A 30 22.61 0.86 20.54
N LEU A 31 21.31 1.15 20.52
CA LEU A 31 20.35 0.51 21.41
C LEU A 31 19.29 -0.29 20.66
N ILE A 32 19.40 -0.41 19.33
CA ILE A 32 18.49 -1.26 18.58
C ILE A 32 18.76 -2.72 18.92
N ALA A 33 17.71 -3.42 19.34
CA ALA A 33 17.87 -4.75 19.93
C ALA A 33 18.42 -5.78 18.95
N SER A 34 18.29 -5.54 17.64
CA SER A 34 18.74 -6.48 16.64
C SER A 34 20.15 -6.20 16.12
N GLU A 35 20.87 -5.26 16.72
CA GLU A 35 22.20 -4.86 16.26
C GLU A 35 23.29 -5.50 17.12
N ASN A 36 24.48 -5.60 16.52
CA ASN A 36 25.66 -6.11 17.21
C ASN A 36 26.90 -5.64 16.45
N PHE A 37 28.07 -6.06 16.94
CA PHE A 37 29.36 -5.78 16.32
C PHE A 37 30.13 -7.09 16.21
N VAL A 38 30.44 -7.52 14.99
CA VAL A 38 31.09 -8.81 14.77
C VAL A 38 32.59 -8.67 14.90
N SER A 39 33.28 -9.81 14.94
CA SER A 39 34.73 -9.83 15.14
C SER A 39 35.46 -9.52 13.85
N GLU A 40 36.77 -9.29 13.98
CA GLU A 40 37.61 -9.09 12.80
C GLU A 40 37.62 -10.33 11.92
N ALA A 41 37.61 -11.52 12.54
CA ALA A 41 37.65 -12.75 11.78
C ALA A 41 36.36 -12.96 10.96
N VAL A 42 35.22 -12.60 11.54
CA VAL A 42 33.95 -12.76 10.81
C VAL A 42 33.94 -11.86 9.57
N MET A 43 34.36 -10.61 9.74
CA MET A 43 34.42 -9.70 8.60
C MET A 43 35.44 -10.16 7.58
N ALA A 44 36.59 -10.65 8.04
CA ALA A 44 37.62 -11.13 7.11
C ALA A 44 37.13 -12.33 6.31
N ALA A 45 36.29 -13.17 6.91
CA ALA A 45 35.73 -14.31 6.18
C ALA A 45 34.77 -13.84 5.09
N GLN A 46 33.94 -12.84 5.39
CA GLN A 46 33.02 -12.31 4.40
C GLN A 46 33.73 -11.59 3.27
N GLY A 47 34.94 -11.10 3.50
CA GLY A 47 35.71 -10.44 2.47
C GLY A 47 36.76 -11.34 1.87
N SER A 48 36.52 -12.65 1.89
CA SER A 48 37.45 -13.64 1.37
C SER A 48 37.14 -13.96 -0.09
N ILE A 49 37.99 -14.82 -0.65
CA ILE A 49 37.93 -15.18 -2.07
C ILE A 49 36.82 -16.20 -2.27
N LEU A 50 36.11 -16.54 -1.21
CA LEU A 50 35.04 -17.52 -1.33
C LEU A 50 33.84 -16.96 -2.09
N THR A 51 33.77 -15.64 -2.25
CA THR A 51 32.70 -15.04 -3.04
C THR A 51 32.79 -15.40 -4.52
N ASN A 52 33.91 -15.97 -4.96
CA ASN A 52 34.13 -16.30 -6.37
C ASN A 52 33.58 -17.67 -6.77
N LYS A 53 33.19 -18.51 -5.82
CA LYS A 53 32.83 -19.89 -6.12
C LYS A 53 31.31 -20.05 -6.19
N TYR A 54 30.83 -20.68 -7.25
CA TYR A 54 29.42 -21.03 -7.41
C TYR A 54 29.33 -22.42 -6.85
N ALA A 55 28.41 -22.68 -5.94
CA ALA A 55 28.30 -23.96 -5.23
C ALA A 55 26.84 -24.35 -5.05
N GLU A 56 26.08 -24.36 -6.15
CA GLU A 56 24.71 -24.82 -6.11
C GLU A 56 24.66 -26.30 -5.72
N GLY A 57 23.67 -26.64 -4.89
CA GLY A 57 23.59 -27.95 -4.29
C GLY A 57 24.09 -27.95 -2.87
N TYR A 58 24.52 -29.12 -2.42
CA TYR A 58 24.90 -29.34 -1.04
C TYR A 58 26.20 -30.14 -1.00
N PRO A 59 26.93 -30.08 0.11
CA PRO A 59 28.23 -30.78 0.18
C PRO A 59 28.13 -32.24 -0.21
N GLY A 60 29.05 -32.67 -1.06
CA GLY A 60 29.03 -34.02 -1.59
C GLY A 60 28.03 -34.25 -2.69
N HIS A 61 27.17 -33.28 -2.99
CA HIS A 61 26.15 -33.41 -4.02
C HIS A 61 26.02 -32.10 -4.78
N ARG A 62 27.15 -31.54 -5.19
CA ARG A 62 27.16 -30.28 -5.91
C ARG A 62 26.88 -30.49 -7.39
N TYR A 63 26.39 -29.44 -8.04
CA TYR A 63 26.16 -29.48 -9.48
C TYR A 63 27.42 -29.10 -10.25
N TYR A 64 28.30 -28.30 -9.66
CA TYR A 64 29.57 -27.93 -10.25
C TYR A 64 30.71 -28.69 -9.58
N GLY A 65 31.81 -28.83 -10.32
CA GLY A 65 33.01 -29.41 -9.78
C GLY A 65 33.86 -28.39 -9.04
N GLY A 66 34.97 -28.89 -8.48
CA GLY A 66 35.88 -28.02 -7.77
C GLY A 66 35.38 -27.51 -6.45
N CYS A 67 34.45 -28.22 -5.80
CA CYS A 67 33.84 -27.79 -4.55
C CYS A 67 34.42 -28.50 -3.34
N GLU A 68 35.59 -29.15 -3.49
CA GLU A 68 36.12 -29.96 -2.40
C GLU A 68 36.39 -29.13 -1.15
N PHE A 69 36.81 -27.88 -1.33
CA PHE A 69 37.19 -27.07 -0.18
C PHE A 69 36.05 -26.18 0.32
N VAL A 70 35.16 -25.73 -0.56
CA VAL A 70 33.97 -25.03 -0.07
C VAL A 70 33.07 -26.02 0.67
N ASP A 71 33.15 -27.31 0.33
CA ASP A 71 32.43 -28.32 1.09
C ASP A 71 32.95 -28.41 2.51
N ILE A 72 34.28 -28.32 2.68
CA ILE A 72 34.85 -28.33 4.02
C ILE A 72 34.34 -27.14 4.83
N VAL A 73 34.27 -25.96 4.20
CA VAL A 73 33.83 -24.76 4.90
C VAL A 73 32.36 -24.88 5.30
N GLU A 74 31.49 -25.22 4.34
CA GLU A 74 30.07 -25.33 4.65
C GLU A 74 29.82 -26.43 5.68
N ASN A 75 30.55 -27.55 5.58
CA ASN A 75 30.42 -28.61 6.57
C ASN A 75 30.91 -28.17 7.94
N LEU A 76 31.92 -27.30 7.99
CA LEU A 76 32.34 -26.74 9.27
C LEU A 76 31.23 -25.92 9.89
N ALA A 77 30.55 -25.10 9.07
CA ALA A 77 29.43 -24.30 9.58
C ALA A 77 28.26 -25.20 9.99
N ILE A 78 27.96 -26.21 9.20
CA ILE A 78 26.87 -27.13 9.52
C ILE A 78 27.16 -27.87 10.82
N ASP A 79 28.35 -28.49 10.90
CA ASP A 79 28.67 -29.30 12.07
C ASP A 79 28.80 -28.46 13.34
N ARG A 80 29.30 -27.22 13.23
CA ARG A 80 29.39 -26.37 14.40
C ARG A 80 28.00 -25.90 14.84
N ALA A 81 27.10 -25.65 13.89
CA ALA A 81 25.73 -25.30 14.26
C ALA A 81 25.03 -26.45 14.96
N LYS A 82 25.23 -27.68 14.46
CA LYS A 82 24.66 -28.85 15.12
C LYS A 82 25.23 -29.02 16.53
N GLU A 83 26.52 -28.75 16.71
CA GLU A 83 27.11 -28.83 18.04
C GLU A 83 26.60 -27.71 18.94
N LEU A 84 26.39 -26.52 18.38
CA LEU A 84 25.94 -25.38 19.17
C LEU A 84 24.54 -25.59 19.73
N PHE A 85 23.62 -26.10 18.91
CA PHE A 85 22.22 -26.17 19.27
C PHE A 85 21.72 -27.60 19.48
N GLY A 86 22.57 -28.60 19.31
CA GLY A 86 22.15 -29.98 19.51
C GLY A 86 21.21 -30.51 18.47
N ALA A 87 21.26 -29.98 17.24
CA ALA A 87 20.39 -30.42 16.17
C ALA A 87 21.02 -31.55 15.37
N LYS A 88 20.18 -32.40 14.80
CA LYS A 88 20.67 -33.51 13.98
C LYS A 88 20.97 -33.09 12.55
N PHE A 89 20.31 -32.05 12.05
CA PHE A 89 20.53 -31.56 10.71
C PHE A 89 20.55 -30.04 10.72
N ALA A 90 21.26 -29.46 9.76
CA ALA A 90 21.35 -28.01 9.66
C ALA A 90 21.47 -27.60 8.19
N ASN A 91 20.92 -26.44 7.88
CA ASN A 91 21.02 -25.83 6.56
C ASN A 91 21.47 -24.40 6.75
N VAL A 92 22.67 -24.08 6.27
CA VAL A 92 23.31 -22.78 6.50
C VAL A 92 23.22 -21.88 5.27
N GLN A 93 22.45 -22.27 4.26
CA GLN A 93 22.39 -21.53 3.00
C GLN A 93 21.42 -20.35 2.92
N PRO A 94 20.36 -20.25 3.74
CA PRO A 94 19.43 -19.11 3.58
C PRO A 94 20.14 -17.76 3.66
N HIS A 95 19.79 -16.88 2.71
CA HIS A 95 20.42 -15.55 2.63
C HIS A 95 20.08 -14.66 3.81
N SER A 96 18.99 -14.97 4.53
CA SER A 96 18.52 -14.10 5.59
C SER A 96 17.51 -14.88 6.42
N GLY A 97 17.06 -14.26 7.51
CA GLY A 97 16.00 -14.85 8.30
C GLY A 97 14.70 -14.97 7.54
N SER A 98 14.41 -13.99 6.68
CA SER A 98 13.18 -14.02 5.89
C SER A 98 13.19 -15.18 4.90
N GLN A 99 14.33 -15.45 4.27
CA GLN A 99 14.41 -16.59 3.36
C GLN A 99 14.37 -17.91 4.13
N ALA A 100 14.95 -17.95 5.33
CA ALA A 100 14.85 -19.16 6.15
C ALA A 100 13.40 -19.46 6.50
N ASN A 101 12.63 -18.43 6.85
CA ASN A 101 11.22 -18.64 7.18
C ASN A 101 10.43 -19.04 5.93
N THR A 102 10.76 -18.44 4.78
CA THR A 102 10.06 -18.74 3.54
C THR A 102 10.16 -20.22 3.20
N ALA A 103 11.37 -20.78 3.27
CA ALA A 103 11.55 -22.19 2.93
C ALA A 103 10.95 -23.10 4.00
N ALA A 104 10.96 -22.67 5.26
CA ALA A 104 10.40 -23.49 6.32
C ALA A 104 8.91 -23.69 6.15
N TYR A 105 8.20 -22.63 5.73
CA TYR A 105 6.77 -22.76 5.45
C TYR A 105 6.53 -23.76 4.33
N LEU A 106 7.36 -23.73 3.29
CA LEU A 106 7.16 -24.60 2.13
C LEU A 106 7.36 -26.07 2.50
N ALA A 107 8.22 -26.36 3.48
CA ALA A 107 8.43 -27.73 3.92
C ALA A 107 7.35 -28.22 4.87
N LEU A 108 6.45 -27.35 5.32
CA LEU A 108 5.49 -27.70 6.37
C LEU A 108 4.04 -27.58 5.94
N VAL A 109 3.66 -26.56 5.17
CA VAL A 109 2.26 -26.29 4.88
C VAL A 109 2.08 -26.04 3.39
N GLU A 110 0.82 -25.96 2.98
CA GLU A 110 0.39 -25.62 1.63
C GLU A 110 -0.18 -24.22 1.59
N PRO A 111 -0.21 -23.58 0.42
CA PRO A 111 -0.89 -22.28 0.32
C PRO A 111 -2.33 -22.36 0.77
N GLY A 112 -2.75 -21.37 1.56
CA GLY A 112 -4.08 -21.34 2.11
C GLY A 112 -4.25 -22.07 3.43
N ASP A 113 -3.24 -22.80 3.88
CA ASP A 113 -3.32 -23.50 5.16
C ASP A 113 -3.41 -22.50 6.32
N THR A 114 -4.04 -22.93 7.41
CA THR A 114 -4.19 -22.10 8.59
C THR A 114 -2.95 -22.20 9.47
N ILE A 115 -2.44 -21.03 9.90
CA ILE A 115 -1.26 -20.95 10.74
C ILE A 115 -1.57 -20.05 11.92
N LEU A 116 -1.20 -20.48 13.12
CA LEU A 116 -1.42 -19.73 14.36
C LEU A 116 -0.08 -19.23 14.88
N GLY A 117 0.12 -17.91 14.83
CA GLY A 117 1.35 -17.28 15.30
C GLY A 117 1.06 -16.16 16.28
N MET A 118 2.15 -15.54 16.74
CA MET A 118 2.05 -14.46 17.70
C MET A 118 1.56 -13.17 17.04
N ASP A 119 0.67 -12.47 17.73
CA ASP A 119 0.10 -11.23 17.21
C ASP A 119 1.18 -10.20 16.93
N LEU A 120 1.08 -9.53 15.78
CA LEU A 120 2.14 -8.64 15.33
C LEU A 120 2.29 -7.41 16.23
N SER A 121 1.23 -7.01 16.93
CA SER A 121 1.36 -5.92 17.89
C SER A 121 1.97 -6.37 19.21
N ALA A 122 1.94 -7.67 19.49
CA ALA A 122 2.40 -8.20 20.78
C ALA A 122 3.77 -8.84 20.70
N GLY A 123 4.42 -8.84 19.55
CA GLY A 123 5.77 -9.37 19.47
C GLY A 123 6.12 -10.11 18.19
N GLY A 124 5.11 -10.52 17.42
CA GLY A 124 5.35 -11.27 16.21
C GLY A 124 6.07 -10.45 15.15
N HIS A 125 6.71 -11.16 14.23
CA HIS A 125 7.47 -10.56 13.15
C HIS A 125 6.60 -10.42 11.89
N LEU A 126 7.04 -9.53 10.98
CA LEU A 126 6.31 -9.31 9.74
C LEU A 126 6.16 -10.60 8.95
N THR A 127 7.17 -11.47 9.00
CA THR A 127 7.11 -12.78 8.33
C THR A 127 6.22 -13.76 9.07
N HIS A 128 5.48 -13.32 10.08
CA HIS A 128 4.53 -14.17 10.79
C HIS A 128 3.08 -13.78 10.51
N GLY A 129 2.81 -13.29 9.29
CA GLY A 129 1.43 -13.13 8.86
C GLY A 129 1.00 -11.77 8.35
N SER A 130 1.93 -10.84 8.20
CA SER A 130 1.56 -9.49 7.75
C SER A 130 1.03 -9.57 6.31
N PRO A 131 -0.05 -8.84 6.01
CA PRO A 131 -0.62 -8.93 4.65
C PRO A 131 0.21 -8.21 3.59
N VAL A 132 1.18 -7.38 3.97
CA VAL A 132 2.06 -6.75 3.00
C VAL A 132 3.32 -7.58 2.87
N ASN A 133 3.30 -8.77 3.45
CA ASN A 133 4.41 -9.71 3.40
C ASN A 133 3.94 -10.99 2.73
N PHE A 134 4.91 -11.76 2.20
CA PHE A 134 4.57 -13.00 1.51
C PHE A 134 3.75 -13.93 2.41
N SER A 135 4.00 -13.91 3.71
CA SER A 135 3.34 -14.84 4.62
C SER A 135 1.83 -14.58 4.66
N GLY A 136 1.43 -13.34 4.90
CA GLY A 136 0.02 -13.01 4.96
C GLY A 136 -0.70 -13.10 3.63
N LYS A 137 0.05 -13.11 2.52
CA LYS A 137 -0.55 -13.24 1.19
C LYS A 137 -0.71 -14.69 0.76
N THR A 138 -0.03 -15.62 1.43
CA THR A 138 0.03 -17.01 1.00
C THR A 138 -0.72 -17.97 1.91
N TYR A 139 -0.74 -17.70 3.22
CA TYR A 139 -1.38 -18.59 4.17
C TYR A 139 -2.43 -17.82 4.97
N HIS A 140 -3.29 -18.59 5.65
CA HIS A 140 -4.37 -18.02 6.46
C HIS A 140 -3.90 -17.95 7.91
N PHE A 141 -3.64 -16.74 8.39
CA PHE A 141 -3.02 -16.53 9.68
C PHE A 141 -4.06 -16.14 10.73
N VAL A 142 -4.03 -16.82 11.87
CA VAL A 142 -4.72 -16.40 13.08
C VAL A 142 -3.66 -16.16 14.15
N ALA A 143 -3.97 -15.27 15.10
CA ALA A 143 -2.95 -14.76 16.01
C ALA A 143 -3.38 -14.89 17.46
N TYR A 144 -2.43 -15.25 18.32
CA TYR A 144 -2.60 -15.16 19.76
C TYR A 144 -1.84 -13.94 20.28
N GLY A 145 -2.47 -13.22 21.21
CA GLY A 145 -1.88 -12.03 21.79
C GLY A 145 -1.29 -12.31 23.17
N VAL A 146 -1.21 -11.25 23.98
CA VAL A 146 -0.76 -11.36 25.36
C VAL A 146 -1.87 -10.87 26.28
N ASP A 147 -1.72 -11.20 27.56
CA ASP A 147 -2.75 -10.89 28.54
C ASP A 147 -2.89 -9.37 28.72
N PRO A 148 -4.12 -8.86 28.86
CA PRO A 148 -4.30 -7.40 29.00
C PRO A 148 -3.62 -6.82 30.22
N THR A 149 -3.52 -7.56 31.32
CA THR A 149 -2.98 -7.01 32.56
C THR A 149 -1.48 -7.20 32.68
N THR A 150 -1.00 -8.42 32.45
CA THR A 150 0.43 -8.74 32.64
C THR A 150 1.25 -8.57 31.36
N GLU A 151 0.61 -8.60 30.20
CA GLU A 151 1.27 -8.46 28.91
C GLU A 151 2.29 -9.59 28.66
N VAL A 152 1.99 -10.79 29.14
CA VAL A 152 2.75 -11.98 28.81
C VAL A 152 1.80 -12.99 28.13
N ILE A 153 2.41 -14.00 27.50
CA ILE A 153 1.64 -14.99 26.76
C ILE A 153 0.77 -15.79 27.73
N ASP A 154 -0.51 -15.93 27.38
CA ASP A 154 -1.44 -16.80 28.10
C ASP A 154 -1.54 -18.11 27.31
N TYR A 155 -0.91 -19.16 27.81
CA TYR A 155 -0.87 -20.42 27.09
C TYR A 155 -2.21 -21.12 27.05
N ASN A 156 -3.14 -20.78 27.96
CA ASN A 156 -4.49 -21.30 27.83
C ASN A 156 -5.24 -20.64 26.68
N VAL A 157 -4.98 -19.36 26.44
CA VAL A 157 -5.55 -18.70 25.27
C VAL A 157 -5.00 -19.30 23.99
N VAL A 158 -3.71 -19.66 23.99
CA VAL A 158 -3.12 -20.33 22.83
C VAL A 158 -3.84 -21.66 22.57
N ARG A 159 -4.11 -22.42 23.64
CA ARG A 159 -4.77 -23.71 23.48
C ARG A 159 -6.20 -23.53 22.96
N ILE A 160 -6.90 -22.52 23.44
CA ILE A 160 -8.29 -22.28 23.01
C ILE A 160 -8.34 -21.99 21.51
N LEU A 161 -7.49 -21.06 21.06
CA LEU A 161 -7.48 -20.71 19.64
C LEU A 161 -7.04 -21.87 18.77
N ALA A 162 -6.12 -22.69 19.27
CA ALA A 162 -5.67 -23.86 18.51
C ALA A 162 -6.80 -24.86 18.31
N ARG A 163 -7.61 -25.09 19.35
CA ARG A 163 -8.73 -25.99 19.22
C ARG A 163 -9.80 -25.42 18.29
N LYS A 164 -10.09 -24.12 18.43
CA LYS A 164 -11.19 -23.52 17.68
C LYS A 164 -10.87 -23.37 16.20
N HIS A 165 -9.61 -23.13 15.85
CA HIS A 165 -9.24 -22.81 14.47
C HIS A 165 -8.50 -23.93 13.75
N GLN A 166 -8.09 -24.98 14.46
CA GLN A 166 -7.47 -26.15 13.84
C GLN A 166 -6.32 -25.81 12.89
N PRO A 167 -5.29 -25.12 13.37
CA PRO A 167 -4.19 -24.75 12.47
C PRO A 167 -3.37 -25.97 12.06
N LYS A 168 -2.89 -25.94 10.81
CA LYS A 168 -1.93 -26.96 10.37
C LYS A 168 -0.55 -26.70 10.94
N LEU A 169 -0.28 -25.49 11.43
CA LEU A 169 1.04 -25.12 11.90
C LEU A 169 0.90 -24.06 12.98
N ILE A 170 1.70 -24.19 14.03
CA ILE A 170 1.79 -23.20 15.09
C ILE A 170 3.19 -22.60 15.07
N VAL A 171 3.26 -21.26 15.10
CA VAL A 171 4.52 -20.54 15.06
C VAL A 171 4.75 -19.91 16.43
N ALA A 172 5.95 -20.08 16.96
CA ALA A 172 6.38 -19.41 18.17
C ALA A 172 7.71 -18.71 17.92
N GLY A 173 7.99 -17.69 18.72
CA GLY A 173 9.13 -16.83 18.49
C GLY A 173 8.70 -15.41 18.18
N ALA A 174 9.56 -14.44 18.46
CA ALA A 174 9.12 -13.04 18.36
C ALA A 174 10.32 -12.15 18.07
N SER A 175 10.00 -10.93 17.59
CA SER A 175 11.00 -9.88 17.40
C SER A 175 10.83 -8.72 18.38
N ALA A 176 9.77 -8.72 19.20
CA ALA A 176 9.56 -7.67 20.19
C ALA A 176 8.82 -8.24 21.40
N TYR A 177 9.40 -9.27 22.01
CA TYR A 177 8.84 -9.90 23.21
C TYR A 177 10.00 -10.18 24.16
N GLY A 178 10.02 -9.51 25.31
CA GLY A 178 11.16 -9.58 26.20
C GLY A 178 11.04 -10.57 27.34
N ARG A 179 10.17 -11.57 27.20
CA ARG A 179 9.95 -12.54 28.26
C ARG A 179 10.24 -13.95 27.75
N THR A 180 10.46 -14.87 28.69
CA THR A 180 10.77 -16.25 28.37
C THR A 180 9.59 -16.90 27.64
N ILE A 181 9.91 -17.71 26.63
CA ILE A 181 8.92 -18.46 25.86
C ILE A 181 9.05 -19.93 26.22
N ASP A 182 7.94 -20.56 26.59
CA ASP A 182 7.90 -21.97 26.97
C ASP A 182 7.64 -22.80 25.73
N PHE A 183 8.71 -23.20 25.05
CA PHE A 183 8.57 -23.97 23.82
C PHE A 183 7.98 -25.35 24.07
N ALA A 184 8.27 -25.95 25.22
CA ALA A 184 7.70 -27.25 25.53
C ALA A 184 6.18 -27.19 25.66
N LYS A 185 5.66 -26.08 26.18
CA LYS A 185 4.20 -25.92 26.25
C LYS A 185 3.60 -25.78 24.86
N PHE A 186 4.30 -25.10 23.95
CA PHE A 186 3.82 -24.99 22.57
C PHE A 186 3.78 -26.35 21.90
N ARG A 187 4.76 -27.21 22.19
CA ARG A 187 4.78 -28.55 21.61
C ARG A 187 3.59 -29.38 22.10
N GLU A 188 3.19 -29.19 23.36
CA GLU A 188 2.04 -29.91 23.90
C GLU A 188 0.75 -29.48 23.22
N ILE A 189 0.58 -28.16 23.01
CA ILE A 189 -0.63 -27.66 22.37
C ILE A 189 -0.70 -28.13 20.93
N ALA A 190 0.43 -28.12 20.22
CA ALA A 190 0.45 -28.59 18.84
C ALA A 190 0.11 -30.07 18.76
N ASP A 191 0.69 -30.89 19.66
CA ASP A 191 0.38 -32.32 19.67
C ASP A 191 -1.11 -32.57 19.89
N GLU A 192 -1.77 -31.70 20.65
CA GLU A 192 -3.19 -31.93 20.96
C GLU A 192 -4.07 -31.78 19.73
N VAL A 193 -3.84 -30.72 18.94
CA VAL A 193 -4.66 -30.50 17.75
C VAL A 193 -4.04 -31.13 16.50
N GLY A 194 -2.95 -31.88 16.65
CA GLY A 194 -2.30 -32.50 15.52
C GLY A 194 -1.55 -31.55 14.61
N ALA A 195 -1.13 -30.39 15.12
CA ALA A 195 -0.44 -29.40 14.32
C ALA A 195 1.07 -29.60 14.39
N LYS A 196 1.77 -29.00 13.43
CA LYS A 196 3.22 -28.92 13.46
C LYS A 196 3.64 -27.66 14.23
N LEU A 197 4.90 -27.64 14.66
CA LEU A 197 5.44 -26.53 15.42
C LEU A 197 6.70 -26.01 14.74
N MET A 198 6.73 -24.70 14.50
CA MET A 198 7.89 -24.02 13.95
C MET A 198 8.28 -22.89 14.90
N VAL A 199 9.57 -22.77 15.18
CA VAL A 199 10.07 -21.75 16.09
C VAL A 199 11.03 -20.84 15.34
N ASP A 200 10.83 -19.54 15.48
CA ASP A 200 11.67 -18.50 14.90
C ASP A 200 12.45 -17.86 16.05
N MET A 201 13.66 -18.36 16.32
CA MET A 201 14.46 -17.94 17.45
C MET A 201 15.52 -16.89 17.09
N ALA A 202 15.29 -16.13 16.01
CA ALA A 202 16.32 -15.23 15.49
C ALA A 202 16.84 -14.27 16.56
N HIS A 203 15.94 -13.68 17.35
CA HIS A 203 16.37 -12.65 18.29
C HIS A 203 17.11 -13.25 19.49
N ILE A 204 16.78 -14.48 19.88
CA ILE A 204 17.31 -15.06 21.11
C ILE A 204 18.29 -16.19 20.84
N ALA A 205 18.76 -16.33 19.59
CA ALA A 205 19.60 -17.48 19.25
C ALA A 205 20.91 -17.48 20.04
N GLY A 206 21.47 -16.30 20.30
CA GLY A 206 22.68 -16.24 21.09
C GLY A 206 22.44 -16.64 22.54
N LEU A 207 21.30 -16.25 23.10
CA LEU A 207 20.98 -16.66 24.47
C LEU A 207 20.66 -18.15 24.53
N VAL A 208 20.07 -18.71 23.47
CA VAL A 208 19.86 -20.15 23.42
C VAL A 208 21.20 -20.88 23.38
N ALA A 209 22.15 -20.37 22.59
CA ALA A 209 23.45 -21.01 22.47
C ALA A 209 24.22 -21.02 23.78
N ALA A 210 24.05 -19.98 24.60
CA ALA A 210 24.72 -19.90 25.90
C ALA A 210 23.95 -20.61 27.00
N GLY A 211 22.82 -21.26 26.68
CA GLY A 211 22.05 -21.95 27.68
C GLY A 211 21.27 -21.05 28.62
N LEU A 212 20.98 -19.81 28.21
CA LEU A 212 20.29 -18.85 29.04
C LEU A 212 18.83 -18.67 28.66
N HIS A 213 18.35 -19.41 27.67
CA HIS A 213 16.94 -19.45 27.28
C HIS A 213 16.60 -20.89 26.91
N PRO A 214 15.36 -21.32 27.14
CA PRO A 214 14.97 -22.66 26.71
C PRO A 214 15.24 -22.87 25.22
N ASN A 215 15.76 -24.06 24.91
CA ASN A 215 16.18 -24.41 23.56
C ASN A 215 14.99 -24.98 22.79
N PRO A 216 14.56 -24.36 21.68
CA PRO A 216 13.42 -24.90 20.93
C PRO A 216 13.74 -26.09 20.05
N VAL A 217 15.02 -26.39 19.83
CA VAL A 217 15.39 -27.42 18.85
C VAL A 217 14.78 -28.78 19.16
N PRO A 218 14.76 -29.28 20.40
CA PRO A 218 14.14 -30.60 20.63
C PRO A 218 12.63 -30.62 20.51
N TYR A 219 11.96 -29.45 20.50
CA TYR A 219 10.51 -29.38 20.50
C TYR A 219 9.92 -29.03 19.14
N ALA A 220 10.57 -28.17 18.37
CA ALA A 220 10.01 -27.73 17.10
C ALA A 220 10.29 -28.75 16.01
N ASP A 221 9.31 -28.97 15.15
CA ASP A 221 9.57 -29.71 13.91
C ASP A 221 10.68 -29.04 13.12
N ILE A 222 10.64 -27.71 13.03
CA ILE A 222 11.64 -26.91 12.34
C ILE A 222 11.92 -25.68 13.17
N THR A 223 13.20 -25.35 13.34
CA THR A 223 13.63 -24.13 14.01
C THR A 223 14.35 -23.24 13.00
N THR A 224 13.94 -21.99 12.90
CA THR A 224 14.60 -21.02 12.05
C THR A 224 15.27 -19.94 12.89
N THR A 225 16.24 -19.27 12.28
CA THR A 225 16.99 -18.23 12.99
C THR A 225 17.77 -17.39 11.98
N THR A 226 18.15 -16.20 12.41
CA THR A 226 19.20 -15.44 11.76
C THR A 226 20.54 -15.82 12.38
N THR A 227 21.62 -15.52 11.65
CA THR A 227 22.95 -15.70 12.22
C THR A 227 23.49 -14.43 12.86
N HIS A 228 22.91 -13.27 12.54
CA HIS A 228 23.24 -12.04 13.23
C HIS A 228 22.33 -11.89 14.45
N THR A 230 21.70 -11.73 18.36
CA THR A 230 22.38 -12.14 19.59
C THR A 230 23.49 -13.15 19.32
N LEU A 231 23.41 -13.91 18.23
CA LEU A 231 24.47 -14.84 17.90
C LEU A 231 25.77 -14.14 17.50
N ARG A 232 25.69 -12.86 17.15
CA ARG A 232 26.86 -12.04 16.82
C ARG A 232 27.59 -12.59 15.59
N GLY A 233 26.83 -13.10 14.62
CA GLY A 233 27.41 -13.60 13.39
C GLY A 233 27.14 -12.68 12.22
N PRO A 234 27.56 -13.10 11.03
CA PRO A 234 27.25 -12.32 9.83
C PRO A 234 25.76 -12.35 9.53
N ARG A 235 25.34 -11.43 8.66
CA ARG A 235 23.94 -11.31 8.28
C ARG A 235 23.54 -12.49 7.38
N GLY A 236 22.61 -13.30 7.86
CA GLY A 236 22.15 -14.45 7.10
C GLY A 236 21.18 -15.28 7.92
N GLY A 237 20.71 -16.39 7.33
CA GLY A 237 19.73 -17.25 7.95
C GLY A 237 20.20 -18.70 8.08
N MET A 238 19.43 -19.48 8.82
CA MET A 238 19.76 -20.87 9.08
C MET A 238 18.48 -21.62 9.47
N ILE A 239 18.43 -22.92 9.12
CA ILE A 239 17.30 -23.78 9.43
C ILE A 239 17.82 -25.05 10.10
N LEU A 240 17.19 -25.44 11.20
CA LEU A 240 17.58 -26.62 11.97
C LEU A 240 16.39 -27.55 12.13
N THR A 241 16.68 -28.84 12.26
CA THR A 241 15.65 -29.85 12.50
C THR A 241 16.32 -31.11 13.02
N ASN A 242 15.50 -31.95 13.68
CA ASN A 242 15.91 -33.28 14.08
C ASN A 242 15.24 -34.37 13.26
N ASP A 243 14.37 -33.99 12.32
CA ASP A 243 13.60 -34.93 11.51
C ASP A 243 14.31 -35.12 10.17
N GLU A 244 14.65 -36.37 9.86
CA GLU A 244 15.40 -36.68 8.65
C GLU A 244 14.57 -36.37 7.40
N ALA A 245 13.28 -36.66 7.45
CA ALA A 245 12.41 -36.39 6.31
C ALA A 245 12.25 -34.90 6.07
N LEU A 246 12.08 -34.11 7.14
CA LEU A 246 11.99 -32.66 6.98
C LEU A 246 13.30 -32.06 6.49
N ALA A 247 14.44 -32.64 6.91
CA ALA A 247 15.73 -32.11 6.48
C ALA A 247 15.85 -32.13 4.96
N LYS A 248 15.31 -33.17 4.31
CA LYS A 248 15.34 -33.24 2.85
C LYS A 248 14.37 -32.24 2.24
N LYS A 249 13.19 -32.07 2.85
CA LYS A 249 12.26 -31.07 2.35
C LYS A 249 12.81 -29.66 2.54
N ILE A 250 13.47 -29.41 3.67
CA ILE A 250 14.14 -28.14 3.89
C ILE A 250 15.23 -27.91 2.83
N ASN A 251 16.09 -28.92 2.64
CA ASN A 251 17.16 -28.79 1.66
C ASN A 251 16.61 -28.52 0.27
N SER A 252 15.50 -29.18 -0.09
CA SER A 252 14.89 -28.96 -1.39
C SER A 252 14.15 -27.64 -1.48
N ALA A 253 13.59 -27.16 -0.36
CA ALA A 253 12.88 -25.89 -0.39
C ALA A 253 13.84 -24.71 -0.54
N VAL A 254 15.02 -24.81 0.09
CA VAL A 254 15.99 -23.72 -0.05
C VAL A 254 16.55 -23.68 -1.46
N PHE A 255 17.06 -24.82 -1.95
CA PHE A 255 17.53 -24.94 -3.33
C PHE A 255 17.13 -26.32 -3.84
N PRO A 256 16.49 -26.40 -5.02
CA PRO A 256 16.21 -25.31 -5.97
C PRO A 256 14.91 -24.55 -5.70
N GLY A 257 14.37 -24.66 -4.49
CA GLY A 257 13.07 -24.08 -4.18
C GLY A 257 12.94 -22.58 -4.32
N ILE A 258 13.65 -21.82 -3.49
CA ILE A 258 13.50 -20.37 -3.45
C ILE A 258 14.79 -19.60 -3.73
N GLN A 259 15.95 -20.26 -3.70
CA GLN A 259 17.22 -19.60 -3.88
C GLN A 259 18.01 -20.29 -4.99
N GLY A 260 19.11 -19.66 -5.39
CA GLY A 260 20.04 -20.27 -6.32
C GLY A 260 21.35 -20.61 -5.65
N GLY A 261 22.42 -19.91 -6.03
CA GLY A 261 23.72 -20.13 -5.42
C GLY A 261 23.80 -19.51 -4.04
N PRO A 262 24.38 -20.24 -3.09
CA PRO A 262 24.57 -19.70 -1.75
C PRO A 262 25.80 -18.79 -1.68
N LEU A 263 25.89 -18.04 -0.58
CA LEU A 263 27.00 -17.10 -0.35
C LEU A 263 28.01 -17.79 0.55
N GLU A 264 29.00 -18.46 -0.06
CA GLU A 264 29.93 -19.27 0.71
C GLU A 264 30.85 -18.42 1.58
N HIS A 265 31.11 -17.18 1.18
CA HIS A 265 31.92 -16.29 2.03
C HIS A 265 31.15 -15.88 3.28
N VAL A 266 29.83 -15.67 3.15
CA VAL A 266 29.02 -15.46 4.34
C VAL A 266 28.96 -16.71 5.18
N ILE A 267 28.90 -17.88 4.53
CA ILE A 267 28.84 -19.14 5.26
C ILE A 267 30.14 -19.38 6.01
N ALA A 268 31.28 -18.99 5.44
CA ALA A 268 32.54 -19.05 6.17
C ALA A 268 32.49 -18.16 7.41
N GLY A 269 31.90 -16.97 7.28
CA GLY A 269 31.70 -16.13 8.45
C GLY A 269 30.76 -16.74 9.47
N LYS A 270 29.78 -17.52 9.01
CA LYS A 270 28.91 -18.25 9.93
C LYS A 270 29.70 -19.29 10.70
N ALA A 271 30.59 -20.02 10.03
CA ALA A 271 31.42 -21.01 10.72
C ALA A 271 32.33 -20.35 11.75
N VAL A 272 32.88 -19.18 11.41
CA VAL A 272 33.73 -18.45 12.36
C VAL A 272 32.91 -18.04 13.58
N ALA A 273 31.70 -17.52 13.34
CA ALA A 273 30.86 -17.07 14.45
C ALA A 273 30.39 -18.23 15.32
N PHE A 274 30.13 -19.39 14.72
CA PHE A 274 29.67 -20.54 15.50
C PHE A 274 30.76 -21.04 16.44
N LYS A 275 32.02 -21.04 15.99
CA LYS A 275 33.11 -21.46 16.86
C LYS A 275 33.34 -20.43 17.97
N GLU A 276 33.21 -19.13 17.65
CA GLU A 276 33.29 -18.12 18.70
C GLU A 276 32.21 -18.32 19.76
N ALA A 277 31.01 -18.70 19.34
CA ALA A 277 29.92 -18.94 20.28
C ALA A 277 30.11 -20.23 21.06
N LEU A 278 30.96 -21.14 20.58
CA LEU A 278 31.24 -22.37 21.30
C LEU A 278 32.25 -22.17 22.43
N ASP A 279 32.90 -21.00 22.50
CA ASP A 279 33.90 -20.71 23.52
C ASP A 279 33.22 -20.26 24.82
N PRO A 280 33.79 -20.61 25.98
CA PRO A 280 33.20 -20.18 27.25
C PRO A 280 33.06 -18.68 27.39
N ALA A 281 33.85 -17.88 26.66
CA ALA A 281 33.70 -16.43 26.74
C ALA A 281 32.33 -15.98 26.24
N PHE A 282 31.71 -16.73 25.34
CA PHE A 282 30.43 -16.31 24.79
C PHE A 282 29.32 -16.43 25.83
N LYS A 283 29.39 -17.44 26.70
CA LYS A 283 28.42 -17.54 27.80
C LYS A 283 28.56 -16.36 28.74
N GLU A 284 29.79 -15.94 29.02
CA GLU A 284 30.00 -14.76 29.87
C GLU A 284 29.46 -13.51 29.21
N TYR A 285 29.65 -13.38 27.89
CA TYR A 285 29.10 -12.24 27.16
C TYR A 285 27.58 -12.24 27.20
N SER A 286 26.96 -13.39 26.95
CA SER A 286 25.50 -13.46 26.93
C SER A 286 24.89 -13.24 28.30
N GLU A 287 25.61 -13.62 29.36
CA GLU A 287 25.12 -13.35 30.71
C GLU A 287 25.13 -11.84 31.00
N GLN A 288 26.14 -11.13 30.50
CA GLN A 288 26.20 -9.68 30.69
C GLN A 288 25.13 -8.97 29.87
N ILE A 289 24.72 -9.58 28.75
CA ILE A 289 23.62 -9.01 27.95
C ILE A 289 22.37 -8.89 28.80
N ILE A 290 21.98 -9.98 29.47
CA ILE A 290 20.75 -9.97 30.25
C ILE A 290 20.90 -9.10 31.49
N ALA A 291 22.06 -9.13 32.12
CA ALA A 291 22.28 -8.31 33.31
C ALA A 291 22.19 -6.82 32.99
N ASN A 292 22.66 -6.42 31.81
CA ASN A 292 22.56 -5.02 31.41
C ASN A 292 21.12 -4.63 31.09
N ALA A 293 20.36 -5.54 30.47
CA ALA A 293 18.98 -5.22 30.14
C ALA A 293 18.12 -5.09 31.38
N LYS A 294 18.36 -5.93 32.39
CA LYS A 294 17.58 -5.86 33.62
C LYS A 294 17.87 -4.57 34.39
N ALA A 295 19.12 -4.10 34.34
CA ALA A 295 19.46 -2.85 35.02
C ALA A 295 18.79 -1.66 34.37
N MET A 296 18.68 -1.66 33.03
CA MET A 296 17.98 -0.58 32.34
C MET A 296 16.49 -0.62 32.64
N VAL A 297 15.92 -1.81 32.77
CA VAL A 297 14.49 -1.94 33.07
C VAL A 297 14.17 -1.32 34.42
N LYS A 298 15.04 -1.51 35.40
CA LYS A 298 14.85 -0.88 36.72
C LYS A 298 14.75 0.63 36.61
N VAL A 299 15.60 1.23 35.76
CA VAL A 299 15.57 2.69 35.62
C VAL A 299 14.28 3.13 34.94
N PHE A 300 13.86 2.43 33.90
CA PHE A 300 12.65 2.83 33.18
C PHE A 300 11.39 2.59 34.02
N ASN A 301 11.37 1.54 34.83
CA ASN A 301 10.23 1.32 35.72
C ASN A 301 10.08 2.48 36.70
N GLN A 302 11.21 2.95 37.24
CA GLN A 302 11.17 4.02 38.23
C GLN A 302 10.87 5.38 37.62
N ALA A 303 11.29 5.60 36.38
CA ALA A 303 11.16 6.91 35.76
C ALA A 303 9.69 7.26 35.51
N ILE A 304 9.40 8.55 35.57
CA ILE A 304 8.05 9.07 35.31
C ILE A 304 7.90 9.30 33.81
N GLY A 305 6.94 8.61 33.21
CA GLY A 305 6.62 8.78 31.81
C GLY A 305 6.99 7.62 30.91
N THR A 306 7.85 6.71 31.38
CA THR A 306 8.28 5.56 30.60
C THR A 306 7.71 4.29 31.22
N ARG A 307 6.88 3.59 30.47
CA ARG A 307 6.24 2.35 30.92
C ARG A 307 6.87 1.17 30.21
N VAL A 308 7.43 0.25 30.98
CA VAL A 308 8.02 -0.97 30.43
C VAL A 308 6.90 -1.99 30.20
N ILE A 309 6.76 -2.45 28.96
CA ILE A 309 5.73 -3.44 28.66
C ILE A 309 6.03 -4.71 29.45
N SER A 310 5.02 -5.24 30.14
CA SER A 310 5.10 -6.41 31.01
C SER A 310 5.86 -6.12 32.29
N GLY A 311 6.56 -4.99 32.35
CA GLY A 311 7.22 -4.56 33.58
C GLY A 311 8.54 -5.23 33.90
N ALA A 312 9.03 -6.12 33.04
CA ALA A 312 10.31 -6.78 33.30
C ALA A 312 10.87 -7.29 31.98
N THR A 313 12.09 -7.84 32.06
CA THR A 313 12.71 -8.52 30.92
C THR A 313 13.41 -9.78 31.40
N ASP A 314 13.34 -10.83 30.58
CA ASP A 314 14.10 -12.06 30.79
C ASP A 314 15.22 -12.25 29.79
N ASN A 315 15.31 -11.40 28.77
CA ASN A 315 16.32 -11.58 27.74
C ASN A 315 17.09 -10.28 27.50
N HIS A 316 17.18 -9.88 26.23
CA HIS A 316 18.06 -8.78 25.82
C HIS A 316 17.32 -7.47 25.53
N LEU A 317 15.99 -7.48 25.49
CA LEU A 317 15.26 -6.32 24.99
C LEU A 317 14.16 -5.90 25.96
N MET A 318 13.54 -4.77 25.62
CA MET A 318 12.46 -4.20 26.41
C MET A 318 11.65 -3.29 25.51
N LEU A 319 10.34 -3.26 25.72
CA LEU A 319 9.46 -2.33 25.02
C LEU A 319 9.04 -1.24 25.99
N ILE A 320 9.03 0.00 25.51
CA ILE A 320 8.78 1.17 26.34
C ILE A 320 7.67 2.00 25.72
N ASP A 321 6.60 2.25 26.47
CA ASP A 321 5.54 3.15 26.07
C ASP A 321 5.86 4.56 26.55
N VAL A 322 5.84 5.52 25.64
CA VAL A 322 6.20 6.90 25.94
C VAL A 322 5.00 7.84 25.84
N ARG A 323 3.78 7.31 25.78
CA ARG A 323 2.61 8.17 25.63
C ARG A 323 2.45 9.12 26.80
N GLU A 324 2.84 8.70 28.00
CA GLU A 324 2.73 9.56 29.18
C GLU A 324 3.58 10.82 29.04
N LEU A 325 4.59 10.80 28.18
CA LEU A 325 5.46 11.95 27.98
C LEU A 325 4.93 12.93 26.95
N GLY A 326 3.76 12.68 26.36
CA GLY A 326 3.23 13.56 25.36
C GLY A 326 3.87 13.43 24.00
N ILE A 327 4.53 12.30 23.74
CA ILE A 327 5.18 12.03 22.46
C ILE A 327 4.80 10.62 22.02
N ASN A 328 5.08 10.32 20.76
CA ASN A 328 4.91 8.97 20.23
C ASN A 328 6.27 8.38 19.90
N GLY A 329 6.25 7.17 19.32
CA GLY A 329 7.50 6.47 19.06
C GLY A 329 8.40 7.21 18.08
N LYS A 330 7.80 7.85 17.08
CA LYS A 330 8.60 8.56 16.08
C LYS A 330 9.32 9.76 16.69
N GLU A 331 8.62 10.54 17.52
CA GLU A 331 9.24 11.71 18.13
C GLU A 331 10.35 11.32 19.11
N ALA A 332 10.09 10.31 19.94
CA ALA A 332 11.11 9.82 20.86
C ALA A 332 12.33 9.32 20.10
N GLU A 333 12.09 8.58 19.01
CA GLU A 333 13.17 8.14 18.15
C GLU A 333 13.95 9.31 17.58
N SER A 334 13.26 10.37 17.17
CA SER A 334 13.93 11.55 16.65
C SER A 334 14.68 12.31 17.73
N ILE A 335 14.15 12.33 18.97
CA ILE A 335 14.80 13.07 20.05
C ILE A 335 16.11 12.39 20.44
N LEU A 336 16.08 11.07 20.61
CA LEU A 336 17.27 10.36 21.05
C LEU A 336 18.37 10.38 19.99
N ASP A 337 17.99 10.45 18.71
CA ASP A 337 18.99 10.57 17.66
C ASP A 337 19.78 11.85 17.78
N SER A 338 19.13 12.94 18.19
CA SER A 338 19.80 14.22 18.31
C SER A 338 20.80 14.26 19.46
N VAL A 339 20.83 13.25 20.33
CA VAL A 339 21.82 13.16 21.39
C VAL A 339 22.62 11.87 21.22
N ASN A 340 22.70 11.37 19.98
CA ASN A 340 23.58 10.27 19.61
C ASN A 340 23.18 8.96 20.29
N ILE A 341 21.88 8.71 20.41
CA ILE A 341 21.35 7.45 20.92
C ILE A 341 20.35 6.92 19.90
N THR A 342 20.56 5.68 19.45
CA THR A 342 19.78 5.09 18.38
C THR A 342 18.87 3.99 18.93
N VAL A 343 17.56 4.22 18.82
CA VAL A 343 16.56 3.18 19.11
C VAL A 343 15.66 3.09 17.89
N ASN A 344 14.62 2.26 17.98
CA ASN A 344 13.60 2.21 16.93
C ASN A 344 12.23 2.18 17.57
N LYS A 345 11.29 2.89 16.96
CA LYS A 345 9.90 2.80 17.35
C LYS A 345 9.37 1.39 17.06
N ASN A 346 8.38 0.98 17.84
CA ASN A 346 7.94 -0.40 17.79
C ASN A 346 6.53 -0.48 18.35
N SER A 347 5.66 -1.22 17.67
CA SER A 347 4.30 -1.41 18.17
C SER A 347 4.32 -2.12 19.51
N ILE A 348 3.32 -1.84 20.33
CA ILE A 348 3.20 -2.42 21.66
C ILE A 348 1.85 -3.12 21.75
N PRO A 349 1.69 -4.06 22.68
CA PRO A 349 0.47 -4.86 22.73
C PRO A 349 -0.80 -4.01 22.77
N PHE A 350 -1.81 -4.44 22.01
CA PHE A 350 -3.18 -3.96 21.93
C PHE A 350 -3.30 -2.69 21.08
N GLU A 351 -2.22 -2.19 20.50
CA GLU A 351 -2.35 -1.17 19.47
C GLU A 351 -2.89 -1.78 18.20
N THR A 352 -3.70 -1.01 17.47
CA THR A 352 -4.04 -1.36 16.10
C THR A 352 -2.87 -0.93 15.23
N LEU A 353 -2.18 -1.92 14.65
CA LEU A 353 -0.88 -1.72 14.00
C LEU A 353 -0.87 -0.49 13.10
N SER A 354 -0.28 0.60 13.61
CA SER A 354 -0.08 1.83 12.84
C SER A 354 1.42 2.12 12.86
N PRO A 355 2.17 1.62 11.87
CA PRO A 355 3.63 1.64 11.95
C PRO A 355 4.27 3.02 12.12
N PHE A 356 3.51 4.11 12.02
CA PHE A 356 4.01 5.47 12.15
C PHE A 356 3.34 6.26 13.27
N LYS A 357 2.33 5.71 13.89
CA LYS A 357 1.66 6.40 14.98
C LYS A 357 1.80 5.63 16.29
N THR A 358 2.66 4.61 16.35
CA THR A 358 2.82 3.80 17.54
C THR A 358 3.30 4.65 18.71
N SER A 359 3.06 4.13 19.92
CA SER A 359 3.46 4.77 21.15
C SER A 359 4.73 4.17 21.75
N GLY A 360 5.31 3.16 21.11
CA GLY A 360 6.40 2.42 21.71
C GLY A 360 7.74 2.57 21.02
N ILE A 361 8.81 2.33 21.79
CA ILE A 361 10.16 2.17 21.27
C ILE A 361 10.73 0.88 21.83
N ARG A 362 11.73 0.33 21.15
CA ARG A 362 12.38 -0.91 21.54
C ARG A 362 13.85 -0.66 21.82
N ILE A 363 14.35 -1.25 22.90
CA ILE A 363 15.73 -1.06 23.35
C ILE A 363 16.33 -2.42 23.66
N GLY A 364 17.58 -2.63 23.22
CA GLY A 364 18.28 -3.86 23.52
C GLY A 364 19.75 -3.58 23.82
N THR A 365 20.35 -4.52 24.57
CA THR A 365 21.73 -4.36 25.04
C THR A 365 22.83 -5.19 24.37
N PRO A 366 22.57 -6.06 23.38
CA PRO A 366 23.69 -6.84 22.82
C PRO A 366 24.83 -6.00 22.26
N ALA A 367 24.54 -4.85 21.67
CA ALA A 367 25.58 -4.04 21.04
C ALA A 367 26.51 -3.42 22.09
N ILE A 368 25.94 -2.68 23.05
CA ILE A 368 26.78 -2.02 24.05
C ILE A 368 27.48 -3.04 24.93
N THR A 369 26.89 -4.24 25.09
CA THR A 369 27.57 -5.28 25.85
C THR A 369 28.83 -5.75 25.15
N THR A 370 28.79 -5.83 23.81
CA THR A 370 29.99 -6.18 23.06
C THR A 370 31.07 -5.11 23.21
N ARG A 371 30.67 -3.84 23.32
CA ARG A 371 31.62 -2.76 23.53
C ARG A 371 32.26 -2.78 24.91
N GLY A 372 31.72 -3.55 25.84
CA GLY A 372 32.27 -3.65 27.18
C GLY A 372 31.43 -3.03 28.29
N PHE A 373 30.21 -2.59 28.00
CA PHE A 373 29.37 -1.98 29.03
C PHE A 373 29.03 -3.00 30.11
N LYS A 374 29.09 -2.56 31.36
CA LYS A 374 28.63 -3.33 32.51
C LYS A 374 27.37 -2.68 33.07
N GLU A 375 26.86 -3.26 34.17
CA GLU A 375 25.56 -2.86 34.69
C GLU A 375 25.52 -1.37 35.03
N GLU A 376 26.56 -0.85 35.69
CA GLU A 376 26.56 0.56 36.06
C GLU A 376 26.59 1.46 34.84
N ASP A 377 27.26 1.04 33.77
CA ASP A 377 27.25 1.81 32.53
C ASP A 377 25.88 1.74 31.86
N ALA A 378 25.22 0.58 31.91
CA ALA A 378 23.89 0.45 31.35
C ALA A 378 22.89 1.33 32.11
N VAL A 379 23.07 1.44 33.43
CA VAL A 379 22.24 2.34 34.22
C VAL A 379 22.37 3.77 33.72
N LYS A 380 23.61 4.20 33.44
CA LYS A 380 23.82 5.56 32.96
C LYS A 380 23.15 5.79 31.61
N VAL A 381 23.16 4.77 30.74
CA VAL A 381 22.51 4.89 29.44
C VAL A 381 21.01 5.10 29.62
N ALA A 382 20.38 4.28 30.45
CA ALA A 382 18.95 4.41 30.68
C ALA A 382 18.60 5.76 31.29
N GLU A 383 19.43 6.25 32.21
CA GLU A 383 19.19 7.57 32.78
C GLU A 383 19.34 8.67 31.73
N LEU A 384 20.23 8.48 30.75
CA LEU A 384 20.39 9.47 29.70
C LEU A 384 19.20 9.47 28.75
N VAL A 385 18.64 8.29 28.48
CA VAL A 385 17.44 8.22 27.63
C VAL A 385 16.29 8.97 28.28
N VAL A 386 16.06 8.70 29.57
CA VAL A 386 14.98 9.38 30.31
C VAL A 386 15.19 10.89 30.29
N LYS A 387 16.44 11.33 30.47
CA LYS A 387 16.72 12.76 30.54
C LYS A 387 16.39 13.46 29.22
N ALA A 388 16.77 12.86 28.09
CA ALA A 388 16.46 13.45 26.80
C ALA A 388 14.96 13.46 26.53
N LEU A 389 14.28 12.35 26.81
CA LEU A 389 12.86 12.26 26.51
C LEU A 389 12.04 13.20 27.38
N GLN A 390 12.45 13.37 28.65
CA GLN A 390 11.78 14.33 29.52
C GLN A 390 12.16 15.77 29.20
N ALA A 391 13.26 15.97 28.46
CA ALA A 391 13.71 17.32 28.13
C ALA A 391 12.76 17.97 27.13
N LYS A 392 11.55 18.31 27.57
CA LYS A 392 10.60 19.03 26.75
C LYS A 392 11.11 20.42 26.45
N ASP A 393 11.59 20.65 25.22
CA ASP A 393 12.03 21.97 24.76
C ASP A 393 13.13 22.51 25.69
N ASP A 394 14.29 21.84 25.62
CA ASP A 394 15.38 22.13 26.55
C ASP A 394 16.70 21.77 25.88
N ASN A 395 17.27 22.73 25.15
CA ASN A 395 18.54 22.49 24.48
C ASN A 395 19.70 22.39 25.46
N ALA A 396 19.61 23.08 26.60
CA ALA A 396 20.67 23.02 27.59
C ALA A 396 20.75 21.65 28.25
N GLN A 397 19.61 20.97 28.43
CA GLN A 397 19.64 19.64 29.02
C GLN A 397 19.92 18.57 27.96
N LEU A 398 19.48 18.79 26.72
CA LEU A 398 19.86 17.88 25.64
C LEU A 398 21.37 17.90 25.43
N ASP A 399 22.01 19.05 25.65
CA ASP A 399 23.46 19.12 25.52
C ASP A 399 24.17 18.38 26.64
N GLU A 400 23.59 18.37 27.85
CA GLU A 400 24.18 17.59 28.94
C GLU A 400 24.13 16.10 28.64
N VAL A 401 23.04 15.64 28.02
CA VAL A 401 22.95 14.23 27.64
C VAL A 401 24.03 13.89 26.60
N LYS A 402 24.25 14.80 25.64
CA LYS A 402 25.30 14.58 24.64
C LYS A 402 26.66 14.43 25.31
N THR A 403 26.91 15.19 26.38
CA THR A 403 28.17 15.04 27.11
C THR A 403 28.26 13.68 27.79
N GLY A 404 27.16 13.22 28.38
CA GLY A 404 27.16 11.92 29.02
C GLY A 404 27.38 10.79 28.02
N VAL A 405 26.77 10.90 26.84
CA VAL A 405 26.97 9.89 25.80
C VAL A 405 28.43 9.87 25.36
N ARG A 406 29.04 11.06 25.22
CA ARG A 406 30.43 11.12 24.82
C ARG A 406 31.35 10.46 25.84
N GLU A 407 31.06 10.65 27.13
CA GLU A 407 31.86 10.01 28.17
C GLU A 407 31.80 8.49 28.06
N LEU A 408 30.63 7.94 27.74
CA LEU A 408 30.47 6.49 27.65
C LEU A 408 31.20 5.93 26.43
N THR A 409 31.05 6.59 25.27
CA THR A 409 31.65 6.05 24.05
C THR A 409 33.18 6.10 24.09
N GLU A 410 33.75 7.13 24.73
CA GLU A 410 35.20 7.20 24.87
C GLU A 410 35.73 6.25 25.93
N LYS A 411 34.89 5.87 26.90
CA LYS A 411 35.30 4.87 27.88
C LYS A 411 35.30 3.46 27.30
N PHE A 412 34.46 3.21 26.28
CA PHE A 412 34.32 1.89 25.67
C PHE A 412 34.48 2.02 24.16
N PRO A 413 35.71 2.12 23.66
CA PRO A 413 35.92 2.23 22.21
C PRO A 413 35.63 0.92 21.50
N LEU A 414 35.36 1.04 20.20
CA LEU A 414 34.99 -0.10 19.36
C LEU A 414 36.20 -0.75 18.70
N HIS A 415 37.03 0.04 18.03
CA HIS A 415 38.19 -0.48 17.32
C HIS A 415 39.28 0.57 17.19
N ASP B 6 46.83 -13.33 12.56
CA ASP B 6 46.72 -13.03 13.98
C ASP B 6 45.39 -13.53 14.54
N TYR B 7 44.29 -12.98 14.01
CA TYR B 7 42.97 -13.49 14.36
C TYR B 7 42.74 -14.92 13.87
N LYS B 8 43.59 -15.41 12.97
CA LYS B 8 43.45 -16.76 12.44
C LYS B 8 43.89 -17.83 13.43
N THR B 9 44.65 -17.46 14.46
CA THR B 9 45.11 -18.44 15.44
C THR B 9 43.94 -19.11 16.16
N PHE B 10 42.84 -18.40 16.34
CA PHE B 10 41.71 -18.96 17.08
C PHE B 10 41.04 -20.09 16.32
N ASP B 11 40.96 -19.99 15.00
CA ASP B 11 40.22 -20.93 14.16
C ASP B 11 41.10 -21.39 13.00
N PRO B 12 42.11 -22.22 13.28
CA PRO B 12 43.04 -22.61 12.21
C PRO B 12 42.44 -23.52 11.15
N ASP B 13 41.41 -24.29 11.49
CA ASP B 13 40.80 -25.19 10.52
C ASP B 13 40.07 -24.42 9.42
N LEU B 14 39.36 -23.35 9.79
CA LEU B 14 38.62 -22.57 8.80
C LEU B 14 39.57 -21.88 7.83
N TRP B 15 40.56 -21.17 8.36
CA TRP B 15 41.46 -20.41 7.49
C TRP B 15 42.39 -21.31 6.69
N ALA B 16 42.62 -22.55 7.14
CA ALA B 16 43.35 -23.50 6.32
C ALA B 16 42.52 -23.94 5.11
N ALA B 17 41.21 -24.10 5.30
CA ALA B 17 40.35 -24.49 4.20
C ALA B 17 40.22 -23.39 3.16
N ILE B 18 40.28 -22.12 3.58
CA ILE B 18 40.23 -21.01 2.63
C ILE B 18 41.56 -20.91 1.88
N ALA B 19 42.67 -21.22 2.54
CA ALA B 19 43.96 -21.21 1.85
C ALA B 19 44.00 -22.27 0.75
N LYS B 20 43.43 -23.44 1.02
CA LYS B 20 43.38 -24.48 0.00
C LYS B 20 42.46 -24.09 -1.15
N GLU B 21 41.38 -23.36 -0.88
CA GLU B 21 40.50 -22.92 -1.95
C GLU B 21 41.17 -21.83 -2.80
N GLU B 22 41.93 -20.94 -2.16
CA GLU B 22 42.71 -19.97 -2.92
C GLU B 22 43.75 -20.67 -3.78
N GLU B 23 44.35 -21.75 -3.26
CA GLU B 23 45.32 -22.52 -4.03
C GLU B 23 44.63 -23.27 -5.16
N ARG B 24 43.42 -23.82 -4.90
CA ARG B 24 42.69 -24.51 -5.96
C ARG B 24 42.31 -23.53 -7.07
N GLN B 25 41.85 -22.33 -6.71
CA GLN B 25 41.53 -21.33 -7.72
C GLN B 25 42.78 -20.92 -8.51
N GLU B 26 43.96 -20.98 -7.88
CA GLU B 26 45.18 -20.52 -8.54
C GLU B 26 45.60 -21.45 -9.66
N HIS B 27 45.56 -22.76 -9.42
CA HIS B 27 46.11 -23.73 -10.35
C HIS B 27 45.03 -24.49 -11.13
N ASN B 28 43.83 -23.93 -11.20
CA ASN B 28 42.74 -24.51 -11.98
C ASN B 28 42.36 -23.56 -13.11
N LEU B 29 41.95 -24.14 -14.23
CA LEU B 29 41.47 -23.38 -15.39
C LEU B 29 39.95 -23.34 -15.32
N GLU B 30 39.41 -22.23 -14.81
CA GLU B 30 37.98 -22.11 -14.57
C GLU B 30 37.27 -21.70 -15.86
N LEU B 31 36.49 -22.61 -16.43
CA LEU B 31 35.77 -22.36 -17.67
C LEU B 31 34.26 -22.33 -17.48
N ILE B 32 33.77 -22.37 -16.24
CA ILE B 32 32.34 -22.24 -15.98
C ILE B 32 31.90 -20.83 -16.34
N ALA B 33 30.91 -20.72 -17.23
CA ALA B 33 30.53 -19.45 -17.83
C ALA B 33 29.94 -18.46 -16.83
N SER B 34 29.55 -18.90 -15.63
CA SER B 34 28.92 -18.03 -14.64
C SER B 34 29.90 -17.55 -13.57
N GLU B 35 31.18 -17.87 -13.68
CA GLU B 35 32.16 -17.52 -12.66
C GLU B 35 32.99 -16.31 -13.07
N ASN B 36 33.65 -15.72 -12.09
CA ASN B 36 34.51 -14.55 -12.28
C ASN B 36 35.33 -14.35 -11.02
N PHE B 37 36.26 -13.40 -11.09
CA PHE B 37 37.14 -13.06 -9.96
C PHE B 37 37.01 -11.57 -9.68
N VAL B 38 36.58 -11.22 -8.46
CA VAL B 38 36.29 -9.84 -8.11
C VAL B 38 37.57 -9.16 -7.62
N SER B 39 37.55 -7.83 -7.66
CA SER B 39 38.71 -7.04 -7.28
C SER B 39 38.91 -7.05 -5.77
N GLU B 40 40.09 -6.58 -5.36
CA GLU B 40 40.41 -6.48 -3.93
C GLU B 40 39.49 -5.47 -3.24
N ALA B 41 39.05 -4.44 -3.96
CA ALA B 41 38.17 -3.44 -3.36
C ALA B 41 36.78 -4.00 -3.11
N VAL B 42 36.29 -4.87 -4.01
CA VAL B 42 34.96 -5.46 -3.82
C VAL B 42 34.95 -6.35 -2.58
N MET B 43 35.98 -7.17 -2.41
CA MET B 43 36.06 -8.03 -1.23
C MET B 43 36.18 -7.21 0.05
N ALA B 44 37.00 -6.15 0.02
CA ALA B 44 37.16 -5.31 1.21
C ALA B 44 35.86 -4.64 1.61
N ALA B 45 35.01 -4.29 0.63
CA ALA B 45 33.71 -3.72 0.97
C ALA B 45 32.79 -4.75 1.62
N GLN B 46 32.78 -5.97 1.09
CA GLN B 46 32.01 -7.04 1.73
C GLN B 46 32.52 -7.36 3.12
N GLY B 47 33.81 -7.15 3.36
CA GLY B 47 34.40 -7.42 4.66
C GLY B 47 34.48 -6.19 5.55
N SER B 48 33.60 -5.22 5.32
CA SER B 48 33.58 -3.97 6.06
C SER B 48 32.60 -4.03 7.23
N ILE B 49 32.59 -2.95 8.00
CA ILE B 49 31.82 -2.85 9.23
C ILE B 49 30.36 -2.61 8.90
N LEU B 50 30.06 -2.45 7.61
CA LEU B 50 28.68 -2.19 7.21
C LEU B 50 27.78 -3.39 7.48
N THR B 51 28.33 -4.56 7.78
CA THR B 51 27.51 -5.71 8.12
C THR B 51 26.81 -5.55 9.46
N ASN B 52 27.17 -4.55 10.25
CA ASN B 52 26.60 -4.34 11.57
C ASN B 52 25.35 -3.47 11.57
N LYS B 53 24.95 -2.91 10.44
CA LYS B 53 23.87 -1.93 10.39
C LYS B 53 22.61 -2.54 9.81
N TYR B 54 21.48 -2.37 10.50
CA TYR B 54 20.16 -2.79 10.02
C TYR B 54 19.60 -1.59 9.30
N ALA B 55 19.14 -1.78 8.09
CA ALA B 55 18.69 -0.69 7.25
C ALA B 55 17.38 -1.05 6.54
N GLU B 56 16.40 -1.51 7.30
CA GLU B 56 15.09 -1.82 6.72
C GLU B 56 14.45 -0.57 6.16
N GLY B 57 13.85 -0.69 4.99
CA GLY B 57 13.34 0.44 4.25
C GLY B 57 14.29 0.86 3.15
N TYR B 58 14.11 2.09 2.69
CA TYR B 58 14.86 2.64 1.58
C TYR B 58 15.45 3.99 1.96
N PRO B 59 16.50 4.43 1.26
CA PRO B 59 17.16 5.69 1.63
C PRO B 59 16.18 6.85 1.69
N GLY B 60 16.24 7.61 2.79
CA GLY B 60 15.31 8.69 3.04
C GLY B 60 13.98 8.26 3.61
N HIS B 61 13.75 6.97 3.81
CA HIS B 61 12.51 6.47 4.37
C HIS B 61 12.76 5.21 5.18
N ARG B 62 13.79 5.23 6.02
CA ARG B 62 14.18 4.05 6.77
C ARG B 62 13.29 3.86 7.98
N TYR B 63 13.14 2.59 8.40
CA TYR B 63 12.38 2.27 9.59
C TYR B 63 13.16 2.54 10.87
N TYR B 64 14.48 2.61 10.79
CA TYR B 64 15.36 2.85 11.94
C TYR B 64 16.12 4.16 11.74
N GLY B 65 16.74 4.62 12.83
CA GLY B 65 17.58 5.79 12.78
C GLY B 65 19.06 5.43 12.63
N GLY B 66 19.85 6.47 12.38
CA GLY B 66 21.28 6.29 12.20
C GLY B 66 21.69 5.77 10.84
N CYS B 67 20.95 6.14 9.79
CA CYS B 67 21.20 5.63 8.45
C CYS B 67 21.81 6.68 7.52
N GLU B 68 22.36 7.76 8.06
CA GLU B 68 22.81 8.88 7.23
C GLU B 68 23.84 8.42 6.20
N PHE B 69 24.78 7.56 6.61
CA PHE B 69 25.85 7.14 5.72
C PHE B 69 25.58 5.81 5.03
N VAL B 70 24.72 4.97 5.60
CA VAL B 70 24.24 3.81 4.86
C VAL B 70 23.39 4.27 3.67
N ASP B 71 22.60 5.34 3.86
CA ASP B 71 21.83 5.90 2.75
C ASP B 71 22.74 6.44 1.66
N ILE B 72 23.89 7.02 2.05
CA ILE B 72 24.85 7.49 1.06
C ILE B 72 25.40 6.32 0.25
N VAL B 73 25.77 5.24 0.94
CA VAL B 73 26.33 4.08 0.28
C VAL B 73 25.30 3.46 -0.67
N GLU B 74 24.07 3.26 -0.19
CA GLU B 74 23.05 2.63 -1.03
C GLU B 74 22.68 3.54 -2.20
N ASN B 75 22.61 4.86 -1.98
CA ASN B 75 22.35 5.77 -3.08
C ASN B 75 23.48 5.77 -4.10
N LEU B 76 24.71 5.55 -3.65
CA LEU B 76 25.83 5.38 -4.58
C LEU B 76 25.58 4.20 -5.51
N ALA B 77 25.18 3.06 -4.95
CA ALA B 77 24.88 1.89 -5.77
C ALA B 77 23.71 2.15 -6.71
N ILE B 78 22.67 2.83 -6.23
CA ILE B 78 21.49 3.07 -7.05
C ILE B 78 21.83 4.02 -8.20
N ASP B 79 22.50 5.14 -7.90
CA ASP B 79 22.77 6.13 -8.92
C ASP B 79 23.77 5.61 -9.94
N ARG B 80 24.77 4.84 -9.49
CA ARG B 80 25.74 4.27 -10.42
C ARG B 80 25.09 3.21 -11.31
N ALA B 81 24.15 2.43 -10.76
CA ALA B 81 23.42 1.48 -11.58
C ALA B 81 22.57 2.19 -12.63
N LYS B 82 21.91 3.28 -12.22
CA LYS B 82 21.10 4.04 -13.16
C LYS B 82 21.97 4.66 -14.25
N GLU B 83 23.15 5.19 -13.87
CA GLU B 83 24.06 5.73 -14.86
C GLU B 83 24.61 4.64 -15.77
N LEU B 84 24.93 3.48 -15.22
CA LEU B 84 25.51 2.39 -16.00
C LEU B 84 24.57 1.91 -17.09
N PHE B 85 23.28 1.73 -16.75
CA PHE B 85 22.33 1.11 -17.65
C PHE B 85 21.30 2.07 -18.21
N GLY B 86 21.32 3.34 -17.81
CA GLY B 86 20.35 4.28 -18.32
C GLY B 86 18.96 4.13 -17.74
N ALA B 87 18.84 3.54 -16.56
CA ALA B 87 17.54 3.32 -15.94
C ALA B 87 17.13 4.52 -15.08
N LYS B 88 15.81 4.74 -15.00
CA LYS B 88 15.30 5.81 -14.16
C LYS B 88 15.11 5.38 -12.71
N PHE B 89 15.06 4.08 -12.45
CA PHE B 89 14.85 3.57 -11.10
C PHE B 89 15.66 2.30 -10.92
N ALA B 90 16.17 2.11 -9.71
CA ALA B 90 16.98 0.94 -9.41
C ALA B 90 16.68 0.48 -7.99
N ASN B 91 16.70 -0.84 -7.79
CA ASN B 91 16.60 -1.45 -6.48
C ASN B 91 17.79 -2.38 -6.31
N VAL B 92 18.63 -2.10 -5.30
CA VAL B 92 19.90 -2.80 -5.13
C VAL B 92 19.86 -3.72 -3.91
N GLN B 93 18.69 -3.97 -3.33
CA GLN B 93 18.58 -4.79 -2.13
C GLN B 93 18.41 -6.30 -2.35
N PRO B 94 18.02 -6.83 -3.52
CA PRO B 94 17.85 -8.28 -3.64
C PRO B 94 19.11 -9.05 -3.27
N HIS B 95 18.93 -10.09 -2.47
CA HIS B 95 20.07 -10.89 -1.99
C HIS B 95 20.71 -11.70 -3.10
N SER B 96 20.00 -11.93 -4.21
CA SER B 96 20.48 -12.80 -5.27
C SER B 96 19.65 -12.54 -6.51
N GLY B 97 20.06 -13.19 -7.60
CA GLY B 97 19.24 -13.15 -8.81
C GLY B 97 17.92 -13.86 -8.64
N SER B 98 17.89 -14.91 -7.82
CA SER B 98 16.63 -15.61 -7.55
C SER B 98 15.63 -14.68 -6.85
N GLN B 99 16.09 -13.92 -5.86
CA GLN B 99 15.20 -13.01 -5.15
C GLN B 99 14.79 -11.83 -6.01
N ALA B 100 15.68 -11.36 -6.89
CA ALA B 100 15.31 -10.31 -7.84
C ALA B 100 14.21 -10.79 -8.77
N ASN B 101 14.29 -12.04 -9.23
CA ASN B 101 13.24 -12.58 -10.10
C ASN B 101 11.95 -12.81 -9.33
N THR B 102 12.05 -13.28 -8.08
CA THR B 102 10.86 -13.47 -7.26
C THR B 102 10.07 -12.17 -7.12
N ALA B 103 10.77 -11.08 -6.82
CA ALA B 103 10.10 -9.79 -6.64
C ALA B 103 9.55 -9.26 -7.96
N ALA B 104 10.24 -9.53 -9.07
CA ALA B 104 9.78 -9.03 -10.36
C ALA B 104 8.44 -9.65 -10.75
N TYR B 105 8.30 -10.98 -10.55
CA TYR B 105 7.03 -11.62 -10.86
C TYR B 105 5.90 -11.05 -10.02
N LEU B 106 6.17 -10.75 -8.74
CA LEU B 106 5.14 -10.25 -7.84
C LEU B 106 4.62 -8.88 -8.26
N ALA B 107 5.48 -8.07 -8.86
CA ALA B 107 5.07 -6.74 -9.32
C ALA B 107 4.41 -6.76 -10.68
N LEU B 108 4.46 -7.89 -11.39
CA LEU B 108 3.97 -7.98 -12.76
C LEU B 108 2.73 -8.85 -12.92
N VAL B 109 2.63 -9.96 -12.20
CA VAL B 109 1.56 -10.93 -12.41
C VAL B 109 1.03 -11.41 -11.05
N GLU B 110 -0.11 -12.16 -11.11
CA GLU B 110 -0.81 -12.85 -10.05
C GLU B 110 -0.51 -14.34 -10.10
N PRO B 111 -0.56 -15.05 -8.97
CA PRO B 111 -0.29 -16.49 -9.00
C PRO B 111 -1.26 -17.21 -9.91
N GLY B 112 -0.72 -18.12 -10.71
CA GLY B 112 -1.52 -18.86 -11.68
C GLY B 112 -1.56 -18.26 -13.07
N ASP B 113 -1.11 -17.02 -13.24
CA ASP B 113 -1.11 -16.40 -14.55
C ASP B 113 -0.16 -17.12 -15.51
N THR B 114 -0.43 -16.98 -16.80
CA THR B 114 0.37 -17.62 -17.83
C THR B 114 1.59 -16.77 -18.16
N ILE B 115 2.75 -17.39 -18.20
CA ILE B 115 4.01 -16.73 -18.51
C ILE B 115 4.71 -17.53 -19.61
N LEU B 116 5.20 -16.83 -20.62
CA LEU B 116 5.94 -17.44 -21.73
C LEU B 116 7.42 -17.09 -21.60
N GLY B 117 8.25 -18.11 -21.42
CA GLY B 117 9.69 -17.89 -21.27
C GLY B 117 10.48 -18.92 -22.06
N MET B 118 11.79 -18.71 -22.09
CA MET B 118 12.67 -19.58 -22.85
C MET B 118 12.72 -20.97 -22.23
N ASP B 119 12.77 -22.00 -23.08
CA ASP B 119 12.76 -23.37 -22.59
C ASP B 119 14.01 -23.66 -21.77
N LEU B 120 13.82 -24.36 -20.65
CA LEU B 120 14.94 -24.69 -19.78
C LEU B 120 15.94 -25.63 -20.45
N SER B 121 15.51 -26.39 -21.45
CA SER B 121 16.43 -27.24 -22.20
C SER B 121 17.17 -26.50 -23.29
N ALA B 122 16.77 -25.27 -23.62
CA ALA B 122 17.38 -24.51 -24.71
C ALA B 122 17.94 -23.17 -24.24
N GLY B 123 18.17 -22.99 -22.94
CA GLY B 123 18.81 -21.79 -22.47
C GLY B 123 18.21 -21.18 -21.22
N GLY B 124 16.94 -21.46 -20.94
CA GLY B 124 16.27 -20.82 -19.83
C GLY B 124 16.87 -21.18 -18.49
N HIS B 125 16.71 -20.28 -17.53
CA HIS B 125 17.21 -20.49 -16.18
C HIS B 125 16.17 -21.22 -15.32
N LEU B 126 16.66 -21.78 -14.22
CA LEU B 126 15.80 -22.51 -13.29
C LEU B 126 14.64 -21.65 -12.81
N THR B 127 14.86 -20.35 -12.60
CA THR B 127 13.82 -19.43 -12.16
C THR B 127 12.89 -19.00 -13.29
N HIS B 128 12.92 -19.70 -14.43
CA HIS B 128 12.07 -19.38 -15.57
C HIS B 128 11.05 -20.49 -15.85
N GLY B 129 10.59 -21.18 -14.80
CA GLY B 129 9.51 -22.13 -14.96
C GLY B 129 9.81 -23.55 -14.54
N SER B 130 10.91 -23.77 -13.84
CA SER B 130 11.21 -25.12 -13.37
C SER B 130 10.15 -25.60 -12.39
N PRO B 131 9.62 -26.81 -12.56
CA PRO B 131 8.57 -27.30 -11.65
C PRO B 131 9.07 -27.60 -10.24
N VAL B 132 10.39 -27.71 -10.03
CA VAL B 132 10.95 -27.84 -8.70
C VAL B 132 11.38 -26.49 -8.13
N ASN B 133 11.04 -25.41 -8.82
CA ASN B 133 11.38 -24.05 -8.44
C ASN B 133 10.10 -23.27 -8.15
N PHE B 134 10.23 -22.17 -7.40
CA PHE B 134 9.06 -21.34 -7.09
C PHE B 134 8.36 -20.84 -8.35
N SER B 135 9.10 -20.62 -9.43
CA SER B 135 8.52 -20.10 -10.65
C SER B 135 7.50 -21.07 -11.24
N GLY B 136 7.92 -22.31 -11.51
CA GLY B 136 7.01 -23.28 -12.07
C GLY B 136 5.90 -23.68 -11.11
N LYS B 137 6.14 -23.54 -9.81
CA LYS B 137 5.12 -23.92 -8.83
C LYS B 137 4.04 -22.86 -8.68
N THR B 138 4.36 -21.58 -8.88
CA THR B 138 3.44 -20.50 -8.61
C THR B 138 2.67 -20.03 -9.83
N TYR B 139 3.26 -20.14 -11.02
CA TYR B 139 2.65 -19.63 -12.25
C TYR B 139 2.61 -20.74 -13.29
N HIS B 140 1.84 -20.48 -14.36
CA HIS B 140 1.68 -21.40 -15.47
C HIS B 140 2.65 -21.00 -16.58
N PHE B 141 3.73 -21.76 -16.73
CA PHE B 141 4.80 -21.42 -17.68
C PHE B 141 4.65 -22.23 -18.96
N VAL B 142 4.70 -21.54 -20.10
CA VAL B 142 4.86 -22.17 -21.40
C VAL B 142 6.20 -21.70 -21.97
N ALA B 143 6.75 -22.51 -22.87
CA ALA B 143 8.13 -22.34 -23.30
C ALA B 143 8.23 -22.07 -24.79
N TYR B 144 9.22 -21.24 -25.16
CA TYR B 144 9.69 -21.11 -26.52
C TYR B 144 11.14 -21.58 -26.58
N GLY B 145 11.50 -22.23 -27.67
CA GLY B 145 12.84 -22.79 -27.79
C GLY B 145 13.67 -22.16 -28.88
N VAL B 146 14.49 -22.97 -29.55
CA VAL B 146 15.34 -22.52 -30.65
C VAL B 146 15.07 -23.41 -31.86
N ASP B 147 15.40 -22.88 -33.03
CA ASP B 147 15.12 -23.57 -34.28
C ASP B 147 15.92 -24.88 -34.35
N PRO B 148 15.32 -25.96 -34.84
CA PRO B 148 16.06 -27.23 -34.91
C PRO B 148 17.23 -27.22 -35.88
N THR B 149 17.25 -26.32 -36.84
CA THR B 149 18.31 -26.27 -37.85
C THR B 149 19.41 -25.28 -37.50
N THR B 150 19.04 -24.05 -37.14
CA THR B 150 20.03 -23.01 -36.82
C THR B 150 20.37 -22.95 -35.33
N GLU B 151 19.55 -23.55 -34.47
CA GLU B 151 19.77 -23.59 -33.02
C GLU B 151 19.82 -22.19 -32.43
N VAL B 152 19.05 -21.25 -32.99
CA VAL B 152 18.89 -19.92 -32.44
C VAL B 152 17.39 -19.64 -32.31
N ILE B 153 17.08 -18.53 -31.63
CA ILE B 153 15.68 -18.16 -31.40
C ILE B 153 15.04 -17.73 -32.71
N ASP B 154 13.88 -18.30 -33.01
CA ASP B 154 13.05 -17.88 -34.13
C ASP B 154 11.97 -16.95 -33.58
N TYR B 155 12.07 -15.66 -33.90
CA TYR B 155 11.15 -14.68 -33.32
C TYR B 155 9.76 -14.79 -33.90
N ASN B 156 9.59 -15.44 -35.05
CA ASN B 156 8.25 -15.75 -35.53
C ASN B 156 7.61 -16.84 -34.68
N VAL B 157 8.40 -17.83 -34.26
CA VAL B 157 7.87 -18.88 -33.39
C VAL B 157 7.46 -18.30 -32.04
N VAL B 158 8.24 -17.34 -31.52
CA VAL B 158 7.85 -16.64 -30.30
C VAL B 158 6.53 -15.90 -30.53
N ARG B 159 6.39 -15.25 -31.68
CA ARG B 159 5.14 -14.58 -32.02
C ARG B 159 3.98 -15.57 -32.09
N ILE B 160 4.23 -16.75 -32.67
CA ILE B 160 3.17 -17.75 -32.79
C ILE B 160 2.71 -18.20 -31.41
N LEU B 161 3.64 -18.58 -30.55
CA LEU B 161 3.28 -19.11 -29.24
C LEU B 161 2.66 -18.05 -28.35
N ALA B 162 3.01 -16.77 -28.56
CA ALA B 162 2.41 -15.71 -27.77
C ALA B 162 0.94 -15.52 -28.11
N ARG B 163 0.60 -15.57 -29.40
CA ARG B 163 -0.80 -15.44 -29.80
C ARG B 163 -1.61 -16.67 -29.39
N LYS B 164 -0.99 -17.84 -29.34
CA LYS B 164 -1.71 -19.06 -29.01
C LYS B 164 -2.11 -19.07 -27.54
N HIS B 165 -1.16 -18.78 -26.64
CA HIS B 165 -1.38 -18.89 -25.20
C HIS B 165 -1.88 -17.61 -24.57
N GLN B 166 -1.67 -16.45 -25.22
CA GLN B 166 -2.01 -15.13 -24.70
C GLN B 166 -1.47 -14.94 -23.28
N PRO B 167 -0.15 -14.85 -23.11
CA PRO B 167 0.41 -14.74 -21.76
C PRO B 167 0.23 -13.34 -21.18
N LYS B 168 0.21 -13.27 -19.85
CA LYS B 168 0.25 -11.98 -19.18
C LYS B 168 1.67 -11.42 -19.12
N LEU B 169 2.69 -12.27 -19.27
CA LEU B 169 4.07 -11.85 -19.17
C LEU B 169 4.93 -12.69 -20.09
N ILE B 170 5.91 -12.05 -20.73
CA ILE B 170 6.90 -12.73 -21.54
C ILE B 170 8.27 -12.49 -20.92
N VAL B 171 9.06 -13.54 -20.79
CA VAL B 171 10.38 -13.47 -20.18
C VAL B 171 11.43 -13.73 -21.25
N ALA B 172 12.39 -12.81 -21.36
CA ALA B 172 13.56 -12.98 -22.21
C ALA B 172 14.81 -13.05 -21.33
N GLY B 173 15.86 -13.62 -21.89
CA GLY B 173 17.08 -13.85 -21.13
C GLY B 173 17.34 -15.33 -20.94
N ALA B 174 18.62 -15.69 -20.81
CA ALA B 174 18.98 -17.10 -20.76
C ALA B 174 20.23 -17.28 -19.89
N SER B 175 20.50 -18.55 -19.57
CA SER B 175 21.68 -18.95 -18.83
C SER B 175 22.67 -19.74 -19.66
N ALA B 176 22.25 -20.29 -20.80
CA ALA B 176 23.10 -21.12 -21.65
C ALA B 176 22.75 -20.87 -23.12
N TYR B 177 22.88 -19.62 -23.56
CA TYR B 177 22.55 -19.21 -24.92
C TYR B 177 23.61 -18.23 -25.40
N GLY B 178 24.39 -18.64 -26.40
CA GLY B 178 25.56 -17.91 -26.82
C GLY B 178 25.37 -16.89 -27.93
N ARG B 179 24.13 -16.57 -28.29
CA ARG B 179 23.86 -15.65 -29.38
C ARG B 179 23.13 -14.43 -28.87
N THR B 180 23.20 -13.36 -29.66
CA THR B 180 22.52 -12.12 -29.32
C THR B 180 21.03 -12.35 -29.16
N ILE B 181 20.46 -11.72 -28.13
CA ILE B 181 19.01 -11.72 -27.90
C ILE B 181 18.50 -10.34 -28.26
N ASP B 182 17.49 -10.30 -29.13
CA ASP B 182 17.00 -9.01 -29.58
C ASP B 182 15.79 -8.60 -28.74
N PHE B 183 16.03 -7.70 -27.79
CA PHE B 183 14.99 -7.28 -26.87
C PHE B 183 13.96 -6.37 -27.54
N ALA B 184 14.35 -5.69 -28.62
CA ALA B 184 13.40 -4.86 -29.34
C ALA B 184 12.32 -5.69 -30.02
N LYS B 185 12.68 -6.88 -30.53
CA LYS B 185 11.65 -7.74 -31.11
C LYS B 185 10.74 -8.33 -30.05
N PHE B 186 11.25 -8.60 -28.84
CA PHE B 186 10.39 -9.11 -27.77
C PHE B 186 9.35 -8.07 -27.36
N ARG B 187 9.73 -6.79 -27.35
CA ARG B 187 8.79 -5.73 -26.99
C ARG B 187 7.65 -5.67 -28.00
N GLU B 188 7.96 -5.78 -29.30
CA GLU B 188 6.92 -5.75 -30.32
C GLU B 188 5.94 -6.90 -30.14
N ILE B 189 6.46 -8.11 -29.88
CA ILE B 189 5.58 -9.25 -29.67
C ILE B 189 4.73 -9.05 -28.42
N ALA B 190 5.33 -8.48 -27.37
CA ALA B 190 4.57 -8.21 -26.15
C ALA B 190 3.47 -7.18 -26.40
N ASP B 191 3.79 -6.12 -27.17
CA ASP B 191 2.78 -5.12 -27.50
C ASP B 191 1.62 -5.72 -28.27
N GLU B 192 1.88 -6.72 -29.11
CA GLU B 192 0.84 -7.23 -30.00
C GLU B 192 -0.22 -7.99 -29.22
N VAL B 193 0.17 -8.73 -28.18
CA VAL B 193 -0.76 -9.55 -27.41
C VAL B 193 -1.16 -8.92 -26.09
N GLY B 194 -0.69 -7.70 -25.80
CA GLY B 194 -1.04 -7.04 -24.57
C GLY B 194 -0.34 -7.55 -23.33
N ALA B 195 0.82 -8.18 -23.48
CA ALA B 195 1.56 -8.73 -22.37
C ALA B 195 2.67 -7.79 -21.92
N LYS B 196 3.07 -7.94 -20.67
CA LYS B 196 4.25 -7.25 -20.17
C LYS B 196 5.51 -8.03 -20.58
N LEU B 197 6.65 -7.34 -20.52
CA LEU B 197 7.93 -7.93 -20.88
C LEU B 197 8.89 -7.81 -19.71
N MET B 198 9.51 -8.93 -19.34
CA MET B 198 10.52 -8.97 -18.29
C MET B 198 11.77 -9.61 -18.88
N VAL B 199 12.92 -8.98 -18.66
CA VAL B 199 14.19 -9.47 -19.19
C VAL B 199 15.12 -9.76 -18.03
N ASP B 200 15.72 -10.95 -18.04
CA ASP B 200 16.68 -11.39 -17.05
C ASP B 200 18.05 -11.42 -17.71
N MET B 201 18.84 -10.38 -17.48
CA MET B 201 20.12 -10.19 -18.16
C MET B 201 21.32 -10.60 -17.30
N ALA B 202 21.11 -11.54 -16.36
CA ALA B 202 22.15 -11.85 -15.39
C ALA B 202 23.45 -12.28 -16.04
N HIS B 203 23.38 -13.15 -17.06
CA HIS B 203 24.60 -13.67 -17.66
C HIS B 203 25.34 -12.61 -18.47
N ILE B 204 24.63 -11.64 -19.04
CA ILE B 204 25.20 -10.72 -20.00
C ILE B 204 25.23 -9.28 -19.49
N ALA B 205 24.93 -9.06 -18.21
CA ALA B 205 24.83 -7.70 -17.69
C ALA B 205 26.14 -6.93 -17.86
N GLY B 206 27.28 -7.63 -17.73
CA GLY B 206 28.56 -6.96 -17.94
C GLY B 206 28.75 -6.54 -19.39
N LEU B 207 28.34 -7.39 -20.33
CA LEU B 207 28.41 -7.02 -21.74
C LEU B 207 27.44 -5.89 -22.06
N VAL B 208 26.25 -5.91 -21.44
CA VAL B 208 25.30 -4.82 -21.63
C VAL B 208 25.89 -3.51 -21.10
N ALA B 209 26.52 -3.56 -19.92
CA ALA B 209 27.10 -2.36 -19.33
C ALA B 209 28.18 -1.75 -20.23
N ALA B 210 28.95 -2.59 -20.92
CA ALA B 210 29.99 -2.10 -21.82
C ALA B 210 29.46 -1.70 -23.19
N GLY B 211 28.17 -1.86 -23.44
CA GLY B 211 27.60 -1.51 -24.73
C GLY B 211 27.92 -2.51 -25.83
N LEU B 212 28.15 -3.77 -25.48
CA LEU B 212 28.47 -4.82 -26.44
C LEU B 212 27.33 -5.78 -26.67
N HIS B 213 26.16 -5.54 -26.07
CA HIS B 213 24.96 -6.32 -26.29
C HIS B 213 23.79 -5.37 -26.16
N PRO B 214 22.70 -5.58 -26.92
CA PRO B 214 21.52 -4.73 -26.79
C PRO B 214 21.08 -4.57 -25.35
N ASN B 215 20.72 -3.33 -24.99
CA ASN B 215 20.30 -3.02 -23.62
C ASN B 215 18.79 -3.20 -23.50
N PRO B 216 18.30 -4.05 -22.59
CA PRO B 216 16.86 -4.27 -22.49
C PRO B 216 16.11 -3.24 -21.68
N VAL B 217 16.81 -2.32 -21.00
CA VAL B 217 16.14 -1.38 -20.10
C VAL B 217 15.10 -0.52 -20.81
N PRO B 218 15.36 0.06 -21.99
CA PRO B 218 14.31 0.83 -22.66
C PRO B 218 13.13 0.00 -23.15
N TYR B 219 13.27 -1.32 -23.21
CA TYR B 219 12.24 -2.18 -23.79
C TYR B 219 11.45 -2.99 -22.76
N ALA B 220 12.11 -3.51 -21.73
CA ALA B 220 11.43 -4.35 -20.76
C ALA B 220 10.65 -3.50 -19.76
N ASP B 221 9.48 -4.00 -19.35
CA ASP B 221 8.77 -3.37 -18.24
C ASP B 221 9.64 -3.42 -16.99
N ILE B 222 10.31 -4.53 -16.75
CA ILE B 222 11.21 -4.72 -15.61
C ILE B 222 12.42 -5.51 -16.09
N THR B 223 13.62 -5.06 -15.70
CA THR B 223 14.85 -5.78 -15.97
C THR B 223 15.43 -6.28 -14.65
N THR B 224 15.75 -7.57 -14.60
CA THR B 224 16.39 -8.18 -13.45
C THR B 224 17.79 -8.65 -13.82
N THR B 225 18.65 -8.76 -12.81
CA THR B 225 20.02 -9.20 -13.04
C THR B 225 20.66 -9.60 -11.73
N THR B 226 21.70 -10.43 -11.83
CA THR B 226 22.65 -10.59 -10.76
C THR B 226 23.72 -9.50 -10.87
N THR B 227 24.43 -9.27 -9.76
CA THR B 227 25.56 -8.36 -9.80
C THR B 227 26.89 -9.06 -10.01
N HIS B 228 26.94 -10.39 -9.86
CA HIS B 228 28.14 -11.14 -10.18
C HIS B 228 28.07 -11.62 -11.63
N THR B 230 29.28 -11.78 -15.43
CA THR B 230 30.04 -10.90 -16.31
C THR B 230 30.17 -9.48 -15.76
N LEU B 231 29.30 -9.09 -14.82
CA LEU B 231 29.44 -7.78 -14.19
C LEU B 231 30.64 -7.73 -13.24
N ARG B 232 31.14 -8.88 -12.80
CA ARG B 232 32.30 -8.98 -11.91
C ARG B 232 32.06 -8.25 -10.59
N GLY B 233 30.83 -8.29 -10.10
CA GLY B 233 30.51 -7.72 -8.83
C GLY B 233 30.38 -8.78 -7.75
N PRO B 234 29.98 -8.37 -6.55
CA PRO B 234 29.74 -9.35 -5.49
C PRO B 234 28.46 -10.12 -5.76
N ARG B 235 28.30 -11.22 -5.04
CA ARG B 235 27.12 -12.07 -5.19
C ARG B 235 25.88 -11.33 -4.70
N GLY B 236 24.93 -11.11 -5.60
CA GLY B 236 23.71 -10.39 -5.25
C GLY B 236 22.86 -10.17 -6.49
N GLY B 237 21.75 -9.45 -6.29
CA GLY B 237 20.81 -9.19 -7.35
C GLY B 237 20.43 -7.72 -7.43
N MET B 238 19.71 -7.38 -8.49
CA MET B 238 19.31 -6.01 -8.75
C MET B 238 18.13 -5.99 -9.71
N ILE B 239 17.30 -4.96 -9.59
CA ILE B 239 16.09 -4.79 -10.40
C ILE B 239 16.05 -3.35 -10.92
N LEU B 240 15.79 -3.20 -12.22
CA LEU B 240 15.76 -1.90 -12.88
C LEU B 240 14.44 -1.68 -13.59
N THR B 241 14.04 -0.42 -13.71
CA THR B 241 12.82 -0.06 -14.44
C THR B 241 12.84 1.43 -14.74
N ASN B 242 12.08 1.81 -15.78
CA ASN B 242 11.82 3.19 -16.11
C ASN B 242 10.41 3.64 -15.73
N ASP B 243 9.56 2.71 -15.28
CA ASP B 243 8.19 3.01 -14.89
C ASP B 243 8.14 3.31 -13.39
N GLU B 244 7.72 4.53 -13.04
CA GLU B 244 7.69 4.91 -11.64
C GLU B 244 6.67 4.09 -10.86
N ALA B 245 5.52 3.80 -11.46
CA ALA B 245 4.51 3.00 -10.78
C ALA B 245 5.01 1.59 -10.51
N LEU B 246 5.70 0.99 -11.49
CA LEU B 246 6.30 -0.32 -11.27
C LEU B 246 7.45 -0.24 -10.26
N ALA B 247 8.18 0.88 -10.24
CA ALA B 247 9.29 1.02 -9.30
C ALA B 247 8.80 0.96 -7.86
N LYS B 248 7.61 1.52 -7.59
CA LYS B 248 7.06 1.44 -6.25
C LYS B 248 6.61 0.02 -5.92
N LYS B 249 6.00 -0.67 -6.89
CA LYS B 249 5.62 -2.07 -6.67
C LYS B 249 6.86 -2.93 -6.48
N ILE B 250 7.93 -2.64 -7.21
CA ILE B 250 9.19 -3.38 -7.03
C ILE B 250 9.73 -3.17 -5.63
N ASN B 251 9.76 -1.91 -5.18
CA ASN B 251 10.26 -1.61 -3.85
C ASN B 251 9.43 -2.29 -2.77
N SER B 252 8.10 -2.32 -2.95
CA SER B 252 7.24 -2.97 -1.98
C SER B 252 7.40 -4.48 -2.02
N ALA B 253 7.67 -5.05 -3.21
CA ALA B 253 7.83 -6.49 -3.31
C ALA B 253 9.14 -6.97 -2.68
N VAL B 254 10.19 -6.17 -2.77
CA VAL B 254 11.46 -6.56 -2.12
C VAL B 254 11.33 -6.48 -0.62
N PHE B 255 10.89 -5.33 -0.10
CA PHE B 255 10.63 -5.13 1.32
C PHE B 255 9.37 -4.28 1.44
N PRO B 256 8.38 -4.69 2.25
CA PRO B 256 8.41 -5.87 3.12
C PRO B 256 7.92 -7.15 2.44
N GLY B 257 7.93 -7.19 1.11
CA GLY B 257 7.40 -8.31 0.36
C GLY B 257 8.03 -9.65 0.65
N ILE B 258 9.31 -9.83 0.28
CA ILE B 258 9.95 -11.15 0.36
C ILE B 258 11.25 -11.11 1.13
N GLN B 259 11.75 -9.92 1.44
CA GLN B 259 13.01 -9.79 2.16
C GLN B 259 12.80 -8.93 3.40
N GLY B 260 13.84 -8.91 4.25
CA GLY B 260 13.85 -8.07 5.43
C GLY B 260 14.95 -7.03 5.34
N GLY B 261 15.94 -7.12 6.23
CA GLY B 261 17.08 -6.24 6.18
C GLY B 261 18.00 -6.57 5.03
N PRO B 262 18.45 -5.55 4.30
CA PRO B 262 19.42 -5.77 3.22
C PRO B 262 20.83 -5.98 3.76
N LEU B 263 21.69 -6.49 2.88
CA LEU B 263 23.11 -6.67 3.17
C LEU B 263 23.84 -5.44 2.66
N GLU B 264 24.00 -4.44 3.51
CA GLU B 264 24.57 -3.18 3.05
C GLU B 264 26.07 -3.27 2.80
N HIS B 265 26.77 -4.25 3.40
CA HIS B 265 28.17 -4.45 3.06
C HIS B 265 28.32 -5.06 1.67
N VAL B 266 27.37 -5.90 1.26
CA VAL B 266 27.35 -6.37 -0.11
C VAL B 266 26.95 -5.25 -1.06
N ILE B 267 25.99 -4.42 -0.64
CA ILE B 267 25.56 -3.29 -1.45
C ILE B 267 26.72 -2.31 -1.66
N ALA B 268 27.56 -2.14 -0.63
CA ALA B 268 28.78 -1.36 -0.81
C ALA B 268 29.67 -1.98 -1.89
N GLY B 269 29.81 -3.31 -1.87
CA GLY B 269 30.54 -3.96 -2.94
C GLY B 269 29.89 -3.79 -4.30
N LYS B 270 28.56 -3.69 -4.34
CA LYS B 270 27.88 -3.40 -5.59
C LYS B 270 28.25 -2.02 -6.12
N ALA B 271 28.27 -1.01 -5.23
CA ALA B 271 28.63 0.34 -5.65
C ALA B 271 30.07 0.39 -6.12
N VAL B 272 30.95 -0.37 -5.47
CA VAL B 272 32.34 -0.47 -5.92
C VAL B 272 32.42 -1.08 -7.30
N ALA B 273 31.66 -2.17 -7.53
CA ALA B 273 31.72 -2.85 -8.83
C ALA B 273 31.10 -2.01 -9.93
N PHE B 274 30.10 -1.18 -9.61
CA PHE B 274 29.49 -0.34 -10.63
C PHE B 274 30.46 0.75 -11.09
N LYS B 275 31.21 1.34 -10.14
CA LYS B 275 32.22 2.32 -10.51
C LYS B 275 33.33 1.69 -11.35
N GLU B 276 33.74 0.46 -11.00
CA GLU B 276 34.71 -0.25 -11.82
C GLU B 276 34.16 -0.51 -13.22
N ALA B 277 32.84 -0.68 -13.35
CA ALA B 277 32.25 -0.91 -14.65
C ALA B 277 32.07 0.38 -15.44
N LEU B 278 31.94 1.51 -14.76
CA LEU B 278 31.86 2.80 -15.43
C LEU B 278 33.20 3.26 -15.99
N ASP B 279 34.31 2.59 -15.63
CA ASP B 279 35.65 2.92 -16.10
C ASP B 279 35.88 2.35 -17.49
N PRO B 280 36.59 3.07 -18.36
CA PRO B 280 36.85 2.55 -19.72
C PRO B 280 37.60 1.22 -19.72
N ALA B 281 38.32 0.88 -18.64
CA ALA B 281 39.02 -0.40 -18.60
C ALA B 281 38.05 -1.58 -18.63
N PHE B 282 36.82 -1.38 -18.13
CA PHE B 282 35.86 -2.48 -18.11
C PHE B 282 35.33 -2.79 -19.50
N LYS B 283 35.17 -1.77 -20.34
CA LYS B 283 34.74 -2.03 -21.72
C LYS B 283 35.79 -2.84 -22.48
N GLU B 284 37.07 -2.47 -22.33
CA GLU B 284 38.14 -3.25 -22.94
C GLU B 284 38.21 -4.65 -22.35
N TYR B 285 37.87 -4.80 -21.07
CA TYR B 285 37.77 -6.13 -20.48
C TYR B 285 36.67 -6.95 -21.14
N SER B 286 35.50 -6.34 -21.33
CA SER B 286 34.36 -7.06 -21.89
C SER B 286 34.60 -7.41 -23.35
N GLU B 287 35.25 -6.52 -24.10
CA GLU B 287 35.62 -6.84 -25.48
C GLU B 287 36.54 -8.05 -25.54
N GLN B 288 37.49 -8.14 -24.61
CA GLN B 288 38.38 -9.29 -24.56
C GLN B 288 37.63 -10.57 -24.24
N ILE B 289 36.55 -10.48 -23.47
CA ILE B 289 35.72 -11.65 -23.18
C ILE B 289 35.18 -12.25 -24.47
N ILE B 290 34.57 -11.41 -25.31
CA ILE B 290 33.95 -11.90 -26.53
C ILE B 290 35.01 -12.38 -27.51
N ALA B 291 36.14 -11.68 -27.58
CA ALA B 291 37.21 -12.09 -28.49
C ALA B 291 37.80 -13.43 -28.09
N ASN B 292 38.00 -13.64 -26.77
CA ASN B 292 38.50 -14.93 -26.31
C ASN B 292 37.50 -16.04 -26.61
N ALA B 293 36.21 -15.76 -26.45
CA ALA B 293 35.19 -16.78 -26.68
C ALA B 293 35.11 -17.16 -28.15
N LYS B 294 35.20 -16.17 -29.05
CA LYS B 294 35.16 -16.47 -30.48
C LYS B 294 36.39 -17.26 -30.92
N ALA B 295 37.55 -16.99 -30.31
CA ALA B 295 38.76 -17.73 -30.67
C ALA B 295 38.62 -19.21 -30.31
N MET B 296 38.00 -19.50 -29.17
CA MET B 296 37.81 -20.90 -28.77
C MET B 296 36.81 -21.60 -29.69
N VAL B 297 35.73 -20.90 -30.06
CA VAL B 297 34.73 -21.50 -30.95
C VAL B 297 35.37 -21.91 -32.26
N LYS B 298 36.29 -21.08 -32.79
CA LYS B 298 36.97 -21.44 -34.02
C LYS B 298 37.73 -22.74 -33.88
N VAL B 299 38.36 -22.97 -32.73
CA VAL B 299 39.09 -24.23 -32.52
C VAL B 299 38.12 -25.40 -32.47
N PHE B 300 36.94 -25.21 -31.87
CA PHE B 300 35.99 -26.31 -31.70
C PHE B 300 35.29 -26.66 -33.01
N ASN B 301 35.04 -25.66 -33.86
CA ASN B 301 34.41 -25.94 -35.15
C ASN B 301 35.31 -26.82 -36.01
N GLN B 302 36.60 -26.48 -36.06
CA GLN B 302 37.54 -27.18 -36.92
C GLN B 302 38.04 -28.49 -36.33
N ALA B 303 37.77 -28.77 -35.05
CA ALA B 303 38.24 -29.99 -34.42
C ALA B 303 37.27 -31.14 -34.67
N ILE B 304 37.81 -32.35 -34.73
CA ILE B 304 36.99 -33.55 -34.86
C ILE B 304 36.51 -33.98 -33.48
N GLY B 305 35.20 -34.12 -33.33
CA GLY B 305 34.60 -34.55 -32.08
C GLY B 305 33.86 -33.47 -31.33
N THR B 306 33.90 -32.22 -31.78
CA THR B 306 33.25 -31.11 -31.11
C THR B 306 32.39 -30.35 -32.10
N ARG B 307 31.13 -30.11 -31.73
CA ARG B 307 30.19 -29.34 -32.54
C ARG B 307 29.68 -28.18 -31.71
N VAL B 308 30.01 -26.95 -32.12
CA VAL B 308 29.49 -25.77 -31.44
C VAL B 308 28.01 -25.62 -31.77
N ILE B 309 27.19 -25.51 -30.72
CA ILE B 309 25.76 -25.26 -30.92
C ILE B 309 25.59 -23.91 -31.60
N SER B 310 24.81 -23.90 -32.69
CA SER B 310 24.56 -22.72 -33.53
C SER B 310 25.81 -22.31 -34.32
N GLY B 311 26.94 -22.94 -34.03
CA GLY B 311 28.15 -22.76 -34.82
C GLY B 311 28.94 -21.49 -34.55
N ALA B 312 28.47 -20.61 -33.67
CA ALA B 312 29.19 -19.37 -33.37
C ALA B 312 28.73 -18.86 -32.01
N THR B 313 29.32 -17.76 -31.57
CA THR B 313 28.93 -17.09 -30.35
C THR B 313 28.97 -15.59 -30.55
N ASP B 314 28.06 -14.89 -29.88
CA ASP B 314 28.04 -13.44 -29.86
C ASP B 314 28.37 -12.88 -28.47
N ASN B 315 28.56 -13.75 -27.48
CA ASN B 315 28.81 -13.28 -26.12
C ASN B 315 29.97 -14.01 -25.47
N HIS B 316 29.80 -14.40 -24.21
CA HIS B 316 30.85 -14.93 -23.36
C HIS B 316 30.89 -16.45 -23.32
N LEU B 317 29.90 -17.14 -23.87
CA LEU B 317 29.80 -18.58 -23.65
C LEU B 317 29.56 -19.34 -24.95
N MET B 318 29.67 -20.66 -24.83
CA MET B 318 29.47 -21.59 -25.93
C MET B 318 28.99 -22.91 -25.36
N LEU B 319 28.18 -23.61 -26.15
CA LEU B 319 27.76 -24.97 -25.86
C LEU B 319 28.41 -25.91 -26.87
N ILE B 320 28.93 -27.04 -26.38
CA ILE B 320 29.74 -27.95 -27.19
C ILE B 320 29.11 -29.33 -27.15
N ASP B 321 28.61 -29.78 -28.30
CA ASP B 321 28.12 -31.15 -28.43
C ASP B 321 29.30 -32.11 -28.56
N VAL B 322 29.28 -33.18 -27.77
CA VAL B 322 30.41 -34.08 -27.64
C VAL B 322 30.04 -35.53 -28.01
N ARG B 323 28.83 -35.75 -28.52
CA ARG B 323 28.37 -37.11 -28.76
C ARG B 323 29.20 -37.80 -29.84
N GLU B 324 29.74 -37.05 -30.79
CA GLU B 324 30.54 -37.64 -31.86
C GLU B 324 31.83 -38.26 -31.35
N LEU B 325 32.31 -37.84 -30.19
CA LEU B 325 33.43 -38.49 -29.53
C LEU B 325 33.04 -39.78 -28.83
N GLY B 326 31.75 -40.11 -28.79
CA GLY B 326 31.28 -41.21 -27.97
C GLY B 326 31.26 -40.87 -26.49
N ILE B 327 30.86 -39.66 -26.15
CA ILE B 327 31.03 -39.10 -24.82
C ILE B 327 29.77 -38.35 -24.43
N ASN B 328 29.41 -38.42 -23.14
CA ASN B 328 28.35 -37.57 -22.60
C ASN B 328 28.92 -36.25 -22.12
N GLY B 329 28.02 -35.33 -21.75
CA GLY B 329 28.47 -34.14 -21.04
C GLY B 329 29.08 -34.47 -19.70
N LYS B 330 28.47 -35.39 -18.96
CA LYS B 330 29.02 -35.80 -17.68
C LYS B 330 30.36 -36.49 -17.85
N GLU B 331 30.51 -37.29 -18.90
CA GLU B 331 31.78 -37.94 -19.17
C GLU B 331 32.86 -36.90 -19.52
N ALA B 332 32.52 -35.92 -20.36
CA ALA B 332 33.49 -34.89 -20.73
C ALA B 332 33.86 -34.04 -19.53
N GLU B 333 32.91 -33.78 -18.64
CA GLU B 333 33.21 -33.01 -17.43
C GLU B 333 34.19 -33.74 -16.53
N SER B 334 34.08 -35.07 -16.45
CA SER B 334 35.00 -35.85 -15.62
C SER B 334 36.39 -35.88 -16.24
N ILE B 335 36.48 -36.00 -17.57
CA ILE B 335 37.78 -36.04 -18.23
C ILE B 335 38.54 -34.74 -18.01
N LEU B 336 37.85 -33.60 -18.22
CA LEU B 336 38.51 -32.31 -18.06
C LEU B 336 38.84 -32.00 -16.61
N ASP B 337 38.03 -32.50 -15.66
CA ASP B 337 38.30 -32.26 -14.26
C ASP B 337 39.60 -32.95 -13.82
N SER B 338 39.87 -34.13 -14.38
CA SER B 338 41.08 -34.87 -14.02
C SER B 338 42.36 -34.18 -14.50
N VAL B 339 42.25 -33.18 -15.38
CA VAL B 339 43.43 -32.46 -15.85
C VAL B 339 43.31 -30.98 -15.50
N ASN B 340 42.55 -30.68 -14.45
CA ASN B 340 42.47 -29.35 -13.85
C ASN B 340 41.82 -28.33 -14.80
N ILE B 341 40.75 -28.74 -15.47
CA ILE B 341 39.94 -27.85 -16.31
C ILE B 341 38.50 -28.00 -15.88
N THR B 342 37.88 -26.90 -15.47
CA THR B 342 36.55 -26.92 -14.88
C THR B 342 35.51 -26.42 -15.89
N VAL B 343 34.66 -27.34 -16.36
CA VAL B 343 33.46 -26.98 -17.10
C VAL B 343 32.28 -27.63 -16.40
N ASN B 344 31.09 -27.52 -16.99
CA ASN B 344 29.93 -28.22 -16.48
C ASN B 344 29.14 -28.82 -17.64
N LYS B 345 28.62 -30.02 -17.44
CA LYS B 345 27.75 -30.64 -18.43
C LYS B 345 26.51 -29.77 -18.64
N ASN B 346 25.95 -29.84 -19.83
CA ASN B 346 24.83 -28.97 -20.18
C ASN B 346 24.02 -29.61 -21.28
N SER B 347 22.70 -29.52 -21.15
CA SER B 347 21.80 -30.04 -22.17
C SER B 347 21.91 -29.20 -23.44
N ILE B 348 21.79 -29.85 -24.59
CA ILE B 348 21.85 -29.16 -25.87
C ILE B 348 20.42 -29.04 -26.40
N PRO B 349 20.16 -28.11 -27.33
CA PRO B 349 18.81 -27.99 -27.88
C PRO B 349 18.30 -29.32 -28.43
N PHE B 350 17.05 -29.65 -28.09
CA PHE B 350 16.44 -30.93 -28.45
C PHE B 350 17.28 -32.09 -27.94
N GLU B 351 17.55 -32.07 -26.64
CA GLU B 351 18.40 -33.07 -26.02
C GLU B 351 17.77 -34.45 -26.09
N THR B 352 18.58 -35.44 -26.48
CA THR B 352 18.07 -36.81 -26.57
C THR B 352 18.09 -37.51 -25.20
N LEU B 353 19.17 -37.35 -24.43
CA LEU B 353 19.32 -38.05 -23.17
C LEU B 353 18.75 -37.21 -22.03
N SER B 354 19.03 -37.63 -20.80
CA SER B 354 18.50 -37.03 -19.59
C SER B 354 19.45 -35.97 -19.07
N PRO B 355 18.94 -35.02 -18.26
CA PRO B 355 19.84 -34.06 -17.61
C PRO B 355 20.87 -34.71 -16.69
N PHE B 356 20.68 -35.98 -16.31
CA PHE B 356 21.66 -36.71 -15.53
C PHE B 356 22.92 -37.03 -16.32
N LYS B 357 22.92 -36.81 -17.63
CA LYS B 357 24.09 -37.08 -18.45
C LYS B 357 24.22 -36.06 -19.57
N THR B 358 23.09 -35.50 -20.00
CA THR B 358 23.04 -34.48 -21.05
C THR B 358 23.75 -34.97 -22.32
N SER B 359 24.20 -34.02 -23.15
CA SER B 359 24.94 -34.33 -24.36
C SER B 359 26.08 -33.35 -24.65
N GLY B 360 26.24 -32.31 -23.84
CA GLY B 360 27.21 -31.30 -24.16
C GLY B 360 27.78 -30.69 -22.90
N ILE B 361 28.66 -29.72 -23.10
CA ILE B 361 29.28 -28.97 -22.01
C ILE B 361 29.14 -27.50 -22.31
N ARG B 362 29.10 -26.69 -21.24
CA ARG B 362 29.08 -25.25 -21.36
C ARG B 362 30.44 -24.70 -21.00
N ILE B 363 30.90 -23.71 -21.77
CA ILE B 363 32.22 -23.11 -21.60
C ILE B 363 32.08 -21.60 -21.68
N GLY B 364 32.74 -20.89 -20.76
CA GLY B 364 32.73 -19.44 -20.77
C GLY B 364 34.11 -18.89 -20.50
N THR B 365 34.33 -17.67 -20.97
CA THR B 365 35.64 -17.00 -20.88
C THR B 365 35.78 -15.86 -19.86
N PRO B 366 34.73 -15.36 -19.18
CA PRO B 366 34.96 -14.21 -18.30
C PRO B 366 36.00 -14.45 -17.22
N ALA B 367 36.12 -15.67 -16.71
CA ALA B 367 37.05 -15.93 -15.61
C ALA B 367 38.50 -15.88 -16.10
N ILE B 368 38.82 -16.63 -17.17
CA ILE B 368 40.20 -16.64 -17.66
C ILE B 368 40.58 -15.28 -18.22
N THR B 369 39.60 -14.52 -18.72
CA THR B 369 39.87 -13.18 -19.22
C THR B 369 40.29 -12.25 -18.08
N THR B 370 39.66 -12.39 -16.92
CA THR B 370 40.05 -11.60 -15.76
C THR B 370 41.47 -11.95 -15.31
N ARG B 371 41.87 -13.21 -15.45
CA ARG B 371 43.24 -13.61 -15.14
C ARG B 371 44.25 -13.07 -16.14
N GLY B 372 43.80 -12.49 -17.25
CA GLY B 372 44.68 -11.91 -18.24
C GLY B 372 44.86 -12.70 -19.51
N PHE B 373 44.10 -13.77 -19.71
CA PHE B 373 44.22 -14.55 -20.93
C PHE B 373 43.84 -13.72 -22.14
N LYS B 374 44.60 -13.87 -23.22
CA LYS B 374 44.28 -13.25 -24.50
C LYS B 374 43.88 -14.34 -25.50
N GLU B 375 43.72 -13.94 -26.76
CA GLU B 375 43.23 -14.89 -27.77
C GLU B 375 44.20 -16.05 -27.96
N GLU B 376 45.51 -15.76 -28.00
CA GLU B 376 46.49 -16.84 -28.18
C GLU B 376 46.41 -17.83 -27.03
N ASP B 377 46.21 -17.34 -25.80
CA ASP B 377 46.08 -18.23 -24.66
C ASP B 377 44.72 -18.94 -24.67
N ALA B 378 43.66 -18.22 -25.03
CA ALA B 378 42.34 -18.85 -25.14
C ALA B 378 42.29 -19.89 -26.24
N VAL B 379 43.15 -19.79 -27.25
CA VAL B 379 43.22 -20.84 -28.26
C VAL B 379 43.93 -22.06 -27.71
N LYS B 380 44.94 -21.86 -26.86
CA LYS B 380 45.64 -22.99 -26.26
C LYS B 380 44.74 -23.78 -25.33
N VAL B 381 43.87 -23.10 -24.57
CA VAL B 381 42.98 -23.81 -23.66
C VAL B 381 41.98 -24.66 -24.45
N ALA B 382 41.51 -24.14 -25.60
CA ALA B 382 40.60 -24.92 -26.43
C ALA B 382 41.31 -26.11 -27.06
N GLU B 383 42.57 -25.95 -27.45
CA GLU B 383 43.34 -27.07 -27.97
C GLU B 383 43.57 -28.12 -26.90
N LEU B 384 43.82 -27.69 -25.66
CA LEU B 384 44.00 -28.64 -24.56
C LEU B 384 42.71 -29.38 -24.24
N VAL B 385 41.56 -28.72 -24.40
CA VAL B 385 40.28 -29.38 -24.15
C VAL B 385 40.07 -30.50 -25.17
N VAL B 386 40.22 -30.18 -26.46
CA VAL B 386 40.01 -31.18 -27.51
C VAL B 386 40.96 -32.36 -27.34
N LYS B 387 42.23 -32.08 -27.03
CA LYS B 387 43.20 -33.16 -26.86
C LYS B 387 42.82 -34.08 -25.70
N ALA B 388 42.31 -33.51 -24.61
CA ALA B 388 41.89 -34.33 -23.48
C ALA B 388 40.64 -35.14 -23.84
N LEU B 389 39.67 -34.52 -24.52
CA LEU B 389 38.46 -35.23 -24.89
C LEU B 389 38.68 -36.23 -26.01
N GLN B 390 39.72 -36.04 -26.84
CA GLN B 390 40.02 -37.00 -27.88
C GLN B 390 40.85 -38.16 -27.37
N ALA B 391 41.68 -37.94 -26.35
CA ALA B 391 42.44 -39.01 -25.72
C ALA B 391 41.48 -39.95 -25.02
N LYS B 392 41.31 -41.15 -25.58
CA LYS B 392 40.37 -42.14 -25.05
C LYS B 392 41.03 -42.88 -23.89
N ASP B 393 41.03 -42.23 -22.73
CA ASP B 393 41.58 -42.79 -21.49
C ASP B 393 43.06 -43.14 -21.62
N ASP B 394 43.78 -42.40 -22.45
CA ASP B 394 45.23 -42.59 -22.62
C ASP B 394 45.95 -41.59 -21.73
N ASN B 395 46.53 -42.08 -20.64
CA ASN B 395 47.12 -41.20 -19.63
C ASN B 395 48.36 -40.46 -20.13
N ALA B 396 49.00 -40.95 -21.20
CA ALA B 396 50.15 -40.26 -21.75
C ALA B 396 49.75 -38.90 -22.31
N GLN B 397 48.58 -38.83 -22.96
CA GLN B 397 48.09 -37.57 -23.48
C GLN B 397 47.55 -36.67 -22.37
N LEU B 398 46.80 -37.25 -21.43
CA LEU B 398 46.21 -36.46 -20.35
C LEU B 398 47.29 -35.85 -19.45
N ASP B 399 48.43 -36.54 -19.30
CA ASP B 399 49.55 -35.95 -18.58
C ASP B 399 50.12 -34.75 -19.34
N GLU B 400 50.05 -34.78 -20.67
CA GLU B 400 50.59 -33.67 -21.46
C GLU B 400 49.70 -32.43 -21.34
N VAL B 401 48.37 -32.61 -21.34
CA VAL B 401 47.50 -31.46 -21.18
C VAL B 401 47.54 -30.95 -19.74
N LYS B 402 47.73 -31.85 -18.77
CA LYS B 402 47.88 -31.42 -17.39
C LYS B 402 49.14 -30.58 -17.22
N THR B 403 50.19 -30.91 -17.97
CA THR B 403 51.37 -30.05 -18.00
C THR B 403 51.05 -28.73 -18.67
N GLY B 404 50.20 -28.76 -19.71
CA GLY B 404 49.89 -27.53 -20.44
C GLY B 404 49.09 -26.53 -19.61
N VAL B 405 48.16 -27.03 -18.79
CA VAL B 405 47.36 -26.11 -17.98
C VAL B 405 48.21 -25.49 -16.87
N ARG B 406 49.24 -26.21 -16.40
CA ARG B 406 50.16 -25.60 -15.44
C ARG B 406 50.94 -24.47 -16.08
N GLU B 407 51.33 -24.63 -17.34
CA GLU B 407 51.98 -23.53 -18.07
C GLU B 407 51.11 -22.27 -18.05
N LEU B 408 49.81 -22.44 -18.27
CA LEU B 408 48.92 -21.29 -18.38
C LEU B 408 48.69 -20.64 -17.02
N THR B 409 48.36 -21.44 -16.00
CA THR B 409 48.08 -20.86 -14.69
C THR B 409 49.32 -20.24 -14.07
N GLU B 410 50.49 -20.84 -14.30
CA GLU B 410 51.74 -20.22 -13.85
C GLU B 410 52.05 -18.96 -14.64
N LYS B 411 51.65 -18.90 -15.91
CA LYS B 411 51.89 -17.72 -16.72
C LYS B 411 50.96 -16.57 -16.31
N PHE B 412 49.75 -16.87 -15.87
CA PHE B 412 48.76 -15.87 -15.48
C PHE B 412 48.39 -16.06 -14.02
N PRO B 413 49.15 -15.51 -13.08
CA PRO B 413 48.81 -15.66 -11.67
C PRO B 413 47.58 -14.84 -11.29
N LEU B 414 46.82 -15.37 -10.33
CA LEU B 414 45.59 -14.73 -9.86
C LEU B 414 45.78 -14.08 -8.50
N HIS B 415 46.05 -14.86 -7.46
CA HIS B 415 46.35 -14.32 -6.14
C HIS B 415 47.82 -14.56 -5.79
N ASP C 6 -48.98 9.17 -5.47
CA ASP C 6 -49.12 7.96 -4.66
C ASP C 6 -48.44 8.11 -3.31
N TYR C 7 -47.12 8.27 -3.33
CA TYR C 7 -46.30 8.27 -2.13
C TYR C 7 -46.23 9.62 -1.43
N LYS C 8 -46.90 10.64 -1.94
CA LYS C 8 -46.79 11.99 -1.38
C LYS C 8 -47.79 12.26 -0.25
N THR C 9 -48.92 11.55 -0.22
CA THR C 9 -49.90 11.81 0.82
C THR C 9 -49.40 11.40 2.19
N PHE C 10 -48.48 10.43 2.25
CA PHE C 10 -47.91 10.01 3.52
C PHE C 10 -47.12 11.13 4.18
N ASP C 11 -46.57 12.05 3.38
CA ASP C 11 -45.71 13.12 3.87
C ASP C 11 -46.07 14.41 3.14
N PRO C 12 -47.14 15.09 3.58
CA PRO C 12 -47.51 16.35 2.90
C PRO C 12 -46.53 17.48 3.16
N ASP C 13 -45.93 17.55 4.36
CA ASP C 13 -45.03 18.66 4.66
C ASP C 13 -43.77 18.63 3.82
N LEU C 14 -43.23 17.43 3.57
CA LEU C 14 -41.99 17.32 2.79
C LEU C 14 -42.22 17.76 1.35
N TRP C 15 -43.18 17.13 0.67
CA TRP C 15 -43.38 17.39 -0.75
C TRP C 15 -43.96 18.77 -1.01
N ALA C 16 -44.66 19.36 -0.04
CA ALA C 16 -45.10 20.75 -0.21
C ALA C 16 -43.89 21.69 -0.19
N ALA C 17 -42.96 21.50 0.73
CA ALA C 17 -41.75 22.31 0.76
C ALA C 17 -40.97 22.20 -0.54
N ILE C 18 -40.89 20.98 -1.08
CA ILE C 18 -40.22 20.80 -2.37
C ILE C 18 -40.99 21.48 -3.49
N ALA C 19 -42.33 21.39 -3.45
CA ALA C 19 -43.14 22.06 -4.45
C ALA C 19 -42.96 23.56 -4.39
N LYS C 20 -42.91 24.12 -3.17
CA LYS C 20 -42.68 25.56 -3.04
C LYS C 20 -41.26 25.94 -3.46
N GLU C 21 -40.31 25.01 -3.35
CA GLU C 21 -38.96 25.31 -3.81
C GLU C 21 -38.87 25.32 -5.33
N GLU C 22 -39.65 24.46 -6.01
CA GLU C 22 -39.69 24.53 -7.46
C GLU C 22 -40.32 25.84 -7.93
N GLU C 23 -41.33 26.32 -7.20
CA GLU C 23 -41.91 27.62 -7.52
C GLU C 23 -40.92 28.75 -7.26
N ARG C 24 -40.07 28.61 -6.24
CA ARG C 24 -39.10 29.67 -5.94
C ARG C 24 -38.07 29.79 -7.06
N GLN C 25 -37.49 28.66 -7.48
CA GLN C 25 -36.53 28.69 -8.58
C GLN C 25 -37.18 29.16 -9.88
N GLU C 26 -38.48 28.90 -10.03
CA GLU C 26 -39.17 29.32 -11.25
C GLU C 26 -39.27 30.84 -11.34
N HIS C 27 -39.63 31.49 -10.24
CA HIS C 27 -39.92 32.93 -10.23
C HIS C 27 -38.74 33.76 -9.73
N ASN C 28 -37.56 33.18 -9.61
CA ASN C 28 -36.38 33.89 -9.14
C ASN C 28 -35.35 33.98 -10.25
N LEU C 29 -34.61 35.09 -10.25
CA LEU C 29 -33.46 35.28 -11.13
C LEU C 29 -32.21 34.88 -10.35
N GLU C 30 -31.70 33.68 -10.61
CA GLU C 30 -30.55 33.15 -9.89
C GLU C 30 -29.27 33.63 -10.58
N LEU C 31 -28.55 34.53 -9.90
CA LEU C 31 -27.29 35.07 -10.41
C LEU C 31 -26.08 34.59 -9.62
N ILE C 32 -26.25 33.60 -8.74
CA ILE C 32 -25.12 33.07 -7.98
C ILE C 32 -24.26 32.21 -8.91
N ALA C 33 -22.96 32.49 -8.93
CA ALA C 33 -22.08 31.99 -9.98
C ALA C 33 -21.87 30.48 -9.93
N SER C 34 -22.10 29.84 -8.79
CA SER C 34 -21.85 28.41 -8.64
C SER C 34 -23.10 27.56 -8.83
N GLU C 35 -24.24 28.16 -9.12
CA GLU C 35 -25.51 27.45 -9.25
C GLU C 35 -25.80 27.11 -10.71
N ASN C 36 -26.64 26.10 -10.90
CA ASN C 36 -27.04 25.69 -12.24
C ASN C 36 -28.31 24.84 -12.12
N PHE C 37 -28.87 24.51 -13.28
CA PHE C 37 -30.07 23.69 -13.38
C PHE C 37 -29.75 22.46 -14.23
N VAL C 38 -29.81 21.28 -13.63
CA VAL C 38 -29.43 20.05 -14.32
C VAL C 38 -30.61 19.50 -15.11
N SER C 39 -30.35 18.51 -15.95
CA SER C 39 -31.35 17.97 -16.87
C SER C 39 -32.27 16.98 -16.16
N GLU C 40 -33.36 16.65 -16.84
CA GLU C 40 -34.27 15.63 -16.35
C GLU C 40 -33.59 14.27 -16.24
N ALA C 41 -32.67 13.97 -17.17
CA ALA C 41 -31.97 12.70 -17.13
C ALA C 41 -31.05 12.60 -15.91
N VAL C 42 -30.38 13.70 -15.57
CA VAL C 42 -29.49 13.69 -14.41
C VAL C 42 -30.27 13.40 -13.13
N MET C 43 -31.40 14.10 -12.95
CA MET C 43 -32.20 13.88 -11.75
C MET C 43 -32.80 12.48 -11.70
N ALA C 44 -33.17 11.92 -12.85
CA ALA C 44 -33.68 10.56 -12.87
C ALA C 44 -32.61 9.55 -12.50
N ALA C 45 -31.38 9.75 -12.99
CA ALA C 45 -30.27 8.88 -12.60
C ALA C 45 -30.00 9.00 -11.11
N GLN C 46 -30.11 10.20 -10.57
CA GLN C 46 -29.96 10.40 -9.12
C GLN C 46 -31.10 9.75 -8.36
N GLY C 47 -32.27 9.67 -8.95
CA GLY C 47 -33.42 9.01 -8.35
C GLY C 47 -33.55 7.55 -8.69
N SER C 48 -32.50 6.92 -9.22
CA SER C 48 -32.57 5.53 -9.63
C SER C 48 -32.37 4.61 -8.42
N ILE C 49 -32.56 3.31 -8.65
CA ILE C 49 -32.37 2.31 -7.59
C ILE C 49 -30.91 2.05 -7.27
N LEU C 50 -29.97 2.73 -7.95
CA LEU C 50 -28.54 2.57 -7.68
C LEU C 50 -28.14 3.03 -6.29
N THR C 51 -28.98 3.80 -5.60
CA THR C 51 -28.71 4.18 -4.22
C THR C 51 -28.71 3.00 -3.27
N ASN C 52 -29.14 1.82 -3.73
CA ASN C 52 -29.19 0.62 -2.90
C ASN C 52 -27.91 -0.21 -2.96
N LYS C 53 -27.00 0.10 -3.88
CA LYS C 53 -25.85 -0.75 -4.16
C LYS C 53 -24.62 -0.25 -3.39
N TYR C 54 -23.97 -1.14 -2.66
CA TYR C 54 -22.72 -0.83 -1.96
C TYR C 54 -21.64 -1.29 -2.89
N ALA C 55 -20.73 -0.42 -3.22
CA ALA C 55 -19.68 -0.70 -4.20
C ALA C 55 -18.33 -0.22 -3.70
N GLU C 56 -17.98 -0.60 -2.47
CA GLU C 56 -16.66 -0.26 -1.94
C GLU C 56 -15.58 -0.88 -2.80
N GLY C 57 -14.59 -0.08 -3.17
CA GLY C 57 -13.56 -0.48 -4.09
C GLY C 57 -13.69 0.23 -5.43
N TYR C 58 -13.10 -0.38 -6.45
CA TYR C 58 -13.02 0.22 -7.77
C TYR C 58 -13.41 -0.80 -8.82
N PRO C 59 -13.88 -0.36 -9.98
CA PRO C 59 -14.30 -1.30 -11.03
C PRO C 59 -13.20 -2.30 -11.36
N GLY C 60 -13.58 -3.58 -11.39
CA GLY C 60 -12.65 -4.66 -11.59
C GLY C 60 -12.03 -5.20 -10.33
N HIS C 61 -12.13 -4.49 -9.19
CA HIS C 61 -11.55 -4.89 -7.92
C HIS C 61 -12.45 -4.39 -6.79
N ARG C 62 -13.63 -5.00 -6.65
CA ARG C 62 -14.61 -4.57 -5.67
C ARG C 62 -14.53 -5.43 -4.41
N TYR C 63 -14.87 -4.82 -3.27
CA TYR C 63 -14.95 -5.54 -2.01
C TYR C 63 -16.04 -6.61 -2.06
N TYR C 64 -17.15 -6.32 -2.73
CA TYR C 64 -18.34 -7.14 -2.70
C TYR C 64 -18.57 -7.81 -4.05
N GLY C 65 -19.56 -8.69 -4.08
CA GLY C 65 -19.98 -9.34 -5.31
C GLY C 65 -21.17 -8.65 -5.95
N GLY C 66 -21.47 -9.06 -7.18
CA GLY C 66 -22.62 -8.53 -7.88
C GLY C 66 -22.48 -7.09 -8.34
N CYS C 67 -21.27 -6.66 -8.69
CA CYS C 67 -21.03 -5.31 -9.17
C CYS C 67 -20.83 -5.26 -10.68
N GLU C 68 -21.38 -6.24 -11.42
CA GLU C 68 -21.10 -6.34 -12.85
C GLU C 68 -21.60 -5.12 -13.61
N PHE C 69 -22.78 -4.63 -13.27
CA PHE C 69 -23.37 -3.51 -14.00
C PHE C 69 -23.08 -2.16 -13.37
N VAL C 70 -22.83 -2.12 -12.06
CA VAL C 70 -22.36 -0.87 -11.46
C VAL C 70 -20.95 -0.55 -11.93
N ASP C 71 -20.13 -1.58 -12.14
CA ASP C 71 -18.83 -1.35 -12.77
C ASP C 71 -18.98 -0.83 -14.20
N ILE C 72 -20.06 -1.21 -14.88
CA ILE C 72 -20.35 -0.62 -16.19
C ILE C 72 -20.66 0.86 -16.05
N VAL C 73 -21.48 1.22 -15.05
CA VAL C 73 -21.87 2.62 -14.87
C VAL C 73 -20.68 3.47 -14.48
N GLU C 74 -19.94 3.05 -13.44
CA GLU C 74 -18.81 3.83 -12.99
C GLU C 74 -17.75 3.98 -14.08
N ASN C 75 -17.49 2.91 -14.82
CA ASN C 75 -16.54 3.00 -15.93
C ASN C 75 -17.05 3.92 -17.03
N LEU C 76 -18.37 4.00 -17.20
CA LEU C 76 -18.93 4.98 -18.13
C LEU C 76 -18.60 6.40 -17.70
N ALA C 77 -18.74 6.68 -16.41
CA ALA C 77 -18.35 8.00 -15.90
C ALA C 77 -16.84 8.21 -16.01
N ILE C 78 -16.06 7.17 -15.75
CA ILE C 78 -14.60 7.29 -15.82
C ILE C 78 -14.15 7.51 -17.25
N ASP C 79 -14.64 6.69 -18.18
CA ASP C 79 -14.18 6.76 -19.56
C ASP C 79 -14.63 8.06 -20.24
N ARG C 80 -15.86 8.49 -19.94
CA ARG C 80 -16.34 9.75 -20.53
C ARG C 80 -15.58 10.94 -19.97
N ALA C 81 -15.22 10.89 -18.68
CA ALA C 81 -14.43 11.97 -18.10
C ALA C 81 -13.05 12.04 -18.73
N LYS C 82 -12.41 10.89 -18.94
CA LYS C 82 -11.13 10.88 -19.64
C LYS C 82 -11.26 11.41 -21.05
N GLU C 83 -12.36 11.08 -21.72
CA GLU C 83 -12.60 11.60 -23.06
C GLU C 83 -12.85 13.11 -23.02
N LEU C 84 -13.62 13.57 -22.02
CA LEU C 84 -14.00 14.97 -21.96
C LEU C 84 -12.81 15.88 -21.72
N PHE C 85 -11.87 15.46 -20.89
CA PHE C 85 -10.78 16.32 -20.45
C PHE C 85 -9.40 15.87 -20.92
N GLY C 86 -9.30 14.70 -21.55
CA GLY C 86 -8.02 14.24 -22.06
C GLY C 86 -7.07 13.71 -21.01
N ALA C 87 -7.57 13.26 -19.87
CA ALA C 87 -6.73 12.71 -18.83
C ALA C 87 -6.58 11.20 -19.01
N LYS C 88 -5.45 10.67 -18.55
CA LYS C 88 -5.21 9.24 -18.64
C LYS C 88 -5.91 8.45 -17.53
N PHE C 89 -6.22 9.09 -16.41
CA PHE C 89 -6.86 8.43 -15.28
C PHE C 89 -7.90 9.36 -14.68
N ALA C 90 -8.92 8.75 -14.06
CA ALA C 90 -9.98 9.51 -13.42
C ALA C 90 -10.49 8.75 -12.20
N ASN C 91 -10.89 9.52 -11.17
CA ASN C 91 -11.55 8.99 -9.99
C ASN C 91 -12.84 9.77 -9.80
N VAL C 92 -13.98 9.09 -9.99
CA VAL C 92 -15.29 9.73 -9.96
C VAL C 92 -16.02 9.50 -8.66
N GLN C 93 -15.35 8.99 -7.64
CA GLN C 93 -15.98 8.67 -6.36
C GLN C 93 -16.06 9.79 -5.32
N PRO C 94 -15.32 10.91 -5.41
CA PRO C 94 -15.43 11.94 -4.36
C PRO C 94 -16.86 12.44 -4.19
N HIS C 95 -17.29 12.51 -2.93
CA HIS C 95 -18.64 12.95 -2.61
C HIS C 95 -18.87 14.42 -2.93
N SER C 96 -17.81 15.22 -3.00
CA SER C 96 -17.94 16.66 -3.17
C SER C 96 -16.63 17.21 -3.70
N GLY C 97 -16.60 18.53 -3.91
CA GLY C 97 -15.35 19.18 -4.24
C GLY C 97 -14.38 19.22 -3.07
N SER C 98 -14.91 19.37 -1.85
CA SER C 98 -14.04 19.38 -0.67
C SER C 98 -13.38 18.03 -0.46
N GLN C 99 -14.13 16.93 -0.63
CA GLN C 99 -13.53 15.61 -0.50
C GLN C 99 -12.51 15.35 -1.59
N ALA C 100 -12.77 15.83 -2.81
CA ALA C 100 -11.80 15.65 -3.89
C ALA C 100 -10.50 16.39 -3.58
N ASN C 101 -10.59 17.59 -2.99
CA ASN C 101 -9.38 18.31 -2.60
C ASN C 101 -8.70 17.66 -1.41
N THR C 102 -9.47 17.08 -0.48
CA THR C 102 -8.89 16.38 0.66
C THR C 102 -8.00 15.24 0.19
N ALA C 103 -8.50 14.42 -0.75
CA ALA C 103 -7.73 13.28 -1.23
C ALA C 103 -6.52 13.70 -2.04
N ALA C 104 -6.62 14.79 -2.80
CA ALA C 104 -5.50 15.26 -3.60
C ALA C 104 -4.33 15.67 -2.73
N TYR C 105 -4.60 16.44 -1.68
CA TYR C 105 -3.54 16.80 -0.73
C TYR C 105 -2.89 15.56 -0.13
N LEU C 106 -3.69 14.55 0.21
CA LEU C 106 -3.15 13.33 0.80
C LEU C 106 -2.26 12.58 -0.17
N ALA C 107 -2.49 12.75 -1.47
CA ALA C 107 -1.66 12.10 -2.48
C ALA C 107 -0.40 12.88 -2.83
N LEU C 108 -0.29 14.12 -2.38
CA LEU C 108 0.79 15.00 -2.82
C LEU C 108 1.73 15.42 -1.69
N VAL C 109 1.21 15.66 -0.48
CA VAL C 109 2.00 16.24 0.60
C VAL C 109 1.71 15.50 1.90
N GLU C 110 2.56 15.77 2.89
CA GLU C 110 2.46 15.33 4.28
C GLU C 110 1.96 16.47 5.15
N PRO C 111 1.36 16.16 6.30
CA PRO C 111 0.86 17.23 7.17
C PRO C 111 1.98 18.14 7.64
N GLY C 112 1.71 19.45 7.61
CA GLY C 112 2.69 20.44 7.98
C GLY C 112 3.50 21.00 6.82
N ASP C 113 3.44 20.37 5.65
CA ASP C 113 4.18 20.87 4.50
C ASP C 113 3.64 22.24 4.07
N THR C 114 4.50 22.99 3.38
CA THR C 114 4.14 24.32 2.90
C THR C 114 3.43 24.22 1.56
N ILE C 115 2.27 24.87 1.46
CA ILE C 115 1.48 24.92 0.24
C ILE C 115 1.25 26.38 -0.13
N LEU C 116 1.47 26.72 -1.39
CA LEU C 116 1.24 28.07 -1.90
C LEU C 116 -0.02 28.06 -2.74
N GLY C 117 -1.01 28.86 -2.34
CA GLY C 117 -2.27 28.94 -3.06
C GLY C 117 -2.76 30.36 -3.17
N MET C 118 -3.86 30.53 -3.90
CA MET C 118 -4.43 31.85 -4.09
C MET C 118 -5.07 32.35 -2.80
N ASP C 119 -4.81 33.61 -2.46
CA ASP C 119 -5.37 34.20 -1.26
C ASP C 119 -6.89 34.17 -1.32
N LEU C 120 -7.51 33.97 -0.15
CA LEU C 120 -8.95 33.84 -0.10
C LEU C 120 -9.65 35.15 -0.44
N SER C 121 -9.02 36.30 -0.17
CA SER C 121 -9.58 37.58 -0.57
C SER C 121 -9.41 37.85 -2.05
N ALA C 122 -8.45 37.19 -2.71
CA ALA C 122 -8.22 37.37 -4.13
C ALA C 122 -9.00 36.39 -4.98
N GLY C 123 -9.78 35.50 -4.38
CA GLY C 123 -10.57 34.53 -5.12
C GLY C 123 -10.33 33.09 -4.74
N GLY C 124 -9.43 32.78 -3.82
CA GLY C 124 -9.20 31.40 -3.44
C GLY C 124 -10.37 30.82 -2.68
N HIS C 125 -10.51 29.50 -2.76
CA HIS C 125 -11.63 28.82 -2.13
C HIS C 125 -11.32 28.50 -0.66
N LEU C 126 -12.39 28.23 0.08
CA LEU C 126 -12.26 27.86 1.50
C LEU C 126 -11.28 26.71 1.70
N THR C 127 -11.28 25.72 0.81
CA THR C 127 -10.40 24.56 0.91
C THR C 127 -8.97 24.85 0.45
N HIS C 128 -8.61 26.12 0.28
CA HIS C 128 -7.27 26.51 -0.17
C HIS C 128 -6.49 27.21 0.93
N GLY C 129 -6.75 26.86 2.19
CA GLY C 129 -5.91 27.34 3.27
C GLY C 129 -6.61 28.10 4.38
N SER C 130 -7.94 28.02 4.43
CA SER C 130 -8.67 28.73 5.48
C SER C 130 -8.35 28.13 6.84
N PRO C 131 -8.08 28.96 7.86
CA PRO C 131 -7.74 28.42 9.19
C PRO C 131 -8.90 27.74 9.89
N VAL C 132 -10.14 27.90 9.42
CA VAL C 132 -11.29 27.19 9.97
C VAL C 132 -11.64 25.96 9.16
N ASN C 133 -10.88 25.65 8.12
CA ASN C 133 -11.08 24.50 7.25
C ASN C 133 -9.96 23.50 7.48
N PHE C 134 -10.17 22.26 7.03
CA PHE C 134 -9.14 21.23 7.15
C PHE C 134 -7.85 21.63 6.45
N SER C 135 -7.95 22.48 5.42
CA SER C 135 -6.77 22.84 4.63
C SER C 135 -5.75 23.61 5.48
N GLY C 136 -6.17 24.76 6.03
CA GLY C 136 -5.29 25.54 6.89
C GLY C 136 -4.93 24.88 8.19
N LYS C 137 -5.78 23.98 8.71
CA LYS C 137 -5.48 23.32 9.97
C LYS C 137 -4.40 22.26 9.82
N THR C 138 -4.32 21.61 8.66
CA THR C 138 -3.44 20.47 8.47
C THR C 138 -2.11 20.83 7.81
N TYR C 139 -2.09 21.84 6.95
CA TYR C 139 -0.89 22.23 6.23
C TYR C 139 -0.58 23.70 6.49
N HIS C 140 0.64 24.10 6.11
CA HIS C 140 1.10 25.48 6.27
C HIS C 140 0.89 26.20 4.94
N PHE C 141 -0.16 27.01 4.87
CA PHE C 141 -0.53 27.69 3.64
C PHE C 141 0.05 29.09 3.57
N VAL C 142 0.60 29.44 2.41
CA VAL C 142 0.98 30.80 2.08
C VAL C 142 0.18 31.21 0.84
N ALA C 143 0.01 32.51 0.68
CA ALA C 143 -0.94 33.03 -0.31
C ALA C 143 -0.23 33.88 -1.35
N TYR C 144 -0.76 33.83 -2.57
CA TYR C 144 -0.48 34.82 -3.61
C TYR C 144 -1.79 35.50 -3.98
N GLY C 145 -1.71 36.81 -4.17
CA GLY C 145 -2.90 37.58 -4.48
C GLY C 145 -2.88 38.15 -5.89
N VAL C 146 -3.58 39.27 -6.08
CA VAL C 146 -3.63 39.93 -7.38
C VAL C 146 -3.03 41.33 -7.24
N ASP C 147 -2.58 41.86 -8.36
CA ASP C 147 -1.94 43.17 -8.37
C ASP C 147 -2.90 44.23 -7.85
N PRO C 148 -2.42 45.20 -7.05
CA PRO C 148 -3.34 46.20 -6.47
C PRO C 148 -3.96 47.12 -7.50
N THR C 149 -3.30 47.33 -8.65
CA THR C 149 -3.81 48.22 -9.69
C THR C 149 -4.71 47.48 -10.68
N THR C 150 -4.21 46.39 -11.25
CA THR C 150 -4.95 45.65 -12.27
C THR C 150 -5.88 44.59 -11.69
N GLU C 151 -5.69 44.20 -10.43
CA GLU C 151 -6.52 43.21 -9.76
C GLU C 151 -6.52 41.87 -10.49
N VAL C 152 -5.38 41.52 -11.10
CA VAL C 152 -5.18 40.23 -11.76
C VAL C 152 -3.89 39.62 -11.23
N ILE C 153 -3.69 38.34 -11.54
CA ILE C 153 -2.54 37.61 -11.04
C ILE C 153 -1.27 38.10 -11.74
N ASP C 154 -0.27 38.47 -10.95
CA ASP C 154 1.07 38.76 -11.44
C ASP C 154 1.92 37.51 -11.22
N TYR C 155 2.21 36.79 -12.31
CA TYR C 155 2.90 35.52 -12.19
C TYR C 155 4.36 35.69 -11.75
N ASN C 156 4.93 36.87 -11.92
CA ASN C 156 6.24 37.13 -11.34
C ASN C 156 6.17 37.11 -9.82
N VAL C 157 5.13 37.70 -9.25
CA VAL C 157 4.94 37.66 -7.79
C VAL C 157 4.78 36.23 -7.32
N VAL C 158 4.09 35.40 -8.11
CA VAL C 158 3.95 33.99 -7.76
C VAL C 158 5.32 33.32 -7.72
N ARG C 159 6.17 33.63 -8.70
CA ARG C 159 7.53 33.09 -8.71
C ARG C 159 8.33 33.60 -7.52
N ILE C 160 8.15 34.88 -7.16
CA ILE C 160 8.86 35.44 -6.01
C ILE C 160 8.52 34.68 -4.75
N LEU C 161 7.22 34.52 -4.47
CA LEU C 161 6.79 33.86 -3.25
C LEU C 161 7.16 32.38 -3.24
N ALA C 162 7.24 31.75 -4.42
CA ALA C 162 7.59 30.34 -4.48
C ALA C 162 9.04 30.10 -4.06
N ARG C 163 9.95 31.02 -4.42
CA ARG C 163 11.35 30.85 -4.08
C ARG C 163 11.67 31.29 -2.66
N LYS C 164 10.82 32.10 -2.04
CA LYS C 164 11.05 32.47 -0.64
C LYS C 164 10.57 31.37 0.31
N HIS C 165 9.44 30.73 -0.02
CA HIS C 165 8.83 29.76 0.86
C HIS C 165 9.15 28.32 0.48
N GLN C 166 9.63 28.07 -0.73
CA GLN C 166 9.94 26.75 -1.26
C GLN C 166 8.85 25.73 -0.92
N PRO C 167 7.62 25.93 -1.42
CA PRO C 167 6.54 25.02 -1.07
C PRO C 167 6.72 23.66 -1.73
N LYS C 168 6.17 22.64 -1.08
CA LYS C 168 6.13 21.32 -1.68
C LYS C 168 5.02 21.21 -2.73
N LEU C 169 4.03 22.10 -2.69
CA LEU C 169 2.91 22.06 -3.59
C LEU C 169 2.43 23.49 -3.87
N ILE C 170 2.05 23.75 -5.12
CA ILE C 170 1.45 25.02 -5.52
C ILE C 170 0.05 24.73 -6.03
N VAL C 171 -0.93 25.50 -5.55
CA VAL C 171 -2.33 25.31 -5.89
C VAL C 171 -2.80 26.47 -6.75
N ALA C 172 -3.39 26.15 -7.90
CA ALA C 172 -4.04 27.14 -8.76
C ALA C 172 -5.52 26.79 -8.88
N GLY C 173 -6.33 27.80 -9.12
CA GLY C 173 -7.77 27.64 -9.13
C GLY C 173 -8.45 28.64 -8.22
N ALA C 174 -9.70 28.99 -8.51
CA ALA C 174 -10.35 30.04 -7.75
C ALA C 174 -11.85 29.84 -7.75
N SER C 175 -12.51 30.51 -6.81
CA SER C 175 -13.97 30.56 -6.75
C SER C 175 -14.54 31.95 -6.95
N ALA C 176 -13.70 32.98 -7.07
CA ALA C 176 -14.13 34.35 -7.31
C ALA C 176 -13.04 35.09 -8.09
N TYR C 177 -12.75 34.61 -9.30
CA TYR C 177 -11.73 35.21 -10.15
C TYR C 177 -12.20 35.08 -11.58
N GLY C 178 -12.48 36.21 -12.23
CA GLY C 178 -13.12 36.22 -13.52
C GLY C 178 -12.22 36.20 -14.73
N ARG C 179 -10.91 36.09 -14.56
CA ARG C 179 -9.97 36.12 -15.66
C ARG C 179 -9.33 34.74 -15.87
N THR C 180 -8.71 34.56 -17.03
CA THR C 180 -8.04 33.30 -17.34
C THR C 180 -6.87 33.06 -16.40
N ILE C 181 -6.62 31.79 -16.11
CA ILE C 181 -5.51 31.37 -15.26
C ILE C 181 -4.53 30.61 -16.15
N ASP C 182 -3.28 31.06 -16.18
CA ASP C 182 -2.25 30.47 -17.04
C ASP C 182 -1.63 29.29 -16.32
N PHE C 183 -2.20 28.10 -16.54
CA PHE C 183 -1.68 26.90 -15.92
C PHE C 183 -0.31 26.51 -16.44
N ALA C 184 0.05 26.96 -17.65
CA ALA C 184 1.36 26.64 -18.20
C ALA C 184 2.47 27.38 -17.46
N LYS C 185 2.19 28.56 -16.93
CA LYS C 185 3.20 29.31 -16.17
C LYS C 185 3.29 28.82 -14.74
N PHE C 186 2.17 28.40 -14.14
CA PHE C 186 2.23 27.73 -12.84
C PHE C 186 3.09 26.47 -12.92
N ARG C 187 3.06 25.79 -14.07
CA ARG C 187 3.93 24.62 -14.25
C ARG C 187 5.39 25.02 -14.28
N GLU C 188 5.71 26.15 -14.92
CA GLU C 188 7.10 26.61 -14.98
C GLU C 188 7.63 26.96 -13.59
N ILE C 189 6.84 27.68 -12.80
CA ILE C 189 7.30 28.11 -11.48
C ILE C 189 7.49 26.91 -10.56
N ALA C 190 6.56 25.95 -10.60
CA ALA C 190 6.68 24.77 -9.74
C ALA C 190 7.93 23.97 -10.05
N ASP C 191 8.28 23.85 -11.34
CA ASP C 191 9.48 23.12 -11.71
C ASP C 191 10.74 23.84 -11.25
N GLU C 192 10.71 25.17 -11.19
CA GLU C 192 11.89 25.91 -10.75
C GLU C 192 12.18 25.68 -9.29
N VAL C 193 11.16 25.51 -8.45
CA VAL C 193 11.33 25.24 -7.04
C VAL C 193 11.12 23.76 -6.71
N GLY C 194 10.93 22.92 -7.71
CA GLY C 194 10.80 21.49 -7.47
C GLY C 194 9.53 21.08 -6.76
N ALA C 195 8.44 21.80 -6.95
CA ALA C 195 7.17 21.50 -6.30
C ALA C 195 6.20 20.86 -7.28
N LYS C 196 5.21 20.17 -6.71
CA LYS C 196 4.10 19.67 -7.52
C LYS C 196 3.09 20.79 -7.77
N LEU C 197 2.17 20.55 -8.70
CA LEU C 197 1.15 21.52 -9.05
C LEU C 197 -0.22 20.86 -9.00
N MET C 198 -1.16 21.51 -8.33
CA MET C 198 -2.54 21.04 -8.23
C MET C 198 -3.47 22.15 -8.69
N VAL C 199 -4.41 21.80 -9.57
CA VAL C 199 -5.36 22.77 -10.12
C VAL C 199 -6.77 22.37 -9.72
N ASP C 200 -7.48 23.30 -9.08
CA ASP C 200 -8.88 23.12 -8.71
C ASP C 200 -9.73 23.90 -9.71
N MET C 201 -10.24 23.20 -10.72
CA MET C 201 -10.99 23.82 -11.81
C MET C 201 -12.50 23.71 -11.62
N ALA C 202 -12.97 23.64 -10.37
CA ALA C 202 -14.38 23.37 -10.10
C ALA C 202 -15.28 24.41 -10.76
N HIS C 203 -14.96 25.70 -10.60
CA HIS C 203 -15.83 26.74 -11.13
C HIS C 203 -15.83 26.78 -12.65
N ILE C 204 -14.70 26.41 -13.28
CA ILE C 204 -14.53 26.60 -14.71
C ILE C 204 -14.50 25.27 -15.46
N ALA C 205 -14.85 24.16 -14.81
CA ALA C 205 -14.74 22.85 -15.44
C ALA C 205 -15.63 22.76 -16.68
N GLY C 206 -16.82 23.36 -16.64
CA GLY C 206 -17.68 23.36 -17.80
C GLY C 206 -17.08 24.11 -18.98
N LEU C 207 -16.42 25.25 -18.70
CA LEU C 207 -15.75 25.98 -19.76
C LEU C 207 -14.53 25.25 -20.26
N VAL C 208 -13.86 24.49 -19.39
CA VAL C 208 -12.71 23.69 -19.83
C VAL C 208 -13.18 22.55 -20.74
N ALA C 209 -14.28 21.90 -20.39
CA ALA C 209 -14.80 20.81 -21.20
C ALA C 209 -15.17 21.27 -22.60
N ALA C 210 -15.58 22.54 -22.75
CA ALA C 210 -15.95 23.09 -24.03
C ALA C 210 -14.78 23.69 -24.80
N GLY C 211 -13.60 23.75 -24.20
CA GLY C 211 -12.44 24.31 -24.86
C GLY C 211 -12.32 25.81 -24.81
N LEU C 212 -13.14 26.48 -23.99
CA LEU C 212 -13.13 27.94 -23.90
C LEU C 212 -12.24 28.47 -22.79
N HIS C 213 -11.56 27.60 -22.06
CA HIS C 213 -10.57 27.97 -21.06
C HIS C 213 -9.41 26.99 -21.16
N PRO C 214 -8.19 27.46 -20.91
CA PRO C 214 -7.04 26.54 -20.93
C PRO C 214 -7.26 25.31 -20.06
N ASN C 215 -6.89 24.15 -20.60
CA ASN C 215 -7.09 22.87 -19.92
C ASN C 215 -5.90 22.60 -19.00
N PRO C 216 -6.11 22.46 -17.68
CA PRO C 216 -4.97 22.25 -16.77
C PRO C 216 -4.48 20.82 -16.69
N VAL C 217 -5.17 19.85 -17.32
CA VAL C 217 -4.80 18.45 -17.16
C VAL C 217 -3.37 18.16 -17.60
N PRO C 218 -2.92 18.57 -18.80
CA PRO C 218 -1.54 18.23 -19.20
C PRO C 218 -0.47 18.93 -18.39
N TYR C 219 -0.82 19.88 -17.52
CA TYR C 219 0.15 20.66 -16.78
C TYR C 219 0.24 20.26 -15.30
N ALA C 220 -0.89 20.13 -14.63
CA ALA C 220 -0.88 19.83 -13.21
C ALA C 220 -0.55 18.36 -12.96
N ASP C 221 0.03 18.08 -11.80
CA ASP C 221 0.17 16.71 -11.37
C ASP C 221 -1.19 16.09 -11.05
N ILE C 222 -2.10 16.89 -10.49
CA ILE C 222 -3.43 16.46 -10.13
C ILE C 222 -4.40 17.60 -10.40
N THR C 223 -5.52 17.30 -11.05
CA THR C 223 -6.61 18.24 -11.23
C THR C 223 -7.83 17.74 -10.47
N THR C 224 -8.46 18.65 -9.71
CA THR C 224 -9.66 18.36 -8.96
C THR C 224 -10.79 19.25 -9.45
N THR C 225 -12.03 18.80 -9.26
CA THR C 225 -13.17 19.57 -9.73
C THR C 225 -14.45 19.09 -9.05
N THR C 226 -15.41 20.00 -8.98
CA THR C 226 -16.79 19.60 -8.71
C THR C 226 -17.42 19.11 -10.00
N THR C 227 -18.46 18.27 -9.86
CA THR C 227 -19.22 17.86 -11.03
C THR C 227 -20.41 18.78 -11.31
N HIS C 228 -20.81 19.60 -10.34
CA HIS C 228 -21.85 20.58 -10.57
C HIS C 228 -21.19 21.89 -11.03
N THR C 230 -20.43 24.88 -13.54
CA THR C 230 -20.48 25.07 -14.98
C THR C 230 -20.56 23.76 -15.75
N LEU C 231 -20.18 22.64 -15.13
CA LEU C 231 -20.35 21.35 -15.79
C LEU C 231 -21.81 20.89 -15.80
N ARG C 232 -22.68 21.55 -15.03
CA ARG C 232 -24.12 21.28 -15.01
C ARG C 232 -24.42 19.82 -14.69
N GLY C 233 -23.61 19.20 -13.84
CA GLY C 233 -23.85 17.85 -13.42
C GLY C 233 -24.40 17.77 -12.01
N PRO C 234 -24.53 16.56 -11.49
CA PRO C 234 -24.97 16.40 -10.10
C PRO C 234 -23.90 16.91 -9.14
N ARG C 235 -24.30 17.08 -7.88
CA ARG C 235 -23.35 17.53 -6.87
C ARG C 235 -22.41 16.40 -6.50
N GLY C 236 -21.11 16.66 -6.59
CA GLY C 236 -20.10 15.66 -6.34
C GLY C 236 -18.74 16.16 -6.78
N GLY C 237 -17.75 15.27 -6.66
CA GLY C 237 -16.38 15.62 -6.98
C GLY C 237 -15.75 14.61 -7.91
N MET C 238 -14.55 14.96 -8.38
CA MET C 238 -13.79 14.13 -9.30
C MET C 238 -12.33 14.55 -9.27
N ILE C 239 -11.44 13.59 -9.48
CA ILE C 239 -10.00 13.82 -9.53
C ILE C 239 -9.46 13.25 -10.84
N LEU C 240 -8.55 13.97 -11.48
CA LEU C 240 -7.94 13.58 -12.75
C LEU C 240 -6.43 13.67 -12.66
N THR C 241 -5.75 12.84 -13.44
CA THR C 241 -4.29 12.86 -13.51
C THR C 241 -3.83 12.10 -14.75
N ASN C 242 -2.62 12.43 -15.19
CA ASN C 242 -1.92 11.68 -16.24
C ASN C 242 -0.80 10.82 -15.71
N ASP C 243 -0.59 10.82 -14.39
CA ASP C 243 0.51 10.09 -13.75
C ASP C 243 -0.04 8.81 -13.17
N GLU C 244 0.40 7.66 -13.71
CA GLU C 244 -0.09 6.38 -13.22
C GLU C 244 0.27 6.18 -11.75
N ALA C 245 1.47 6.60 -11.35
CA ALA C 245 1.87 6.47 -9.95
C ALA C 245 0.98 7.28 -9.03
N LEU C 246 0.58 8.47 -9.47
CA LEU C 246 -0.32 9.29 -8.66
C LEU C 246 -1.75 8.76 -8.67
N ALA C 247 -2.19 8.19 -9.80
CA ALA C 247 -3.53 7.66 -9.89
C ALA C 247 -3.78 6.57 -8.85
N LYS C 248 -2.77 5.73 -8.60
CA LYS C 248 -2.90 4.71 -7.56
C LYS C 248 -2.95 5.34 -6.17
N LYS C 249 -2.13 6.36 -5.93
CA LYS C 249 -2.21 7.07 -4.65
C LYS C 249 -3.52 7.84 -4.52
N ILE C 250 -4.04 8.35 -5.63
CA ILE C 250 -5.33 9.04 -5.60
C ILE C 250 -6.45 8.06 -5.25
N ASN C 251 -6.46 6.90 -5.90
CA ASN C 251 -7.48 5.90 -5.62
C ASN C 251 -7.41 5.44 -4.17
N SER C 252 -6.20 5.21 -3.66
CA SER C 252 -6.04 4.79 -2.28
C SER C 252 -6.45 5.89 -1.31
N ALA C 253 -6.23 7.15 -1.66
CA ALA C 253 -6.58 8.24 -0.75
C ALA C 253 -8.08 8.42 -0.66
N VAL C 254 -8.81 8.23 -1.77
CA VAL C 254 -10.27 8.34 -1.73
C VAL C 254 -10.85 7.19 -0.91
N PHE C 255 -10.45 5.95 -1.22
CA PHE C 255 -10.85 4.78 -0.46
C PHE C 255 -9.67 3.82 -0.46
N PRO C 256 -9.28 3.27 0.70
CA PRO C 256 -9.92 3.41 2.01
C PRO C 256 -9.45 4.62 2.82
N GLY C 257 -8.86 5.61 2.15
CA GLY C 257 -8.31 6.77 2.83
C GLY C 257 -9.30 7.65 3.59
N ILE C 258 -10.22 8.30 2.88
CA ILE C 258 -11.09 9.28 3.50
C ILE C 258 -12.57 8.99 3.32
N GLN C 259 -12.97 8.13 2.39
CA GLN C 259 -14.37 7.83 2.15
C GLN C 259 -14.63 6.34 2.31
N GLY C 260 -15.91 6.00 2.38
CA GLY C 260 -16.33 4.61 2.39
C GLY C 260 -16.99 4.22 1.09
N GLY C 261 -18.25 3.82 1.15
CA GLY C 261 -18.99 3.49 -0.04
C GLY C 261 -19.26 4.71 -0.90
N PRO C 262 -19.09 4.57 -2.20
CA PRO C 262 -19.41 5.67 -3.12
C PRO C 262 -20.91 5.79 -3.33
N LEU C 263 -21.31 6.91 -3.93
CA LEU C 263 -22.70 7.18 -4.27
C LEU C 263 -22.88 6.86 -5.75
N GLU C 264 -23.28 5.62 -6.03
CA GLU C 264 -23.33 5.15 -7.41
C GLU C 264 -24.51 5.72 -8.20
N HIS C 265 -25.58 6.14 -7.52
CA HIS C 265 -26.66 6.83 -8.24
C HIS C 265 -26.24 8.23 -8.67
N VAL C 266 -25.39 8.90 -7.88
CA VAL C 266 -24.84 10.17 -8.30
C VAL C 266 -23.79 9.98 -9.39
N ILE C 267 -22.99 8.91 -9.28
CA ILE C 267 -22.02 8.61 -10.32
C ILE C 267 -22.73 8.32 -11.63
N ALA C 268 -23.89 7.65 -11.57
CA ALA C 268 -24.71 7.48 -12.76
C ALA C 268 -25.10 8.83 -13.35
N GLY C 269 -25.54 9.76 -12.48
CA GLY C 269 -25.82 11.10 -12.94
C GLY C 269 -24.59 11.83 -13.45
N LYS C 270 -23.41 11.50 -12.89
CA LYS C 270 -22.18 12.07 -13.41
C LYS C 270 -21.93 11.62 -14.84
N ALA C 271 -22.11 10.32 -15.11
CA ALA C 271 -21.93 9.80 -16.45
C ALA C 271 -22.94 10.41 -17.43
N VAL C 272 -24.16 10.65 -16.95
CA VAL C 272 -25.17 11.29 -17.80
C VAL C 272 -24.74 12.70 -18.18
N ALA C 273 -24.29 13.47 -17.20
CA ALA C 273 -23.86 14.84 -17.48
C ALA C 273 -22.62 14.89 -18.36
N PHE C 274 -21.73 13.89 -18.23
CA PHE C 274 -20.53 13.88 -19.05
C PHE C 274 -20.87 13.68 -20.52
N LYS C 275 -21.82 12.80 -20.83
CA LYS C 275 -22.22 12.60 -22.22
C LYS C 275 -22.94 13.83 -22.76
N GLU C 276 -23.73 14.50 -21.92
CA GLU C 276 -24.30 15.78 -22.32
C GLU C 276 -23.22 16.79 -22.63
N ALA C 277 -22.16 16.83 -21.81
CA ALA C 277 -21.06 17.75 -22.05
C ALA C 277 -20.22 17.36 -23.27
N LEU C 278 -20.31 16.10 -23.72
CA LEU C 278 -19.63 15.69 -24.93
C LEU C 278 -20.38 16.10 -26.19
N ASP C 279 -21.67 16.40 -26.07
CA ASP C 279 -22.46 16.81 -27.22
C ASP C 279 -22.01 18.17 -27.72
N PRO C 280 -22.10 18.43 -29.04
CA PRO C 280 -21.81 19.77 -29.55
C PRO C 280 -22.70 20.86 -28.95
N ALA C 281 -23.89 20.51 -28.46
CA ALA C 281 -24.77 21.50 -27.86
C ALA C 281 -24.20 22.10 -26.59
N PHE C 282 -23.30 21.40 -25.90
CA PHE C 282 -22.72 21.94 -24.68
C PHE C 282 -21.72 23.06 -24.99
N LYS C 283 -20.99 22.95 -26.11
CA LYS C 283 -20.09 24.03 -26.49
C LYS C 283 -20.87 25.29 -26.84
N GLU C 284 -22.02 25.13 -27.51
CA GLU C 284 -22.88 26.28 -27.77
C GLU C 284 -23.34 26.91 -26.46
N TYR C 285 -23.69 26.09 -25.48
CA TYR C 285 -24.18 26.61 -24.20
C TYR C 285 -23.07 27.34 -23.45
N SER C 286 -21.85 26.80 -23.48
CA SER C 286 -20.76 27.42 -22.73
C SER C 286 -20.29 28.72 -23.37
N GLU C 287 -20.35 28.81 -24.71
CA GLU C 287 -20.07 30.07 -25.37
C GLU C 287 -21.09 31.13 -24.98
N GLN C 288 -22.37 30.74 -24.90
CA GLN C 288 -23.41 31.67 -24.47
C GLN C 288 -23.20 32.13 -23.04
N ILE C 289 -22.59 31.29 -22.20
CA ILE C 289 -22.29 31.68 -20.82
C ILE C 289 -21.32 32.85 -20.81
N ILE C 290 -20.19 32.71 -21.51
CA ILE C 290 -19.18 33.77 -21.51
C ILE C 290 -19.69 35.01 -22.24
N ALA C 291 -20.51 34.82 -23.28
CA ALA C 291 -21.08 35.97 -23.96
C ALA C 291 -22.00 36.77 -23.03
N ASN C 292 -22.89 36.07 -22.32
CA ASN C 292 -23.78 36.75 -21.39
C ASN C 292 -23.01 37.41 -20.26
N ALA C 293 -21.92 36.78 -19.82
CA ALA C 293 -21.11 37.35 -18.75
C ALA C 293 -20.43 38.64 -19.20
N LYS C 294 -19.88 38.66 -20.42
CA LYS C 294 -19.27 39.87 -20.93
C LYS C 294 -20.30 40.96 -21.13
N ALA C 295 -21.50 40.60 -21.58
CA ALA C 295 -22.54 41.60 -21.83
C ALA C 295 -22.94 42.31 -20.54
N MET C 296 -23.08 41.57 -19.45
CA MET C 296 -23.42 42.19 -18.17
C MET C 296 -22.28 43.07 -17.68
N VAL C 297 -21.03 42.66 -17.92
CA VAL C 297 -19.89 43.46 -17.49
C VAL C 297 -19.88 44.82 -18.18
N LYS C 298 -20.24 44.85 -19.46
CA LYS C 298 -20.36 46.12 -20.16
C LYS C 298 -21.38 47.03 -19.48
N VAL C 299 -22.51 46.46 -19.06
CA VAL C 299 -23.56 47.26 -18.42
C VAL C 299 -23.09 47.80 -17.08
N PHE C 300 -22.37 46.98 -16.30
CA PHE C 300 -21.93 47.42 -14.98
C PHE C 300 -20.80 48.44 -15.08
N ASN C 301 -19.92 48.28 -16.07
CA ASN C 301 -18.80 49.21 -16.22
C ASN C 301 -19.28 50.61 -16.58
N GLN C 302 -20.32 50.70 -17.42
CA GLN C 302 -20.82 51.99 -17.85
C GLN C 302 -21.77 52.62 -16.85
N ALA C 303 -22.29 51.86 -15.90
CA ALA C 303 -23.20 52.39 -14.91
C ALA C 303 -22.44 53.20 -13.86
N ILE C 304 -23.18 54.04 -13.14
CA ILE C 304 -22.59 54.92 -12.13
C ILE C 304 -22.58 54.17 -10.80
N GLY C 305 -21.39 53.84 -10.33
CA GLY C 305 -21.21 53.27 -9.01
C GLY C 305 -20.88 51.80 -8.97
N THR C 306 -21.22 51.05 -10.03
CA THR C 306 -20.88 49.64 -10.11
C THR C 306 -19.53 49.51 -10.79
N ARG C 307 -18.53 49.04 -10.04
CA ARG C 307 -17.17 48.90 -10.54
C ARG C 307 -16.84 47.41 -10.68
N VAL C 308 -16.60 46.97 -11.91
CA VAL C 308 -16.21 45.59 -12.16
C VAL C 308 -14.75 45.43 -11.76
N ILE C 309 -14.48 44.48 -10.86
CA ILE C 309 -13.11 44.22 -10.45
C ILE C 309 -12.31 43.72 -11.63
N SER C 310 -11.12 44.29 -11.82
CA SER C 310 -10.20 44.07 -12.94
C SER C 310 -10.77 44.59 -14.26
N GLY C 311 -11.94 45.22 -14.26
CA GLY C 311 -12.47 45.89 -15.43
C GLY C 311 -13.05 44.99 -16.50
N ALA C 312 -12.87 43.68 -16.42
CA ALA C 312 -13.38 42.78 -17.44
C ALA C 312 -13.49 41.37 -16.86
N THR C 313 -13.96 40.44 -17.69
CA THR C 313 -14.05 39.04 -17.33
C THR C 313 -13.65 38.20 -18.53
N ASP C 314 -13.29 36.94 -18.25
CA ASP C 314 -13.00 35.97 -19.28
C ASP C 314 -13.83 34.69 -19.15
N ASN C 315 -14.56 34.52 -18.05
CA ASN C 315 -15.30 33.28 -17.83
C ASN C 315 -16.78 33.54 -17.56
N HIS C 316 -17.31 32.89 -16.53
CA HIS C 316 -18.74 32.94 -16.24
C HIS C 316 -19.12 33.96 -15.17
N LEU C 317 -18.17 34.47 -14.40
CA LEU C 317 -18.48 35.28 -13.24
C LEU C 317 -17.83 36.65 -13.30
N MET C 318 -18.21 37.48 -12.35
CA MET C 318 -17.67 38.83 -12.20
C MET C 318 -17.88 39.26 -10.75
N LEU C 319 -17.01 40.12 -10.26
CA LEU C 319 -17.12 40.71 -8.94
C LEU C 319 -17.36 42.20 -9.09
N ILE C 320 -18.40 42.72 -8.42
CA ILE C 320 -18.86 44.09 -8.59
C ILE C 320 -18.60 44.87 -7.31
N ASP C 321 -17.94 46.01 -7.43
CA ASP C 321 -17.65 46.88 -6.29
C ASP C 321 -18.82 47.82 -6.08
N VAL C 322 -19.40 47.78 -4.88
CA VAL C 322 -20.51 48.65 -4.52
C VAL C 322 -20.13 49.65 -3.44
N ARG C 323 -18.83 49.86 -3.21
CA ARG C 323 -18.39 50.90 -2.29
C ARG C 323 -18.90 52.27 -2.71
N GLU C 324 -19.16 52.46 -4.00
CA GLU C 324 -19.50 53.78 -4.52
C GLU C 324 -20.88 54.24 -4.08
N LEU C 325 -21.80 53.31 -3.83
CA LEU C 325 -23.19 53.65 -3.53
C LEU C 325 -23.48 53.68 -2.03
N GLY C 326 -22.45 53.70 -1.20
CA GLY C 326 -22.65 53.73 0.24
C GLY C 326 -23.41 52.54 0.79
N ILE C 327 -23.21 51.36 0.20
CA ILE C 327 -23.87 50.14 0.65
C ILE C 327 -22.84 49.02 0.74
N ASN C 328 -23.06 48.12 1.69
CA ASN C 328 -22.21 46.94 1.82
C ASN C 328 -22.50 45.98 0.67
N GLY C 329 -21.77 44.86 0.65
CA GLY C 329 -22.17 43.75 -0.18
C GLY C 329 -23.43 43.09 0.36
N LYS C 330 -23.51 42.94 1.68
CA LYS C 330 -24.71 42.39 2.31
C LYS C 330 -25.92 43.29 2.04
N GLU C 331 -25.74 44.60 2.11
CA GLU C 331 -26.83 45.51 1.78
C GLU C 331 -27.22 45.40 0.32
N ALA C 332 -26.23 45.34 -0.58
CA ALA C 332 -26.53 45.13 -1.98
C ALA C 332 -27.21 43.78 -2.21
N GLU C 333 -26.74 42.75 -1.51
CA GLU C 333 -27.39 41.44 -1.59
C GLU C 333 -28.81 41.50 -1.03
N SER C 334 -29.02 42.30 0.02
CA SER C 334 -30.35 42.40 0.61
C SER C 334 -31.32 43.13 -0.31
N ILE C 335 -30.85 44.15 -1.02
CA ILE C 335 -31.72 44.90 -1.92
C ILE C 335 -32.17 44.03 -3.08
N LEU C 336 -31.25 43.27 -3.67
CA LEU C 336 -31.60 42.46 -4.84
C LEU C 336 -32.49 41.29 -4.47
N ASP C 337 -32.38 40.77 -3.24
CA ASP C 337 -33.25 39.67 -2.82
C ASP C 337 -34.69 40.13 -2.67
N SER C 338 -34.91 41.37 -2.22
CA SER C 338 -36.26 41.88 -2.06
C SER C 338 -36.99 42.06 -3.39
N VAL C 339 -36.29 41.95 -4.52
CA VAL C 339 -36.92 42.03 -5.83
C VAL C 339 -36.70 40.74 -6.63
N ASN C 340 -36.46 39.62 -5.93
CA ASN C 340 -36.36 38.28 -6.51
C ASN C 340 -35.14 38.10 -7.39
N ILE C 341 -34.02 38.74 -7.05
CA ILE C 341 -32.76 38.52 -7.74
C ILE C 341 -31.77 38.00 -6.70
N THR C 342 -31.25 36.80 -6.93
CA THR C 342 -30.38 36.13 -5.97
C THR C 342 -28.92 36.30 -6.41
N VAL C 343 -28.18 37.12 -5.69
CA VAL C 343 -26.73 37.18 -5.79
C VAL C 343 -26.18 36.80 -4.43
N ASN C 344 -24.85 36.80 -4.29
CA ASN C 344 -24.25 36.52 -2.99
C ASN C 344 -23.17 37.55 -2.69
N LYS C 345 -23.19 38.05 -1.46
CA LYS C 345 -22.12 38.87 -0.89
C LYS C 345 -20.77 38.21 -1.10
N ASN C 346 -19.75 39.03 -1.38
CA ASN C 346 -18.42 38.50 -1.67
C ASN C 346 -17.37 39.56 -1.41
N SER C 347 -16.20 39.13 -0.93
CA SER C 347 -15.09 40.03 -0.65
C SER C 347 -14.32 40.34 -1.92
N ILE C 348 -13.68 41.51 -1.93
CA ILE C 348 -12.94 41.99 -3.11
C ILE C 348 -11.45 42.02 -2.76
N PRO C 349 -10.55 42.11 -3.74
CA PRO C 349 -9.12 42.17 -3.42
C PRO C 349 -8.79 43.35 -2.52
N PHE C 350 -7.98 43.08 -1.49
CA PHE C 350 -7.56 44.09 -0.52
C PHE C 350 -8.76 44.74 0.17
N GLU C 351 -9.65 43.89 0.66
CA GLU C 351 -10.84 44.35 1.37
C GLU C 351 -10.46 44.93 2.74
N THR C 352 -11.34 45.78 3.27
CA THR C 352 -11.11 46.40 4.57
C THR C 352 -12.24 46.14 5.57
N LEU C 353 -13.11 45.16 5.31
CA LEU C 353 -14.27 44.92 6.17
C LEU C 353 -14.39 43.43 6.48
N SER C 354 -15.58 43.01 6.88
CA SER C 354 -15.83 41.68 7.40
C SER C 354 -15.99 40.67 6.28
N PRO C 355 -15.96 39.36 6.59
CA PRO C 355 -16.28 38.35 5.58
C PRO C 355 -17.78 38.15 5.41
N PHE C 356 -18.56 38.42 6.45
CA PHE C 356 -20.01 38.31 6.41
C PHE C 356 -20.69 39.62 6.02
N LYS C 357 -19.93 40.58 5.48
CA LYS C 357 -20.49 41.87 5.11
C LYS C 357 -19.82 42.38 3.84
N THR C 358 -18.50 42.23 3.75
CA THR C 358 -17.69 42.53 2.57
C THR C 358 -17.99 43.94 2.07
N SER C 359 -17.91 44.13 0.75
CA SER C 359 -18.19 45.41 0.11
C SER C 359 -18.46 45.21 -1.37
N GLY C 360 -18.61 43.95 -1.79
CA GLY C 360 -18.87 43.64 -3.18
C GLY C 360 -19.79 42.43 -3.30
N ILE C 361 -20.19 42.15 -4.54
CA ILE C 361 -21.09 41.03 -4.83
C ILE C 361 -20.55 40.27 -6.04
N ARG C 362 -20.89 38.99 -6.09
CA ARG C 362 -20.49 38.11 -7.17
C ARG C 362 -21.71 37.73 -8.01
N ILE C 363 -21.54 37.70 -9.32
CA ILE C 363 -22.62 37.38 -10.25
C ILE C 363 -22.11 36.43 -11.32
N GLY C 364 -22.85 35.36 -11.57
CA GLY C 364 -22.53 34.45 -12.64
C GLY C 364 -23.72 34.24 -13.55
N THR C 365 -23.43 33.86 -14.79
CA THR C 365 -24.47 33.66 -15.80
C THR C 365 -24.84 32.21 -16.16
N PRO C 366 -24.22 31.16 -15.60
CA PRO C 366 -24.56 29.81 -16.10
C PRO C 366 -26.01 29.41 -15.88
N ALA C 367 -26.62 29.83 -14.77
CA ALA C 367 -27.99 29.41 -14.47
C ALA C 367 -28.98 30.04 -15.45
N ILE C 368 -28.93 31.36 -15.60
CA ILE C 368 -29.86 32.02 -16.51
C ILE C 368 -29.59 31.60 -17.96
N THR C 369 -28.32 31.36 -18.31
CA THR C 369 -28.00 30.84 -19.62
C THR C 369 -28.66 29.50 -19.86
N THR C 370 -28.68 28.63 -18.85
CA THR C 370 -29.36 27.36 -18.95
C THR C 370 -30.86 27.56 -19.20
N ARG C 371 -31.44 28.58 -18.55
CA ARG C 371 -32.86 28.87 -18.74
C ARG C 371 -33.17 29.39 -20.15
N GLY C 372 -32.16 29.81 -20.90
CA GLY C 372 -32.35 30.28 -22.26
C GLY C 372 -32.06 31.74 -22.49
N PHE C 373 -31.57 32.46 -21.47
CA PHE C 373 -31.22 33.86 -21.65
C PHE C 373 -30.12 34.00 -22.70
N LYS C 374 -30.25 35.02 -23.55
CA LYS C 374 -29.22 35.38 -24.51
C LYS C 374 -28.63 36.74 -24.11
N GLU C 375 -27.73 37.25 -24.96
CA GLU C 375 -27.06 38.52 -24.67
C GLU C 375 -28.06 39.66 -24.49
N GLU C 376 -29.16 39.62 -25.23
CA GLU C 376 -30.18 40.65 -25.11
C GLU C 376 -30.80 40.65 -23.72
N ASP C 377 -31.14 39.48 -23.20
CA ASP C 377 -31.76 39.39 -21.89
C ASP C 377 -30.75 39.63 -20.77
N ALA C 378 -29.47 39.28 -20.99
CA ALA C 378 -28.46 39.53 -19.98
C ALA C 378 -28.22 41.01 -19.78
N VAL C 379 -28.35 41.81 -20.83
CA VAL C 379 -28.28 43.26 -20.67
C VAL C 379 -29.45 43.76 -19.84
N LYS C 380 -30.63 43.13 -19.98
CA LYS C 380 -31.79 43.57 -19.23
C LYS C 380 -31.65 43.27 -17.74
N VAL C 381 -31.14 42.08 -17.39
CA VAL C 381 -31.03 41.73 -15.97
C VAL C 381 -30.00 42.61 -15.28
N ALA C 382 -28.88 42.90 -15.96
CA ALA C 382 -27.85 43.75 -15.37
C ALA C 382 -28.36 45.18 -15.20
N GLU C 383 -29.22 45.64 -16.09
CA GLU C 383 -29.81 46.98 -15.93
C GLU C 383 -30.84 46.99 -14.81
N LEU C 384 -31.62 45.91 -14.68
CA LEU C 384 -32.53 45.78 -13.55
C LEU C 384 -31.75 45.74 -12.24
N VAL C 385 -30.54 45.17 -12.25
CA VAL C 385 -29.71 45.12 -11.04
C VAL C 385 -29.18 46.52 -10.73
N VAL C 386 -28.74 47.26 -11.75
CA VAL C 386 -28.23 48.60 -11.52
C VAL C 386 -29.35 49.52 -11.01
N LYS C 387 -30.52 49.43 -11.63
CA LYS C 387 -31.65 50.26 -11.21
C LYS C 387 -32.03 49.98 -9.76
N ALA C 388 -32.03 48.71 -9.35
CA ALA C 388 -32.39 48.36 -7.99
C ALA C 388 -31.37 48.89 -6.99
N LEU C 389 -30.08 48.75 -7.30
CA LEU C 389 -29.04 49.22 -6.38
C LEU C 389 -28.95 50.74 -6.34
N GLN C 390 -29.44 51.42 -7.38
CA GLN C 390 -29.34 52.88 -7.42
C GLN C 390 -30.48 53.55 -6.67
N ALA C 391 -31.67 52.97 -6.71
CA ALA C 391 -32.84 53.55 -6.03
C ALA C 391 -32.61 53.54 -4.53
N LYS C 392 -32.45 54.73 -3.94
CA LYS C 392 -32.17 54.87 -2.51
C LYS C 392 -33.46 54.65 -1.73
N ASP C 393 -33.76 53.37 -1.50
CA ASP C 393 -34.93 52.97 -0.71
C ASP C 393 -36.22 53.53 -1.29
N ASP C 394 -36.36 53.45 -2.62
CA ASP C 394 -37.54 53.93 -3.33
C ASP C 394 -38.38 52.74 -3.73
N ASN C 395 -39.51 52.54 -3.04
CA ASN C 395 -40.37 51.40 -3.33
C ASN C 395 -40.99 51.46 -4.72
N ALA C 396 -41.11 52.66 -5.31
CA ALA C 396 -41.72 52.77 -6.62
C ALA C 396 -40.82 52.19 -7.71
N GLN C 397 -39.50 52.42 -7.61
CA GLN C 397 -38.59 51.89 -8.60
C GLN C 397 -38.37 50.40 -8.42
N LEU C 398 -38.18 49.95 -7.18
CA LEU C 398 -38.07 48.52 -6.91
C LEU C 398 -39.33 47.77 -7.33
N ASP C 399 -40.47 48.46 -7.33
CA ASP C 399 -41.71 47.86 -7.83
C ASP C 399 -41.61 47.55 -9.33
N GLU C 400 -40.90 48.38 -10.08
CA GLU C 400 -40.81 48.21 -11.53
C GLU C 400 -39.76 47.17 -11.94
N VAL C 401 -38.69 47.01 -11.16
CA VAL C 401 -37.74 45.95 -11.48
C VAL C 401 -38.35 44.58 -11.19
N LYS C 402 -39.28 44.50 -10.23
CA LYS C 402 -39.97 43.25 -9.95
C LYS C 402 -40.80 42.82 -11.15
N THR C 403 -41.38 43.78 -11.87
CA THR C 403 -42.11 43.46 -13.10
C THR C 403 -41.17 43.04 -14.21
N GLY C 404 -39.98 43.65 -14.28
CA GLY C 404 -38.99 43.21 -15.24
C GLY C 404 -38.48 41.82 -14.94
N VAL C 405 -38.26 41.51 -13.66
CA VAL C 405 -37.90 40.15 -13.28
C VAL C 405 -39.03 39.19 -13.62
N ARG C 406 -40.28 39.61 -13.40
CA ARG C 406 -41.43 38.78 -13.74
C ARG C 406 -41.54 38.55 -15.24
N GLU C 407 -41.15 39.54 -16.05
CA GLU C 407 -41.22 39.39 -17.50
C GLU C 407 -40.11 38.52 -18.05
N LEU C 408 -39.00 38.36 -17.32
CA LEU C 408 -37.94 37.47 -17.76
C LEU C 408 -38.18 36.02 -17.34
N THR C 409 -38.68 35.81 -16.12
CA THR C 409 -38.92 34.45 -15.64
C THR C 409 -40.05 33.77 -16.38
N GLU C 410 -41.06 34.53 -16.82
CA GLU C 410 -42.13 33.96 -17.64
C GLU C 410 -41.72 33.78 -19.09
N LYS C 411 -40.77 34.58 -19.57
CA LYS C 411 -40.28 34.40 -20.94
C LYS C 411 -39.44 33.14 -21.08
N PHE C 412 -38.75 32.73 -20.02
CA PHE C 412 -37.88 31.56 -20.02
C PHE C 412 -38.31 30.62 -18.90
N PRO C 413 -39.33 29.80 -19.15
CA PRO C 413 -39.80 28.88 -18.10
C PRO C 413 -38.77 27.79 -17.83
N LEU C 414 -38.67 27.42 -16.54
CA LEU C 414 -37.65 26.46 -16.11
C LEU C 414 -38.18 25.03 -16.16
N HIS C 415 -39.12 24.70 -15.28
CA HIS C 415 -39.44 23.32 -15.00
C HIS C 415 -40.54 22.77 -15.91
N LYS C 416 -40.56 21.45 -16.01
CA LYS C 416 -41.62 20.69 -16.67
C LYS C 416 -42.96 20.95 -15.96
N LYS C 417 -43.89 21.60 -16.64
CA LYS C 417 -45.19 21.92 -16.03
C LYS C 417 -46.07 20.70 -15.93
N ASP D 6 -37.94 9.39 -23.30
CA ASP D 6 -37.50 10.74 -23.65
C ASP D 6 -35.99 10.83 -23.72
N TYR D 7 -35.42 11.25 -22.59
CA TYR D 7 -33.98 11.44 -22.44
C TYR D 7 -33.20 10.15 -22.65
N LYS D 8 -33.85 8.99 -22.51
CA LYS D 8 -33.16 7.71 -22.64
C LYS D 8 -32.57 7.53 -24.03
N THR D 9 -33.20 8.12 -25.05
CA THR D 9 -32.70 7.99 -26.42
C THR D 9 -31.32 8.58 -26.56
N PHE D 10 -31.05 9.69 -25.86
CA PHE D 10 -29.74 10.34 -25.96
C PHE D 10 -28.64 9.44 -25.42
N ASP D 11 -28.88 8.78 -24.29
CA ASP D 11 -27.87 7.99 -23.58
C ASP D 11 -28.32 6.54 -23.48
N PRO D 12 -28.24 5.77 -24.56
CA PRO D 12 -28.68 4.37 -24.48
C PRO D 12 -27.78 3.49 -23.62
N ASP D 13 -26.46 3.67 -23.71
CA ASP D 13 -25.54 2.80 -22.97
C ASP D 13 -25.76 2.92 -21.46
N LEU D 14 -25.99 4.13 -20.97
CA LEU D 14 -26.19 4.33 -19.53
C LEU D 14 -27.50 3.69 -19.07
N TRP D 15 -28.61 4.05 -19.72
CA TRP D 15 -29.91 3.56 -19.26
C TRP D 15 -30.09 2.07 -19.50
N ALA D 16 -29.35 1.49 -20.43
CA ALA D 16 -29.35 0.03 -20.57
C ALA D 16 -28.63 -0.62 -19.39
N ALA D 17 -27.57 0.01 -18.88
CA ALA D 17 -26.85 -0.56 -17.74
C ALA D 17 -27.69 -0.52 -16.47
N ILE D 18 -28.40 0.59 -16.23
CA ILE D 18 -29.30 0.66 -15.08
C ILE D 18 -30.44 -0.34 -15.25
N ALA D 19 -30.89 -0.57 -16.48
CA ALA D 19 -31.92 -1.58 -16.72
C ALA D 19 -31.41 -2.98 -16.39
N LYS D 20 -30.17 -3.29 -16.79
CA LYS D 20 -29.59 -4.57 -16.44
C LYS D 20 -29.41 -4.71 -14.93
N GLU D 21 -29.27 -3.59 -14.22
CA GLU D 21 -29.05 -3.65 -12.77
C GLU D 21 -30.35 -3.92 -12.02
N GLU D 22 -31.44 -3.27 -12.41
CA GLU D 22 -32.71 -3.53 -11.73
C GLU D 22 -33.21 -4.94 -12.00
N GLU D 23 -32.88 -5.51 -13.16
CA GLU D 23 -33.12 -6.92 -13.38
C GLU D 23 -32.13 -7.78 -12.61
N ARG D 24 -30.90 -7.30 -12.40
CA ARG D 24 -29.94 -8.01 -11.58
C ARG D 24 -30.44 -8.12 -10.14
N GLN D 25 -30.88 -6.99 -9.57
CA GLN D 25 -31.46 -7.02 -8.23
C GLN D 25 -32.75 -7.83 -8.18
N GLU D 26 -33.40 -8.02 -9.32
CA GLU D 26 -34.64 -8.80 -9.34
C GLU D 26 -34.36 -10.28 -9.10
N HIS D 27 -33.45 -10.87 -9.88
CA HIS D 27 -33.20 -12.30 -9.86
C HIS D 27 -32.15 -12.71 -8.84
N ASN D 28 -31.80 -11.83 -7.90
CA ASN D 28 -30.69 -12.06 -6.97
C ASN D 28 -31.11 -11.83 -5.54
N LEU D 29 -30.64 -12.70 -4.64
CA LEU D 29 -30.86 -12.53 -3.22
C LEU D 29 -29.70 -11.72 -2.63
N GLU D 30 -30.00 -10.51 -2.17
CA GLU D 30 -28.99 -9.63 -1.58
C GLU D 30 -28.86 -9.97 -0.10
N LEU D 31 -27.74 -10.60 0.28
CA LEU D 31 -27.48 -10.95 1.66
C LEU D 31 -26.38 -10.09 2.30
N ILE D 32 -25.84 -9.12 1.56
CA ILE D 32 -24.86 -8.21 2.16
C ILE D 32 -25.53 -7.41 3.26
N ALA D 33 -24.92 -7.42 4.45
CA ALA D 33 -25.62 -6.96 5.64
C ALA D 33 -25.91 -5.47 5.61
N SER D 34 -25.14 -4.71 4.86
CA SER D 34 -25.27 -3.26 4.85
C SER D 34 -26.22 -2.74 3.77
N GLU D 35 -26.77 -3.62 2.94
CA GLU D 35 -27.63 -3.20 1.84
C GLU D 35 -29.10 -3.21 2.26
N ASN D 36 -29.94 -2.63 1.39
CA ASN D 36 -31.37 -2.56 1.62
C ASN D 36 -32.05 -2.07 0.34
N PHE D 37 -33.38 -2.07 0.35
CA PHE D 37 -34.18 -1.56 -0.76
C PHE D 37 -35.02 -0.41 -0.26
N VAL D 38 -34.77 0.79 -0.80
CA VAL D 38 -35.40 1.99 -0.31
C VAL D 38 -36.68 2.27 -1.10
N SER D 39 -37.55 3.07 -0.50
CA SER D 39 -38.90 3.26 -1.04
C SER D 39 -38.88 4.16 -2.27
N GLU D 40 -40.03 4.17 -2.96
CA GLU D 40 -40.19 5.03 -4.14
C GLU D 40 -40.13 6.51 -3.78
N ALA D 41 -40.56 6.86 -2.57
CA ALA D 41 -40.56 8.27 -2.17
C ALA D 41 -39.15 8.76 -1.89
N VAL D 42 -38.30 7.92 -1.27
CA VAL D 42 -36.94 8.35 -0.98
C VAL D 42 -36.15 8.58 -2.27
N MET D 43 -36.29 7.67 -3.24
CA MET D 43 -35.60 7.83 -4.52
C MET D 43 -36.09 9.08 -5.25
N ALA D 44 -37.40 9.36 -5.17
CA ALA D 44 -37.95 10.54 -5.84
C ALA D 44 -37.48 11.82 -5.18
N ALA D 45 -37.28 11.81 -3.86
CA ALA D 45 -36.70 12.98 -3.20
C ALA D 45 -35.24 13.17 -3.58
N GLN D 46 -34.50 12.07 -3.77
CA GLN D 46 -33.13 12.18 -4.24
C GLN D 46 -33.07 12.63 -5.70
N GLY D 47 -34.10 12.30 -6.48
CA GLY D 47 -34.16 12.73 -7.87
C GLY D 47 -34.95 14.02 -8.04
N SER D 48 -35.05 14.79 -6.96
CA SER D 48 -35.80 16.04 -6.99
C SER D 48 -34.90 17.19 -7.45
N ILE D 49 -35.50 18.39 -7.55
CA ILE D 49 -34.75 19.56 -8.02
C ILE D 49 -33.96 20.24 -6.91
N LEU D 50 -33.95 19.67 -5.69
CA LEU D 50 -33.17 20.24 -4.61
C LEU D 50 -31.67 20.19 -4.89
N THR D 51 -31.26 19.39 -5.87
CA THR D 51 -29.85 19.31 -6.25
C THR D 51 -29.35 20.59 -6.89
N ASN D 52 -30.22 21.54 -7.18
CA ASN D 52 -29.82 22.80 -7.81
C ASN D 52 -29.42 23.88 -6.82
N LYS D 53 -29.67 23.68 -5.53
CA LYS D 53 -29.54 24.75 -4.54
C LYS D 53 -28.24 24.60 -3.75
N TYR D 54 -27.50 25.70 -3.62
CA TYR D 54 -26.30 25.75 -2.79
C TYR D 54 -26.77 26.27 -1.45
N ALA D 55 -26.50 25.55 -0.39
CA ALA D 55 -27.00 25.87 0.95
C ALA D 55 -25.89 25.71 1.99
N GLU D 56 -24.75 26.34 1.73
CA GLU D 56 -23.65 26.33 2.71
C GLU D 56 -24.08 27.01 3.99
N GLY D 57 -23.76 26.40 5.13
CA GLY D 57 -24.20 26.90 6.41
C GLY D 57 -25.24 26.01 7.05
N TYR D 58 -26.14 26.60 7.82
CA TYR D 58 -27.13 25.86 8.57
C TYR D 58 -28.44 26.65 8.57
N PRO D 59 -29.58 25.98 8.78
CA PRO D 59 -30.87 26.66 8.67
C PRO D 59 -30.97 27.89 9.55
N GLY D 60 -31.48 28.98 8.96
CA GLY D 60 -31.52 30.27 9.64
C GLY D 60 -30.19 30.99 9.70
N HIS D 61 -29.12 30.39 9.17
CA HIS D 61 -27.81 31.02 9.20
C HIS D 61 -27.05 30.65 7.93
N ARG D 62 -27.71 30.74 6.78
CA ARG D 62 -27.09 30.36 5.52
C ARG D 62 -26.18 31.46 5.01
N TYR D 63 -25.24 31.08 4.14
CA TYR D 63 -24.36 32.02 3.49
C TYR D 63 -24.94 32.58 2.21
N TYR D 64 -25.89 31.87 1.60
CA TYR D 64 -26.58 32.32 0.40
C TYR D 64 -28.04 32.62 0.72
N GLY D 65 -28.69 33.35 -0.19
CA GLY D 65 -30.09 33.66 -0.06
C GLY D 65 -30.98 32.59 -0.69
N GLY D 66 -32.29 32.86 -0.66
CA GLY D 66 -33.25 31.96 -1.26
C GLY D 66 -33.33 30.60 -0.61
N CYS D 67 -32.97 30.50 0.67
CA CYS D 67 -32.95 29.24 1.39
C CYS D 67 -34.18 29.04 2.27
N GLU D 68 -35.26 29.80 2.03
CA GLU D 68 -36.42 29.75 2.90
C GLU D 68 -37.01 28.34 2.98
N PHE D 69 -36.94 27.57 1.90
CA PHE D 69 -37.63 26.29 1.83
C PHE D 69 -36.70 25.09 1.98
N VAL D 70 -35.42 25.22 1.63
CA VAL D 70 -34.49 24.15 1.98
C VAL D 70 -34.29 24.11 3.49
N ASP D 71 -34.46 25.26 4.15
CA ASP D 71 -34.45 25.27 5.62
C ASP D 71 -35.57 24.43 6.18
N ILE D 72 -36.76 24.52 5.58
CA ILE D 72 -37.87 23.67 6.00
C ILE D 72 -37.53 22.20 5.77
N VAL D 73 -36.97 21.89 4.61
CA VAL D 73 -36.60 20.50 4.31
C VAL D 73 -35.56 20.00 5.30
N GLU D 74 -34.50 20.79 5.53
CA GLU D 74 -33.45 20.35 6.44
C GLU D 74 -33.94 20.32 7.88
N ASN D 75 -34.78 21.29 8.29
CA ASN D 75 -35.29 21.28 9.65
C ASN D 75 -36.25 20.13 9.88
N LEU D 76 -36.94 19.67 8.83
CA LEU D 76 -37.75 18.46 8.96
C LEU D 76 -36.87 17.25 9.23
N ALA D 77 -35.78 17.10 8.46
CA ALA D 77 -34.85 16.00 8.71
C ALA D 77 -34.26 16.09 10.12
N ILE D 78 -33.88 17.29 10.54
CA ILE D 78 -33.30 17.46 11.87
C ILE D 78 -34.33 17.11 12.95
N ASP D 79 -35.53 17.68 12.84
CA ASP D 79 -36.53 17.50 13.90
C ASP D 79 -37.03 16.06 13.95
N ARG D 80 -37.16 15.41 12.79
CA ARG D 80 -37.61 14.01 12.78
C ARG D 80 -36.52 13.07 13.28
N ALA D 81 -35.25 13.41 13.04
CA ALA D 81 -34.16 12.60 13.57
C ALA D 81 -34.13 12.66 15.10
N LYS D 82 -34.42 13.83 15.67
CA LYS D 82 -34.45 13.96 17.12
C LYS D 82 -35.63 13.21 17.72
N GLU D 83 -36.76 13.18 17.03
CA GLU D 83 -37.90 12.43 17.55
C GLU D 83 -37.65 10.93 17.49
N LEU D 84 -36.96 10.46 16.46
CA LEU D 84 -36.68 9.03 16.34
C LEU D 84 -35.74 8.54 17.43
N PHE D 85 -34.72 9.35 17.76
CA PHE D 85 -33.65 8.91 18.64
C PHE D 85 -33.62 9.61 19.99
N GLY D 86 -34.51 10.58 20.22
CA GLY D 86 -34.51 11.27 21.49
C GLY D 86 -33.32 12.17 21.73
N ALA D 87 -32.66 12.64 20.68
CA ALA D 87 -31.52 13.52 20.81
C ALA D 87 -31.96 14.97 20.89
N LYS D 88 -31.15 15.79 21.57
CA LYS D 88 -31.44 17.21 21.67
C LYS D 88 -30.93 18.00 20.47
N PHE D 89 -29.93 17.48 19.76
CA PHE D 89 -29.36 18.15 18.60
C PHE D 89 -29.04 17.14 17.52
N ALA D 90 -29.07 17.58 16.27
CA ALA D 90 -28.83 16.70 15.14
C ALA D 90 -28.14 17.48 14.03
N ASN D 91 -27.27 16.79 13.31
CA ASN D 91 -26.61 17.33 12.12
C ASN D 91 -26.80 16.33 11.00
N VAL D 92 -27.51 16.73 9.94
CA VAL D 92 -27.90 15.83 8.86
C VAL D 92 -27.11 16.10 7.58
N GLN D 93 -26.04 16.88 7.66
CA GLN D 93 -25.26 17.25 6.48
C GLN D 93 -24.13 16.31 6.06
N PRO D 94 -23.59 15.42 6.91
CA PRO D 94 -22.47 14.59 6.45
C PRO D 94 -22.83 13.75 5.24
N HIS D 95 -21.89 13.69 4.29
CA HIS D 95 -22.11 12.98 3.02
C HIS D 95 -22.19 11.47 3.20
N SER D 96 -21.75 10.93 4.33
CA SER D 96 -21.66 9.49 4.53
C SER D 96 -21.31 9.25 6.00
N GLY D 97 -21.26 7.96 6.37
CA GLY D 97 -20.81 7.60 7.71
C GLY D 97 -19.35 7.92 7.96
N SER D 98 -18.53 7.81 6.92
CA SER D 98 -17.10 8.15 7.05
C SER D 98 -16.92 9.63 7.35
N GLN D 99 -17.63 10.49 6.63
CA GLN D 99 -17.55 11.92 6.88
C GLN D 99 -18.13 12.29 8.24
N ALA D 100 -19.21 11.62 8.64
CA ALA D 100 -19.75 11.84 9.97
C ALA D 100 -18.72 11.48 11.04
N ASN D 101 -18.04 10.34 10.89
CA ASN D 101 -17.01 9.94 11.84
C ASN D 101 -15.84 10.90 11.84
N THR D 102 -15.46 11.40 10.65
CA THR D 102 -14.37 12.36 10.56
C THR D 102 -14.67 13.60 11.40
N ALA D 103 -15.87 14.15 11.26
CA ALA D 103 -16.25 15.35 12.01
C ALA D 103 -16.37 15.05 13.50
N ALA D 104 -16.80 13.85 13.87
CA ALA D 104 -16.95 13.51 15.28
C ALA D 104 -15.60 13.53 16.00
N TYR D 105 -14.58 12.93 15.39
CA TYR D 105 -13.25 12.95 15.99
C TYR D 105 -12.75 14.38 16.18
N LEU D 106 -12.99 15.25 15.19
CA LEU D 106 -12.50 16.63 15.27
C LEU D 106 -13.13 17.39 16.43
N ALA D 107 -14.39 17.12 16.74
CA ALA D 107 -15.06 17.80 17.84
C ALA D 107 -14.69 17.23 19.20
N LEU D 108 -13.91 16.16 19.26
CA LEU D 108 -13.65 15.45 20.50
C LEU D 108 -12.18 15.36 20.87
N VAL D 109 -11.30 15.07 19.92
CA VAL D 109 -9.89 14.80 20.21
C VAL D 109 -9.01 15.65 19.31
N GLU D 110 -7.73 15.69 19.66
CA GLU D 110 -6.68 16.32 18.88
C GLU D 110 -5.81 15.26 18.22
N PRO D 111 -5.13 15.60 17.12
CA PRO D 111 -4.22 14.63 16.50
C PRO D 111 -3.18 14.15 17.48
N GLY D 112 -2.93 12.83 17.45
CA GLY D 112 -2.03 12.20 18.39
C GLY D 112 -2.67 11.65 19.65
N ASP D 113 -3.91 12.03 19.93
CA ASP D 113 -4.58 11.55 21.14
C ASP D 113 -4.83 10.05 21.07
N THR D 114 -4.91 9.42 22.24
CA THR D 114 -5.14 8.00 22.34
C THR D 114 -6.64 7.70 22.31
N ILE D 115 -7.04 6.75 21.47
CA ILE D 115 -8.43 6.37 21.30
C ILE D 115 -8.54 4.86 21.42
N LEU D 116 -9.46 4.39 22.26
CA LEU D 116 -9.70 2.96 22.46
C LEU D 116 -10.97 2.56 21.74
N GLY D 117 -10.85 1.70 20.73
CA GLY D 117 -11.98 1.24 19.95
C GLY D 117 -11.96 -0.27 19.78
N MET D 118 -12.99 -0.77 19.09
CA MET D 118 -13.15 -2.20 18.89
C MET D 118 -12.17 -2.70 17.83
N ASP D 119 -11.54 -3.84 18.13
CA ASP D 119 -10.55 -4.43 17.22
C ASP D 119 -11.16 -4.66 15.84
N LEU D 120 -10.34 -4.44 14.81
CA LEU D 120 -10.85 -4.46 13.44
C LEU D 120 -11.16 -5.86 12.94
N SER D 121 -10.49 -6.88 13.49
CA SER D 121 -10.84 -8.26 13.16
C SER D 121 -12.05 -8.76 13.95
N ALA D 122 -12.44 -8.05 15.00
CA ALA D 122 -13.53 -8.47 15.87
C ALA D 122 -14.83 -7.71 15.61
N GLY D 123 -14.87 -6.86 14.58
CA GLY D 123 -16.09 -6.16 14.25
C GLY D 123 -15.93 -4.67 14.02
N GLY D 124 -14.81 -4.11 14.47
CA GLY D 124 -14.60 -2.68 14.30
C GLY D 124 -14.53 -2.29 12.84
N HIS D 125 -14.88 -1.03 12.57
CA HIS D 125 -14.94 -0.54 11.21
C HIS D 125 -13.60 0.05 10.78
N LEU D 126 -13.45 0.19 9.46
CA LEU D 126 -12.24 0.77 8.88
C LEU D 126 -11.94 2.14 9.46
N THR D 127 -12.97 2.94 9.72
CA THR D 127 -12.79 4.28 10.30
C THR D 127 -12.52 4.25 11.79
N HIS D 128 -12.31 3.08 12.38
CA HIS D 128 -12.00 2.95 13.80
C HIS D 128 -10.52 2.64 14.06
N GLY D 129 -9.63 3.10 13.17
CA GLY D 129 -8.21 3.04 13.46
C GLY D 129 -7.32 2.35 12.46
N SER D 130 -7.86 2.01 11.28
CA SER D 130 -7.06 1.33 10.28
C SER D 130 -5.93 2.24 9.79
N PRO D 131 -4.71 1.70 9.62
CA PRO D 131 -3.60 2.57 9.22
C PRO D 131 -3.67 3.05 7.78
N VAL D 132 -4.54 2.48 6.94
CA VAL D 132 -4.71 2.95 5.58
C VAL D 132 -5.92 3.86 5.52
N ASN D 133 -6.43 4.23 6.68
CA ASN D 133 -7.56 5.14 6.81
C ASN D 133 -7.09 6.39 7.54
N PHE D 134 -7.86 7.48 7.40
CA PHE D 134 -7.52 8.72 8.07
C PHE D 134 -7.43 8.54 9.58
N SER D 135 -8.27 7.66 10.14
CA SER D 135 -8.29 7.48 11.59
C SER D 135 -6.95 6.94 12.10
N GLY D 136 -6.41 5.91 11.44
CA GLY D 136 -5.18 5.31 11.90
C GLY D 136 -3.96 6.17 11.70
N LYS D 137 -4.01 7.07 10.70
CA LYS D 137 -2.89 7.97 10.42
C LYS D 137 -2.91 9.24 11.28
N THR D 138 -4.01 9.51 11.98
CA THR D 138 -4.20 10.76 12.70
C THR D 138 -4.15 10.60 14.21
N TYR D 139 -4.67 9.49 14.75
CA TYR D 139 -4.73 9.28 16.18
C TYR D 139 -4.00 8.00 16.56
N HIS D 140 -3.79 7.83 17.86
CA HIS D 140 -3.13 6.67 18.43
C HIS D 140 -4.21 5.70 18.92
N PHE D 141 -4.41 4.61 18.17
CA PHE D 141 -5.52 3.70 18.41
C PHE D 141 -5.04 2.46 19.17
N VAL D 142 -5.75 2.14 20.24
CA VAL D 142 -5.64 0.85 20.92
C VAL D 142 -6.98 0.14 20.78
N ALA D 143 -6.96 -1.18 20.86
CA ALA D 143 -8.12 -1.99 20.52
C ALA D 143 -8.47 -2.97 21.62
N TYR D 144 -9.77 -3.12 21.88
CA TYR D 144 -10.29 -4.24 22.63
C TYR D 144 -10.91 -5.24 21.65
N GLY D 145 -10.71 -6.51 21.91
CA GLY D 145 -11.24 -7.57 21.08
C GLY D 145 -12.47 -8.22 21.69
N VAL D 146 -12.67 -9.49 21.36
CA VAL D 146 -13.74 -10.29 21.95
C VAL D 146 -13.11 -11.50 22.64
N ASP D 147 -13.92 -12.17 23.44
CA ASP D 147 -13.41 -13.30 24.21
C ASP D 147 -13.02 -14.45 23.30
N PRO D 148 -11.91 -15.15 23.56
CA PRO D 148 -11.49 -16.24 22.67
C PRO D 148 -12.50 -17.37 22.56
N THR D 149 -13.21 -17.69 23.65
CA THR D 149 -14.17 -18.80 23.63
C THR D 149 -15.54 -18.36 23.13
N THR D 150 -16.11 -17.31 23.71
CA THR D 150 -17.48 -16.90 23.40
C THR D 150 -17.56 -15.89 22.27
N GLU D 151 -16.45 -15.21 21.94
CA GLU D 151 -16.38 -14.26 20.83
C GLU D 151 -17.37 -13.10 21.00
N VAL D 152 -17.61 -12.71 22.25
CA VAL D 152 -18.37 -11.50 22.56
C VAL D 152 -17.46 -10.57 23.37
N ILE D 153 -17.86 -9.30 23.41
CA ILE D 153 -17.08 -8.28 24.10
C ILE D 153 -16.96 -8.64 25.58
N ASP D 154 -15.74 -8.59 26.10
CA ASP D 154 -15.48 -8.71 27.52
C ASP D 154 -15.28 -7.31 28.08
N TYR D 155 -16.28 -6.81 28.80
CA TYR D 155 -16.23 -5.44 29.30
C TYR D 155 -15.21 -5.25 30.41
N ASN D 156 -14.81 -6.33 31.10
CA ASN D 156 -13.70 -6.24 32.04
C ASN D 156 -12.39 -5.96 31.30
N VAL D 157 -12.23 -6.50 30.09
CA VAL D 157 -11.04 -6.22 29.30
C VAL D 157 -11.05 -4.76 28.83
N VAL D 158 -12.22 -4.27 28.40
CA VAL D 158 -12.34 -2.86 28.02
C VAL D 158 -11.91 -1.96 29.18
N ARG D 159 -12.32 -2.32 30.40
CA ARG D 159 -11.94 -1.54 31.58
C ARG D 159 -10.44 -1.62 31.83
N ILE D 160 -9.85 -2.82 31.70
CA ILE D 160 -8.43 -2.97 31.97
C ILE D 160 -7.60 -2.11 31.02
N LEU D 161 -7.93 -2.16 29.73
CA LEU D 161 -7.19 -1.36 28.75
C LEU D 161 -7.44 0.13 28.95
N ALA D 162 -8.65 0.52 29.36
CA ALA D 162 -8.94 1.94 29.57
C ALA D 162 -8.12 2.51 30.72
N ARG D 163 -7.95 1.74 31.80
CA ARG D 163 -7.13 2.21 32.91
C ARG D 163 -5.66 2.28 32.53
N LYS D 164 -5.20 1.37 31.67
CA LYS D 164 -3.78 1.24 31.38
C LYS D 164 -3.30 2.26 30.34
N HIS D 165 -4.10 2.51 29.31
CA HIS D 165 -3.69 3.37 28.20
C HIS D 165 -4.27 4.78 28.28
N GLN D 166 -5.15 5.05 29.24
CA GLN D 166 -5.65 6.39 29.51
C GLN D 166 -6.16 7.13 28.26
N PRO D 167 -7.12 6.56 27.53
CA PRO D 167 -7.57 7.21 26.30
C PRO D 167 -8.39 8.46 26.58
N LYS D 168 -8.28 9.43 25.66
CA LYS D 168 -9.15 10.59 25.71
C LYS D 168 -10.54 10.27 25.19
N LEU D 169 -10.67 9.24 24.34
CA LEU D 169 -11.93 8.89 23.71
C LEU D 169 -12.03 7.38 23.62
N ILE D 170 -13.22 6.85 23.92
CA ILE D 170 -13.54 5.45 23.75
C ILE D 170 -14.62 5.36 22.68
N VAL D 171 -14.43 4.46 21.71
CA VAL D 171 -15.34 4.30 20.59
C VAL D 171 -16.02 2.94 20.70
N ALA D 172 -17.35 2.95 20.66
CA ALA D 172 -18.14 1.73 20.66
C ALA D 172 -19.00 1.67 19.40
N GLY D 173 -19.33 0.45 18.99
CA GLY D 173 -20.05 0.27 17.74
C GLY D 173 -19.23 -0.55 16.76
N ALA D 174 -19.89 -1.22 15.82
CA ALA D 174 -19.18 -2.16 14.97
C ALA D 174 -19.88 -2.28 13.62
N SER D 175 -19.16 -2.86 12.66
CA SER D 175 -19.70 -3.17 11.35
C SER D 175 -19.82 -4.66 11.09
N ALA D 176 -19.29 -5.51 11.97
CA ALA D 176 -19.36 -6.96 11.79
C ALA D 176 -19.47 -7.62 13.17
N TYR D 177 -20.38 -7.13 14.00
CA TYR D 177 -20.65 -7.69 15.33
C TYR D 177 -22.14 -7.90 15.45
N GLY D 178 -22.56 -9.15 15.63
CA GLY D 178 -23.97 -9.49 15.63
C GLY D 178 -24.58 -9.67 17.00
N ARG D 179 -23.95 -9.13 18.04
CA ARG D 179 -24.42 -9.26 19.40
C ARG D 179 -24.70 -7.89 20.00
N THR D 180 -25.48 -7.89 21.08
CA THR D 180 -25.90 -6.64 21.73
C THR D 180 -24.70 -5.94 22.36
N ILE D 181 -24.58 -4.65 22.10
CA ILE D 181 -23.54 -3.81 22.68
C ILE D 181 -24.13 -3.05 23.84
N ASP D 182 -23.51 -3.20 25.02
CA ASP D 182 -23.99 -2.57 26.25
C ASP D 182 -23.40 -1.18 26.35
N PHE D 183 -24.10 -0.20 25.78
CA PHE D 183 -23.58 1.16 25.73
C PHE D 183 -23.50 1.78 27.13
N ALA D 184 -24.36 1.35 28.05
CA ALA D 184 -24.30 1.88 29.42
C ALA D 184 -23.01 1.49 30.10
N LYS D 185 -22.52 0.27 29.84
CA LYS D 185 -21.25 -0.16 30.42
C LYS D 185 -20.08 0.65 29.86
N PHE D 186 -20.15 1.02 28.59
CA PHE D 186 -19.11 1.86 28.01
C PHE D 186 -19.09 3.24 28.66
N ARG D 187 -20.28 3.78 28.97
CA ARG D 187 -20.34 5.08 29.65
C ARG D 187 -19.71 5.00 31.03
N GLU D 188 -19.93 3.89 31.75
CA GLU D 188 -19.33 3.74 33.08
C GLU D 188 -17.81 3.73 32.99
N ILE D 189 -17.27 2.94 32.07
CA ILE D 189 -15.81 2.85 31.91
C ILE D 189 -15.24 4.21 31.51
N ALA D 190 -15.93 4.92 30.61
CA ALA D 190 -15.45 6.22 30.18
C ALA D 190 -15.39 7.22 31.34
N ASP D 191 -16.42 7.24 32.18
CA ASP D 191 -16.43 8.17 33.30
C ASP D 191 -15.35 7.83 34.32
N GLU D 192 -14.99 6.55 34.44
CA GLU D 192 -13.99 6.15 35.42
C GLU D 192 -12.61 6.69 35.06
N VAL D 193 -12.29 6.78 33.76
CA VAL D 193 -10.98 7.22 33.31
C VAL D 193 -11.03 8.64 32.74
N GLY D 194 -12.14 9.35 32.90
CA GLY D 194 -12.23 10.71 32.40
C GLY D 194 -12.19 10.83 30.90
N ALA D 195 -12.64 9.80 30.18
CA ALA D 195 -12.68 9.80 28.72
C ALA D 195 -14.07 10.13 28.22
N LYS D 196 -14.13 10.61 26.98
CA LYS D 196 -15.39 10.79 26.29
C LYS D 196 -15.81 9.49 25.60
N LEU D 197 -17.09 9.42 25.25
CA LEU D 197 -17.66 8.23 24.62
C LEU D 197 -18.24 8.60 23.26
N MET D 198 -17.84 7.87 22.23
CA MET D 198 -18.37 8.04 20.88
C MET D 198 -18.91 6.69 20.43
N VAL D 199 -20.17 6.66 20.02
CA VAL D 199 -20.82 5.45 19.55
C VAL D 199 -21.13 5.61 18.07
N ASP D 200 -20.74 4.62 17.27
CA ASP D 200 -21.01 4.58 15.84
C ASP D 200 -22.05 3.49 15.61
N MET D 201 -23.31 3.90 15.44
CA MET D 201 -24.44 2.98 15.34
C MET D 201 -24.94 2.83 13.91
N ALA D 202 -24.05 2.89 12.92
CA ALA D 202 -24.48 2.90 11.52
C ALA D 202 -25.22 1.62 11.15
N HIS D 203 -24.70 0.47 11.57
CA HIS D 203 -25.30 -0.80 11.17
C HIS D 203 -26.60 -1.09 11.91
N ILE D 204 -26.77 -0.57 13.13
CA ILE D 204 -27.90 -0.92 13.97
C ILE D 204 -28.85 0.25 14.17
N ALA D 205 -28.73 1.31 13.38
CA ALA D 205 -29.55 2.51 13.58
C ALA D 205 -31.03 2.21 13.41
N GLY D 206 -31.38 1.38 12.42
CA GLY D 206 -32.78 1.05 12.21
C GLY D 206 -33.36 0.27 13.38
N LEU D 207 -32.55 -0.61 13.98
CA LEU D 207 -33.03 -1.38 15.13
C LEU D 207 -33.16 -0.50 16.36
N VAL D 208 -32.25 0.45 16.54
CA VAL D 208 -32.33 1.38 17.66
C VAL D 208 -33.59 2.24 17.53
N ALA D 209 -33.92 2.65 16.30
CA ALA D 209 -35.10 3.47 16.09
C ALA D 209 -36.39 2.71 16.39
N ALA D 210 -36.42 1.41 16.08
CA ALA D 210 -37.57 0.57 16.36
C ALA D 210 -37.62 0.10 17.81
N GLY D 211 -36.64 0.47 18.64
CA GLY D 211 -36.63 0.06 20.03
C GLY D 211 -36.17 -1.36 20.26
N LEU D 212 -35.49 -1.97 19.32
CA LEU D 212 -35.04 -3.36 19.42
C LEU D 212 -33.56 -3.49 19.74
N HIS D 213 -32.88 -2.39 20.07
CA HIS D 213 -31.50 -2.41 20.51
C HIS D 213 -31.33 -1.24 21.47
N PRO D 214 -30.51 -1.39 22.52
CA PRO D 214 -30.27 -0.28 23.45
C PRO D 214 -29.86 0.99 22.71
N ASN D 215 -30.41 2.12 23.16
CA ASN D 215 -30.18 3.40 22.51
C ASN D 215 -28.91 4.04 23.04
N PRO D 216 -27.91 4.31 22.21
CA PRO D 216 -26.67 4.93 22.71
C PRO D 216 -26.76 6.42 22.93
N VAL D 217 -27.78 7.09 22.41
CA VAL D 217 -27.83 8.56 22.46
C VAL D 217 -27.75 9.09 23.90
N PRO D 218 -28.49 8.57 24.88
CA PRO D 218 -28.36 9.11 26.24
C PRO D 218 -27.02 8.87 26.89
N TYR D 219 -26.21 7.93 26.38
CA TYR D 219 -24.94 7.57 26.98
C TYR D 219 -23.73 8.19 26.27
N ALA D 220 -23.74 8.22 24.94
CA ALA D 220 -22.57 8.68 24.20
C ALA D 220 -22.51 10.21 24.18
N ASP D 221 -21.29 10.74 24.33
CA ASP D 221 -21.08 12.16 24.10
C ASP D 221 -21.51 12.55 22.70
N ILE D 222 -21.20 11.72 21.70
CA ILE D 222 -21.57 11.95 20.31
C ILE D 222 -21.95 10.62 19.70
N THR D 223 -23.06 10.58 18.97
CA THR D 223 -23.49 9.39 18.25
C THR D 223 -23.45 9.68 16.76
N THR D 224 -22.75 8.83 16.01
CA THR D 224 -22.69 8.92 14.57
C THR D 224 -23.45 7.74 13.95
N THR D 225 -23.84 7.91 12.69
CA THR D 225 -24.59 6.86 12.01
C THR D 225 -24.62 7.16 10.52
N THR D 226 -24.82 6.10 9.74
CA THR D 226 -25.28 6.25 8.38
C THR D 226 -26.80 6.38 8.37
N THR D 227 -27.33 6.98 7.30
CA THR D 227 -28.77 7.01 7.13
C THR D 227 -29.29 5.82 6.34
N HIS D 228 -28.41 5.10 5.65
CA HIS D 228 -28.78 3.87 4.97
C HIS D 228 -28.55 2.68 5.92
N THR D 230 -29.78 -0.39 8.08
CA THR D 230 -31.02 -0.83 8.69
C THR D 230 -32.08 0.28 8.77
N LEU D 231 -31.65 1.55 8.74
CA LEU D 231 -32.62 2.64 8.75
C LEU D 231 -33.39 2.75 7.44
N ARG D 232 -32.90 2.10 6.38
CA ARG D 232 -33.56 2.11 5.07
C ARG D 232 -33.75 3.53 4.54
N GLY D 233 -32.71 4.35 4.71
CA GLY D 233 -32.74 5.70 4.19
C GLY D 233 -31.83 5.86 3.00
N PRO D 234 -31.65 7.09 2.53
CA PRO D 234 -30.68 7.34 1.45
C PRO D 234 -29.26 7.20 1.97
N ARG D 235 -28.32 7.13 1.03
CA ARG D 235 -26.91 7.02 1.38
C ARG D 235 -26.43 8.35 1.96
N GLY D 236 -25.91 8.31 3.18
CA GLY D 236 -25.45 9.52 3.84
C GLY D 236 -25.17 9.25 5.30
N GLY D 237 -24.78 10.32 6.00
CA GLY D 237 -24.42 10.23 7.40
C GLY D 237 -25.16 11.25 8.24
N MET D 238 -25.02 11.11 9.56
CA MET D 238 -25.69 11.97 10.52
C MET D 238 -24.96 11.88 11.85
N ILE D 239 -24.99 12.99 12.60
CA ILE D 239 -24.33 13.08 13.91
C ILE D 239 -25.32 13.63 14.92
N LEU D 240 -25.37 13.00 16.11
CA LEU D 240 -26.30 13.39 17.16
C LEU D 240 -25.56 13.61 18.47
N THR D 241 -26.13 14.49 19.30
CA THR D 241 -25.61 14.75 20.64
C THR D 241 -26.69 15.44 21.47
N ASN D 242 -26.52 15.36 22.79
CA ASN D 242 -27.37 16.08 23.72
C ASN D 242 -26.66 17.27 24.36
N ASP D 243 -25.41 17.52 24.00
CA ASP D 243 -24.60 18.60 24.55
C ASP D 243 -24.65 19.78 23.60
N GLU D 244 -25.11 20.94 24.11
CA GLU D 244 -25.20 22.12 23.25
C GLU D 244 -23.82 22.66 22.89
N ALA D 245 -22.80 22.38 23.72
CA ALA D 245 -21.45 22.81 23.38
C ALA D 245 -20.87 21.97 22.26
N LEU D 246 -20.98 20.64 22.37
CA LEU D 246 -20.49 19.78 21.31
C LEU D 246 -21.28 19.96 20.02
N ALA D 247 -22.58 20.23 20.13
CA ALA D 247 -23.40 20.43 18.94
C ALA D 247 -22.88 21.57 18.09
N LYS D 248 -22.42 22.65 18.73
CA LYS D 248 -21.80 23.73 17.98
C LYS D 248 -20.44 23.33 17.42
N LYS D 249 -19.69 22.49 18.15
CA LYS D 249 -18.43 21.99 17.64
C LYS D 249 -18.64 21.04 16.47
N ILE D 250 -19.68 20.20 16.55
CA ILE D 250 -20.01 19.30 15.44
C ILE D 250 -20.39 20.10 14.20
N ASN D 251 -21.24 21.12 14.37
CA ASN D 251 -21.64 21.93 13.24
C ASN D 251 -20.44 22.62 12.59
N SER D 252 -19.51 23.12 13.40
CA SER D 252 -18.31 23.75 12.85
C SER D 252 -17.37 22.73 12.22
N ALA D 253 -17.39 21.49 12.71
CA ALA D 253 -16.51 20.47 12.15
C ALA D 253 -17.01 19.97 10.79
N VAL D 254 -18.33 19.88 10.62
CA VAL D 254 -18.88 19.46 9.35
C VAL D 254 -18.68 20.54 8.29
N PHE D 255 -19.06 21.78 8.62
CA PHE D 255 -18.86 22.92 7.74
C PHE D 255 -18.57 24.13 8.61
N PRO D 256 -17.51 24.89 8.32
CA PRO D 256 -16.60 24.73 7.17
C PRO D 256 -15.42 23.79 7.42
N GLY D 257 -15.57 22.89 8.39
CA GLY D 257 -14.49 21.99 8.76
C GLY D 257 -13.98 21.06 7.68
N ILE D 258 -14.82 20.13 7.21
CA ILE D 258 -14.35 19.08 6.31
C ILE D 258 -15.19 19.00 5.05
N GLN D 259 -16.36 19.64 5.04
CA GLN D 259 -17.25 19.61 3.89
C GLN D 259 -17.52 21.02 3.39
N GLY D 260 -18.15 21.08 2.22
CA GLY D 260 -18.65 22.33 1.68
C GLY D 260 -20.15 22.36 1.65
N GLY D 261 -20.74 22.41 0.45
CA GLY D 261 -22.17 22.43 0.30
C GLY D 261 -22.80 21.08 0.60
N PRO D 262 -23.88 21.08 1.38
CA PRO D 262 -24.59 19.83 1.67
C PRO D 262 -25.38 19.35 0.45
N LEU D 263 -25.85 18.11 0.54
CA LEU D 263 -26.67 17.51 -0.51
C LEU D 263 -28.12 17.55 -0.05
N GLU D 264 -28.83 18.60 -0.45
CA GLU D 264 -30.18 18.82 0.07
C GLU D 264 -31.20 17.85 -0.52
N HIS D 265 -30.97 17.39 -1.76
CA HIS D 265 -31.86 16.37 -2.31
C HIS D 265 -31.71 15.05 -1.56
N VAL D 266 -30.50 14.74 -1.09
CA VAL D 266 -30.32 13.58 -0.22
C VAL D 266 -30.94 13.83 1.15
N ILE D 267 -30.72 15.03 1.70
CA ILE D 267 -31.29 15.38 2.99
C ILE D 267 -32.81 15.33 2.95
N ALA D 268 -33.41 15.71 1.82
CA ALA D 268 -34.84 15.50 1.64
C ALA D 268 -35.19 14.02 1.72
N GLY D 269 -34.38 13.17 1.08
CA GLY D 269 -34.58 11.74 1.21
C GLY D 269 -34.39 11.24 2.63
N LYS D 270 -33.56 11.92 3.41
CA LYS D 270 -33.41 11.58 4.83
C LYS D 270 -34.68 11.90 5.60
N ALA D 271 -35.30 13.04 5.32
CA ALA D 271 -36.55 13.39 6.00
C ALA D 271 -37.66 12.43 5.63
N VAL D 272 -37.71 11.98 4.37
CA VAL D 272 -38.74 11.03 3.96
C VAL D 272 -38.56 9.72 4.72
N ALA D 273 -37.33 9.21 4.76
CA ALA D 273 -37.09 7.92 5.41
C ALA D 273 -37.28 8.01 6.92
N PHE D 274 -36.93 9.15 7.53
CA PHE D 274 -37.19 9.32 8.96
C PHE D 274 -38.69 9.30 9.24
N LYS D 275 -39.48 9.89 8.35
CA LYS D 275 -40.94 9.83 8.49
C LYS D 275 -41.44 8.39 8.40
N GLU D 276 -40.91 7.63 7.44
CA GLU D 276 -41.30 6.22 7.33
C GLU D 276 -40.88 5.43 8.57
N ALA D 277 -39.75 5.78 9.18
CA ALA D 277 -39.29 5.04 10.34
C ALA D 277 -40.12 5.34 11.58
N LEU D 278 -40.75 6.51 11.62
CA LEU D 278 -41.64 6.84 12.73
C LEU D 278 -42.98 6.12 12.65
N ASP D 279 -43.26 5.45 11.53
CA ASP D 279 -44.50 4.70 11.35
C ASP D 279 -44.44 3.37 12.09
N PRO D 280 -45.54 2.94 12.72
CA PRO D 280 -45.53 1.65 13.42
C PRO D 280 -45.26 0.46 12.49
N ALA D 281 -45.42 0.63 11.18
CA ALA D 281 -45.04 -0.44 10.25
C ALA D 281 -43.54 -0.67 10.19
N PHE D 282 -42.75 0.31 10.63
CA PHE D 282 -41.30 0.16 10.62
C PHE D 282 -40.83 -0.80 11.72
N LYS D 283 -41.45 -0.72 12.90
CA LYS D 283 -41.04 -1.58 14.00
C LYS D 283 -41.29 -3.04 13.67
N GLU D 284 -42.39 -3.35 13.00
CA GLU D 284 -42.66 -4.74 12.63
C GLU D 284 -41.73 -5.20 11.51
N TYR D 285 -41.29 -4.29 10.64
CA TYR D 285 -40.27 -4.64 9.67
C TYR D 285 -38.95 -4.96 10.37
N SER D 286 -38.59 -4.18 11.38
CA SER D 286 -37.33 -4.40 12.08
C SER D 286 -37.37 -5.65 12.95
N GLU D 287 -38.57 -6.04 13.41
CA GLU D 287 -38.70 -7.30 14.13
C GLU D 287 -38.54 -8.49 13.18
N GLN D 288 -39.09 -8.38 11.97
CA GLN D 288 -38.91 -9.41 10.97
C GLN D 288 -37.45 -9.52 10.53
N ILE D 289 -36.70 -8.42 10.63
CA ILE D 289 -35.26 -8.47 10.35
C ILE D 289 -34.56 -9.43 11.30
N ILE D 290 -34.73 -9.19 12.61
CA ILE D 290 -34.04 -10.00 13.61
C ILE D 290 -34.55 -11.44 13.58
N ALA D 291 -35.85 -11.63 13.33
CA ALA D 291 -36.40 -12.98 13.28
C ALA D 291 -35.82 -13.76 12.11
N ASN D 292 -35.67 -13.11 10.95
CA ASN D 292 -35.08 -13.80 9.80
C ASN D 292 -33.62 -14.13 10.05
N ALA D 293 -32.89 -13.23 10.70
CA ALA D 293 -31.47 -13.45 10.95
C ALA D 293 -31.27 -14.62 11.92
N LYS D 294 -32.04 -14.67 13.00
CA LYS D 294 -31.95 -15.78 13.93
C LYS D 294 -32.30 -17.10 13.27
N ALA D 295 -33.23 -17.09 12.31
CA ALA D 295 -33.61 -18.31 11.63
C ALA D 295 -32.45 -18.86 10.80
N MET D 296 -31.77 -17.97 10.05
CA MET D 296 -30.61 -18.40 9.28
C MET D 296 -29.49 -18.87 10.19
N VAL D 297 -29.32 -18.22 11.34
CA VAL D 297 -28.23 -18.56 12.26
C VAL D 297 -28.37 -20.00 12.74
N LYS D 298 -29.60 -20.42 13.08
CA LYS D 298 -29.79 -21.77 13.58
C LYS D 298 -29.54 -22.81 12.50
N VAL D 299 -29.82 -22.48 11.24
CA VAL D 299 -29.52 -23.41 10.15
C VAL D 299 -28.01 -23.60 10.00
N PHE D 300 -27.25 -22.50 10.08
CA PHE D 300 -25.80 -22.60 9.91
C PHE D 300 -25.15 -23.32 11.08
N ASN D 301 -25.68 -23.17 12.29
CA ASN D 301 -25.15 -23.92 13.44
C ASN D 301 -25.25 -25.41 13.20
N GLN D 302 -26.42 -25.88 12.75
CA GLN D 302 -26.62 -27.30 12.51
C GLN D 302 -25.87 -27.80 11.28
N ALA D 303 -25.47 -26.91 10.38
CA ALA D 303 -24.80 -27.30 9.17
C ALA D 303 -23.33 -27.66 9.42
N ILE D 304 -22.81 -28.57 8.60
CA ILE D 304 -21.42 -28.98 8.71
C ILE D 304 -20.58 -28.03 7.88
N GLY D 305 -19.42 -27.64 8.42
CA GLY D 305 -18.48 -26.80 7.73
C GLY D 305 -18.68 -25.30 7.90
N THR D 306 -19.85 -24.86 8.37
CA THR D 306 -20.16 -23.44 8.53
C THR D 306 -20.31 -23.15 10.02
N ARG D 307 -19.34 -22.45 10.59
CA ARG D 307 -19.36 -22.04 11.99
C ARG D 307 -19.70 -20.56 12.07
N VAL D 308 -20.78 -20.22 12.78
CA VAL D 308 -21.17 -18.84 12.97
C VAL D 308 -20.41 -18.29 14.17
N ILE D 309 -19.94 -17.04 14.04
CA ILE D 309 -19.12 -16.44 15.08
C ILE D 309 -20.02 -16.07 16.26
N SER D 310 -19.63 -16.55 17.46
CA SER D 310 -20.29 -16.39 18.75
C SER D 310 -21.51 -17.29 18.90
N GLY D 311 -21.95 -17.98 17.86
CA GLY D 311 -22.99 -18.98 18.00
C GLY D 311 -24.41 -18.46 17.97
N ALA D 312 -24.62 -17.14 17.88
CA ALA D 312 -25.96 -16.57 17.92
C ALA D 312 -25.92 -15.18 17.34
N THR D 313 -27.12 -14.59 17.18
CA THR D 313 -27.25 -13.21 16.73
C THR D 313 -28.33 -12.52 17.53
N ASP D 314 -28.10 -11.24 17.83
CA ASP D 314 -29.09 -10.40 18.48
C ASP D 314 -29.59 -9.29 17.57
N ASN D 315 -29.07 -9.19 16.34
CA ASN D 315 -29.50 -8.14 15.43
C ASN D 315 -29.76 -8.69 14.03
N HIS D 316 -29.16 -8.07 13.02
CA HIS D 316 -29.48 -8.36 11.63
C HIS D 316 -28.43 -9.17 10.88
N LEU D 317 -27.21 -9.30 11.41
CA LEU D 317 -26.13 -9.90 10.64
C LEU D 317 -25.52 -11.09 11.37
N MET D 318 -24.71 -11.83 10.64
CA MET D 318 -24.00 -12.99 11.15
C MET D 318 -22.68 -13.13 10.41
N LEU D 319 -21.68 -13.67 11.10
CA LEU D 319 -20.37 -13.96 10.53
C LEU D 319 -20.19 -15.47 10.46
N ILE D 320 -19.74 -15.97 9.31
CA ILE D 320 -19.59 -17.40 9.07
C ILE D 320 -18.13 -17.68 8.76
N ASP D 321 -17.54 -18.64 9.48
CA ASP D 321 -16.20 -19.14 9.19
C ASP D 321 -16.36 -20.40 8.34
N VAL D 322 -15.90 -20.33 7.09
CA VAL D 322 -16.06 -21.43 6.14
C VAL D 322 -14.78 -22.26 6.02
N ARG D 323 -13.87 -22.16 6.99
CA ARG D 323 -12.58 -22.81 6.89
C ARG D 323 -12.70 -24.33 6.87
N GLU D 324 -13.67 -24.89 7.59
CA GLU D 324 -13.86 -26.33 7.63
C GLU D 324 -14.51 -26.89 6.36
N LEU D 325 -14.44 -26.15 5.25
CA LEU D 325 -14.88 -26.65 3.96
C LEU D 325 -13.78 -26.65 2.92
N GLY D 326 -12.57 -26.21 3.28
CA GLY D 326 -11.48 -26.16 2.33
C GLY D 326 -11.47 -24.94 1.44
N ILE D 327 -12.21 -23.89 1.81
CA ILE D 327 -12.29 -22.66 1.03
C ILE D 327 -12.11 -21.48 1.98
N ASN D 328 -11.85 -20.32 1.41
CA ASN D 328 -11.74 -19.08 2.17
C ASN D 328 -12.87 -18.13 1.78
N GLY D 329 -12.79 -16.89 2.27
CA GLY D 329 -13.89 -15.95 2.09
C GLY D 329 -14.09 -15.57 0.63
N LYS D 330 -13.01 -15.23 -0.07
CA LYS D 330 -13.13 -14.83 -1.48
C LYS D 330 -13.63 -15.98 -2.34
N GLU D 331 -13.25 -17.22 -2.02
CA GLU D 331 -13.75 -18.37 -2.76
C GLU D 331 -15.24 -18.59 -2.49
N ALA D 332 -15.66 -18.49 -1.22
CA ALA D 332 -17.07 -18.67 -0.91
C ALA D 332 -17.92 -17.56 -1.51
N GLU D 333 -17.41 -16.33 -1.51
CA GLU D 333 -18.11 -15.21 -2.12
C GLU D 333 -18.19 -15.37 -3.64
N SER D 334 -17.28 -16.12 -4.24
CA SER D 334 -17.34 -16.36 -5.69
C SER D 334 -18.30 -17.49 -6.05
N ILE D 335 -18.48 -18.47 -5.16
CA ILE D 335 -19.38 -19.58 -5.47
C ILE D 335 -20.83 -19.14 -5.34
N LEU D 336 -21.16 -18.44 -4.26
CA LEU D 336 -22.53 -17.94 -4.08
C LEU D 336 -22.92 -16.98 -5.19
N ASP D 337 -21.95 -16.20 -5.70
CA ASP D 337 -22.24 -15.32 -6.81
C ASP D 337 -22.62 -16.10 -8.06
N SER D 338 -21.99 -17.26 -8.27
CA SER D 338 -22.28 -18.08 -9.44
C SER D 338 -23.65 -18.74 -9.36
N VAL D 339 -24.19 -18.92 -8.15
CA VAL D 339 -25.54 -19.45 -7.98
C VAL D 339 -26.52 -18.35 -7.58
N ASN D 340 -26.17 -17.09 -7.85
CA ASN D 340 -27.08 -15.95 -7.71
C ASN D 340 -27.38 -15.63 -6.25
N ILE D 341 -26.32 -15.54 -5.44
CA ILE D 341 -26.42 -15.08 -4.05
C ILE D 341 -25.24 -14.16 -3.77
N THR D 342 -25.49 -13.03 -3.12
CA THR D 342 -24.46 -12.00 -2.90
C THR D 342 -24.15 -11.89 -1.42
N VAL D 343 -22.92 -12.24 -1.04
CA VAL D 343 -22.38 -11.96 0.29
C VAL D 343 -21.09 -11.21 0.10
N ASN D 344 -20.40 -10.90 1.19
CA ASN D 344 -19.07 -10.30 1.11
C ASN D 344 -18.15 -10.98 2.11
N LYS D 345 -16.89 -11.18 1.71
CA LYS D 345 -15.88 -11.66 2.65
C LYS D 345 -15.68 -10.64 3.76
N ASN D 346 -15.34 -11.14 4.94
CA ASN D 346 -15.20 -10.27 6.11
C ASN D 346 -14.30 -10.95 7.12
N SER D 347 -13.48 -10.15 7.80
CA SER D 347 -12.59 -10.70 8.83
C SER D 347 -13.39 -11.27 9.99
N ILE D 348 -12.82 -12.27 10.63
CA ILE D 348 -13.43 -12.89 11.80
C ILE D 348 -12.45 -12.77 12.95
N PRO D 349 -12.94 -12.85 14.20
CA PRO D 349 -12.05 -12.58 15.36
C PRO D 349 -10.78 -13.41 15.33
N PHE D 350 -9.68 -12.78 15.77
CA PHE D 350 -8.35 -13.35 15.98
C PHE D 350 -7.60 -13.63 14.69
N GLU D 351 -8.14 -13.24 13.53
CA GLU D 351 -7.38 -13.27 12.30
C GLU D 351 -6.41 -12.11 12.25
N THR D 352 -5.20 -12.37 11.73
CA THR D 352 -4.30 -11.29 11.35
C THR D 352 -4.82 -10.73 10.03
N LEU D 353 -5.38 -9.52 10.08
CA LEU D 353 -6.20 -9.00 9.00
C LEU D 353 -5.49 -9.09 7.65
N SER D 354 -6.12 -9.82 6.73
CA SER D 354 -5.63 -9.98 5.37
C SER D 354 -6.76 -9.69 4.40
N PRO D 355 -6.48 -8.95 3.32
CA PRO D 355 -7.59 -8.52 2.45
C PRO D 355 -8.31 -9.68 1.77
N PHE D 356 -7.57 -10.60 1.18
CA PHE D 356 -8.16 -11.65 0.34
C PHE D 356 -7.96 -13.06 0.88
N LYS D 357 -7.27 -13.21 2.02
CA LYS D 357 -7.05 -14.53 2.60
C LYS D 357 -7.94 -14.80 3.81
N THR D 358 -8.90 -13.93 4.08
CA THR D 358 -9.78 -14.12 5.22
C THR D 358 -10.59 -15.40 5.08
N SER D 359 -11.01 -15.94 6.21
CA SER D 359 -11.77 -17.18 6.26
C SER D 359 -13.27 -16.96 6.38
N GLY D 360 -13.72 -15.73 6.55
CA GLY D 360 -15.11 -15.49 6.87
C GLY D 360 -15.91 -14.72 5.84
N ILE D 361 -17.23 -14.91 5.86
CA ILE D 361 -18.15 -14.11 5.07
C ILE D 361 -19.19 -13.51 6.01
N ARG D 362 -19.75 -12.38 5.60
CA ARG D 362 -20.78 -11.70 6.38
C ARG D 362 -22.12 -11.80 5.65
N ILE D 363 -23.18 -12.04 6.41
CA ILE D 363 -24.52 -12.22 5.87
C ILE D 363 -25.50 -11.45 6.74
N GLY D 364 -26.35 -10.63 6.12
CA GLY D 364 -27.41 -9.93 6.80
C GLY D 364 -28.77 -10.28 6.21
N THR D 365 -29.81 -9.68 6.81
CA THR D 365 -31.18 -9.91 6.36
C THR D 365 -32.03 -8.66 6.05
N PRO D 366 -31.61 -7.42 6.32
CA PRO D 366 -32.52 -6.30 6.07
C PRO D 366 -32.99 -6.18 4.63
N ALA D 367 -32.16 -6.57 3.66
CA ALA D 367 -32.55 -6.43 2.26
C ALA D 367 -33.71 -7.36 1.91
N ILE D 368 -33.59 -8.64 2.29
CA ILE D 368 -34.66 -9.59 1.96
C ILE D 368 -35.87 -9.38 2.86
N THR D 369 -35.67 -8.87 4.07
CA THR D 369 -36.81 -8.56 4.94
C THR D 369 -37.66 -7.44 4.33
N THR D 370 -37.05 -6.58 3.52
CA THR D 370 -37.80 -5.54 2.82
C THR D 370 -38.55 -6.10 1.62
N ARG D 371 -37.97 -7.09 0.94
CA ARG D 371 -38.64 -7.76 -0.18
C ARG D 371 -39.86 -8.55 0.26
N GLY D 372 -40.05 -8.77 1.56
CA GLY D 372 -41.17 -9.53 2.07
C GLY D 372 -40.84 -10.92 2.57
N PHE D 373 -39.56 -11.25 2.73
CA PHE D 373 -39.17 -12.58 3.19
C PHE D 373 -39.60 -12.80 4.63
N LYS D 374 -40.07 -14.02 4.91
CA LYS D 374 -40.48 -14.42 6.25
C LYS D 374 -39.47 -15.41 6.81
N GLU D 375 -39.76 -15.91 8.02
CA GLU D 375 -38.78 -16.69 8.77
C GLU D 375 -38.41 -17.98 8.04
N GLU D 376 -39.38 -18.64 7.41
CA GLU D 376 -39.11 -19.90 6.74
C GLU D 376 -38.62 -19.71 5.31
N ASP D 377 -38.75 -18.51 4.75
CA ASP D 377 -38.05 -18.22 3.50
C ASP D 377 -36.58 -17.90 3.77
N ALA D 378 -36.31 -17.25 4.90
CA ALA D 378 -34.92 -17.06 5.33
C ALA D 378 -34.27 -18.39 5.70
N VAL D 379 -35.05 -19.34 6.23
CA VAL D 379 -34.54 -20.68 6.43
C VAL D 379 -34.18 -21.31 5.09
N LYS D 380 -35.00 -21.06 4.06
CA LYS D 380 -34.76 -21.64 2.75
C LYS D 380 -33.49 -21.08 2.12
N VAL D 381 -33.25 -19.77 2.24
CA VAL D 381 -32.05 -19.20 1.66
C VAL D 381 -30.81 -19.66 2.42
N ALA D 382 -30.94 -19.89 3.72
CA ALA D 382 -29.81 -20.44 4.48
C ALA D 382 -29.47 -21.85 4.00
N GLU D 383 -30.48 -22.67 3.75
CA GLU D 383 -30.24 -24.01 3.23
C GLU D 383 -29.61 -23.97 1.84
N LEU D 384 -29.87 -22.92 1.07
CA LEU D 384 -29.30 -22.81 -0.27
C LEU D 384 -27.84 -22.42 -0.22
N VAL D 385 -27.45 -21.56 0.72
CA VAL D 385 -26.05 -21.20 0.87
C VAL D 385 -25.23 -22.40 1.33
N VAL D 386 -25.74 -23.14 2.31
CA VAL D 386 -25.07 -24.35 2.76
C VAL D 386 -24.91 -25.34 1.60
N LYS D 387 -25.95 -25.47 0.78
CA LYS D 387 -25.91 -26.42 -0.33
C LYS D 387 -24.87 -26.01 -1.38
N ALA D 388 -24.81 -24.72 -1.69
CA ALA D 388 -23.86 -24.26 -2.71
C ALA D 388 -22.41 -24.38 -2.22
N LEU D 389 -22.17 -24.00 -0.96
CA LEU D 389 -20.80 -24.07 -0.44
C LEU D 389 -20.37 -25.51 -0.19
N GLN D 390 -21.29 -26.36 0.25
CA GLN D 390 -20.94 -27.76 0.51
C GLN D 390 -20.71 -28.52 -0.79
N ALA D 391 -21.51 -28.24 -1.82
CA ALA D 391 -21.40 -28.93 -3.10
C ALA D 391 -20.00 -28.78 -3.68
N LYS D 392 -19.12 -29.70 -3.33
CA LYS D 392 -17.72 -29.65 -3.78
C LYS D 392 -17.66 -30.07 -5.24
N ASP D 393 -17.57 -29.08 -6.14
CA ASP D 393 -17.46 -29.31 -7.58
C ASP D 393 -18.62 -30.16 -8.09
N ASP D 394 -19.84 -29.76 -7.73
CA ASP D 394 -21.06 -30.44 -8.14
C ASP D 394 -21.93 -29.44 -8.89
N ASN D 395 -21.72 -29.35 -10.21
CA ASN D 395 -22.49 -28.42 -11.03
C ASN D 395 -23.96 -28.79 -11.09
N ALA D 396 -24.32 -30.04 -10.77
CA ALA D 396 -25.72 -30.43 -10.77
C ALA D 396 -26.45 -29.83 -9.57
N GLN D 397 -25.86 -29.96 -8.38
CA GLN D 397 -26.48 -29.36 -7.19
C GLN D 397 -26.39 -27.84 -7.22
N LEU D 398 -25.33 -27.29 -7.83
CA LEU D 398 -25.26 -25.86 -8.01
C LEU D 398 -26.39 -25.34 -8.90
N ASP D 399 -26.86 -26.18 -9.83
CA ASP D 399 -27.94 -25.77 -10.72
C ASP D 399 -29.29 -25.77 -10.03
N GLU D 400 -29.52 -26.68 -9.06
CA GLU D 400 -30.73 -26.58 -8.25
C GLU D 400 -30.70 -25.33 -7.40
N VAL D 401 -29.58 -25.07 -6.75
CA VAL D 401 -29.43 -23.84 -5.96
C VAL D 401 -29.86 -22.64 -6.80
N LYS D 402 -29.47 -22.62 -8.08
CA LYS D 402 -29.96 -21.60 -8.98
C LYS D 402 -31.47 -21.67 -9.16
N THR D 403 -32.03 -22.89 -9.18
CA THR D 403 -33.47 -23.04 -9.31
C THR D 403 -34.18 -22.66 -8.01
N GLY D 404 -33.61 -23.03 -6.86
CA GLY D 404 -34.21 -22.66 -5.60
C GLY D 404 -34.16 -21.16 -5.35
N VAL D 405 -33.10 -20.50 -5.81
CA VAL D 405 -33.03 -19.04 -5.71
C VAL D 405 -34.07 -18.40 -6.61
N ARG D 406 -34.22 -18.93 -7.84
CA ARG D 406 -35.21 -18.37 -8.76
C ARG D 406 -36.63 -18.52 -8.22
N GLU D 407 -36.89 -19.59 -7.46
CA GLU D 407 -38.22 -19.75 -6.86
C GLU D 407 -38.51 -18.62 -5.87
N LEU D 408 -37.50 -18.19 -5.11
CA LEU D 408 -37.73 -17.18 -4.09
C LEU D 408 -37.89 -15.79 -4.72
N THR D 409 -37.12 -15.49 -5.77
CA THR D 409 -37.19 -14.16 -6.37
C THR D 409 -38.49 -13.94 -7.12
N GLU D 410 -39.07 -14.99 -7.70
CA GLU D 410 -40.39 -14.88 -8.30
C GLU D 410 -41.50 -14.84 -7.25
N LYS D 411 -41.24 -15.36 -6.06
CA LYS D 411 -42.24 -15.32 -5.00
C LYS D 411 -42.39 -13.93 -4.41
N PHE D 412 -41.29 -13.16 -4.37
CA PHE D 412 -41.29 -11.80 -3.83
C PHE D 412 -40.63 -10.88 -4.82
N PRO D 413 -41.41 -10.24 -5.70
CA PRO D 413 -40.82 -9.31 -6.68
C PRO D 413 -40.49 -7.97 -6.04
N LEU D 414 -39.65 -7.22 -6.75
CA LEU D 414 -39.25 -5.89 -6.30
C LEU D 414 -40.20 -4.81 -6.83
#